data_5ZBJ
# 
_entry.id   5ZBJ 
# 
_audit_conform.dict_name       mmcif_pdbx.dic 
_audit_conform.dict_version    5.380 
_audit_conform.dict_location   http://mmcif.pdb.org/dictionaries/ascii/mmcif_pdbx.dic 
# 
loop_
_database_2.database_id 
_database_2.database_code 
_database_2.pdbx_database_accession 
_database_2.pdbx_DOI 
PDB   5ZBJ         pdb_00005zbj 10.2210/pdb5zbj/pdb 
WWPDB D_1300006813 ?            ?                   
# 
_pdbx_database_status.status_code                     REL 
_pdbx_database_status.status_code_sf                  REL 
_pdbx_database_status.status_code_mr                  ? 
_pdbx_database_status.entry_id                        5ZBJ 
_pdbx_database_status.recvd_initial_deposition_date   2018-02-12 
_pdbx_database_status.SG_entry                        N 
_pdbx_database_status.deposit_site                    PDBJ 
_pdbx_database_status.process_site                    PDBJ 
_pdbx_database_status.status_code_cs                  ? 
_pdbx_database_status.methods_development_category    ? 
_pdbx_database_status.pdb_format_compatible           Y 
_pdbx_database_status.status_code_nmr_data            ? 
# 
loop_
_audit_author.name 
_audit_author.pdbx_ordinal 
_audit_author.identifier_ORCID 
'Seo, H.'    1 ? 
'Kim, K.-J.' 2 ? 
# 
_citation.abstract                  ? 
_citation.abstract_id_CAS           ? 
_citation.book_id_ISBN              ? 
_citation.book_publisher            ? 
_citation.book_publisher_city       ? 
_citation.book_title                ? 
_citation.coordinate_linkage        ? 
_citation.country                   UK 
_citation.database_id_Medline       ? 
_citation.details                   ? 
_citation.id                        primary 
_citation.journal_abbrev            'Environ. Microbiol.' 
_citation.journal_id_ASTM           ? 
_citation.journal_id_CSD            ? 
_citation.journal_id_ISSN           1462-2920 
_citation.journal_full              ? 
_citation.journal_issue             ? 
_citation.journal_volume            20 
_citation.language                  ? 
_citation.page_first                3214 
_citation.page_last                 3223 
_citation.title                     
'Structural insight into molecular mechanism of cytokinin activating protein from Pseudomonas aeruginosa PAO1.' 
_citation.year                      2018 
_citation.database_id_CSD           ? 
_citation.pdbx_database_id_DOI      10.1111/1462-2920.14287 
_citation.pdbx_database_id_PubMed   29901273 
_citation.unpublished_flag          ? 
# 
loop_
_citation_author.citation_id 
_citation_author.name 
_citation_author.ordinal 
_citation_author.identifier_ORCID 
primary 'Seo, H.'   1 ? 
primary 'Kim, K.J.' 2 ? 
# 
_cell.angle_alpha                  90.000 
_cell.angle_alpha_esd              ? 
_cell.angle_beta                   90.000 
_cell.angle_beta_esd               ? 
_cell.angle_gamma                  90.000 
_cell.angle_gamma_esd              ? 
_cell.entry_id                     5ZBJ 
_cell.details                      ? 
_cell.formula_units_Z              ? 
_cell.length_a                     64.931 
_cell.length_a_esd                 ? 
_cell.length_b                     97.917 
_cell.length_b_esd                 ? 
_cell.length_c                     71.665 
_cell.length_c_esd                 ? 
_cell.volume                       ? 
_cell.volume_esd                   ? 
_cell.Z_PDB                        8 
_cell.reciprocal_angle_alpha       ? 
_cell.reciprocal_angle_beta        ? 
_cell.reciprocal_angle_gamma       ? 
_cell.reciprocal_angle_alpha_esd   ? 
_cell.reciprocal_angle_beta_esd    ? 
_cell.reciprocal_angle_gamma_esd   ? 
_cell.reciprocal_length_a          ? 
_cell.reciprocal_length_b          ? 
_cell.reciprocal_length_c          ? 
_cell.reciprocal_length_a_esd      ? 
_cell.reciprocal_length_b_esd      ? 
_cell.reciprocal_length_c_esd      ? 
_cell.pdbx_unique_axis             ? 
# 
_symmetry.entry_id                         5ZBJ 
_symmetry.cell_setting                     ? 
_symmetry.Int_Tables_number                20 
_symmetry.space_group_name_Hall            ? 
_symmetry.space_group_name_H-M             'C 2 2 21' 
_symmetry.pdbx_full_space_group_name_H-M   ? 
# 
loop_
_entity.id 
_entity.type 
_entity.src_method 
_entity.pdbx_description 
_entity.formula_weight 
_entity.pdbx_number_of_molecules 
_entity.pdbx_ec 
_entity.pdbx_mutation 
_entity.pdbx_fragment 
_entity.details 
1 polymer     man 
;Putative cytokinin riboside 5'-monophosphate phosphoribohydrolase
;
21816.969 1   3.2.2.- ? ? ? 
2 non-polymer syn GLYCEROL                                                            92.094    3   ?       ? ? ? 
3 non-polymer syn 'PHOSPHATE ION'                                                     94.971    1   ?       ? ? ? 
4 non-polymer syn IMIDAZOLE                                                           69.085    1   ?       ? ? ? 
5 non-polymer syn 1,2-ETHANEDIOL                                                      62.068    1   ?       ? ? ? 
6 water       nat water                                                               18.015    100 ?       ? ? ? 
# 
_entity_poly.entity_id                      1 
_entity_poly.type                           'polypeptide(L)' 
_entity_poly.nstd_linkage                   no 
_entity_poly.nstd_monomer                   no 
_entity_poly.pdbx_seq_one_letter_code       
;MTLRSVCVFCGASPGASPVYQEAAVALGRHLAERGLTLVYGGGAVGLMGTVADAALAAGGEVIGIIPQSLQEAEIGHKGL
TRLEVVDGMHARKARMAELADAFIALPGGLGTLEELFEVWTWGQLGYHAKPLGLLEVNGFYDPLLTFLDHLVDERFVRAE
HRGMLQRGASPEALLDALAAWTPSVAPKWVDRTPQLEHHHHHH
;
_entity_poly.pdbx_seq_one_letter_code_can   
;MTLRSVCVFCGASPGASPVYQEAAVALGRHLAERGLTLVYGGGAVGLMGTVADAALAAGGEVIGIIPQSLQEAEIGHKGL
TRLEVVDGMHARKARMAELADAFIALPGGLGTLEELFEVWTWGQLGYHAKPLGLLEVNGFYDPLLTFLDHLVDERFVRAE
HRGMLQRGASPEALLDALAAWTPSVAPKWVDRTPQLEHHHHHH
;
_entity_poly.pdbx_strand_id                 A 
_entity_poly.pdbx_target_identifier         ? 
# 
loop_
_entity_poly_seq.entity_id 
_entity_poly_seq.num 
_entity_poly_seq.mon_id 
_entity_poly_seq.hetero 
1 1   MET n 
1 2   THR n 
1 3   LEU n 
1 4   ARG n 
1 5   SER n 
1 6   VAL n 
1 7   CYS n 
1 8   VAL n 
1 9   PHE n 
1 10  CYS n 
1 11  GLY n 
1 12  ALA n 
1 13  SER n 
1 14  PRO n 
1 15  GLY n 
1 16  ALA n 
1 17  SER n 
1 18  PRO n 
1 19  VAL n 
1 20  TYR n 
1 21  GLN n 
1 22  GLU n 
1 23  ALA n 
1 24  ALA n 
1 25  VAL n 
1 26  ALA n 
1 27  LEU n 
1 28  GLY n 
1 29  ARG n 
1 30  HIS n 
1 31  LEU n 
1 32  ALA n 
1 33  GLU n 
1 34  ARG n 
1 35  GLY n 
1 36  LEU n 
1 37  THR n 
1 38  LEU n 
1 39  VAL n 
1 40  TYR n 
1 41  GLY n 
1 42  GLY n 
1 43  GLY n 
1 44  ALA n 
1 45  VAL n 
1 46  GLY n 
1 47  LEU n 
1 48  MET n 
1 49  GLY n 
1 50  THR n 
1 51  VAL n 
1 52  ALA n 
1 53  ASP n 
1 54  ALA n 
1 55  ALA n 
1 56  LEU n 
1 57  ALA n 
1 58  ALA n 
1 59  GLY n 
1 60  GLY n 
1 61  GLU n 
1 62  VAL n 
1 63  ILE n 
1 64  GLY n 
1 65  ILE n 
1 66  ILE n 
1 67  PRO n 
1 68  GLN n 
1 69  SER n 
1 70  LEU n 
1 71  GLN n 
1 72  GLU n 
1 73  ALA n 
1 74  GLU n 
1 75  ILE n 
1 76  GLY n 
1 77  HIS n 
1 78  LYS n 
1 79  GLY n 
1 80  LEU n 
1 81  THR n 
1 82  ARG n 
1 83  LEU n 
1 84  GLU n 
1 85  VAL n 
1 86  VAL n 
1 87  ASP n 
1 88  GLY n 
1 89  MET n 
1 90  HIS n 
1 91  ALA n 
1 92  ARG n 
1 93  LYS n 
1 94  ALA n 
1 95  ARG n 
1 96  MET n 
1 97  ALA n 
1 98  GLU n 
1 99  LEU n 
1 100 ALA n 
1 101 ASP n 
1 102 ALA n 
1 103 PHE n 
1 104 ILE n 
1 105 ALA n 
1 106 LEU n 
1 107 PRO n 
1 108 GLY n 
1 109 GLY n 
1 110 LEU n 
1 111 GLY n 
1 112 THR n 
1 113 LEU n 
1 114 GLU n 
1 115 GLU n 
1 116 LEU n 
1 117 PHE n 
1 118 GLU n 
1 119 VAL n 
1 120 TRP n 
1 121 THR n 
1 122 TRP n 
1 123 GLY n 
1 124 GLN n 
1 125 LEU n 
1 126 GLY n 
1 127 TYR n 
1 128 HIS n 
1 129 ALA n 
1 130 LYS n 
1 131 PRO n 
1 132 LEU n 
1 133 GLY n 
1 134 LEU n 
1 135 LEU n 
1 136 GLU n 
1 137 VAL n 
1 138 ASN n 
1 139 GLY n 
1 140 PHE n 
1 141 TYR n 
1 142 ASP n 
1 143 PRO n 
1 144 LEU n 
1 145 LEU n 
1 146 THR n 
1 147 PHE n 
1 148 LEU n 
1 149 ASP n 
1 150 HIS n 
1 151 LEU n 
1 152 VAL n 
1 153 ASP n 
1 154 GLU n 
1 155 ARG n 
1 156 PHE n 
1 157 VAL n 
1 158 ARG n 
1 159 ALA n 
1 160 GLU n 
1 161 HIS n 
1 162 ARG n 
1 163 GLY n 
1 164 MET n 
1 165 LEU n 
1 166 GLN n 
1 167 ARG n 
1 168 GLY n 
1 169 ALA n 
1 170 SER n 
1 171 PRO n 
1 172 GLU n 
1 173 ALA n 
1 174 LEU n 
1 175 LEU n 
1 176 ASP n 
1 177 ALA n 
1 178 LEU n 
1 179 ALA n 
1 180 ALA n 
1 181 TRP n 
1 182 THR n 
1 183 PRO n 
1 184 SER n 
1 185 VAL n 
1 186 ALA n 
1 187 PRO n 
1 188 LYS n 
1 189 TRP n 
1 190 VAL n 
1 191 ASP n 
1 192 ARG n 
1 193 THR n 
1 194 PRO n 
1 195 GLN n 
1 196 LEU n 
1 197 GLU n 
1 198 HIS n 
1 199 HIS n 
1 200 HIS n 
1 201 HIS n 
1 202 HIS n 
1 203 HIS n 
# 
_entity_src_gen.entity_id                          1 
_entity_src_gen.pdbx_src_id                        1 
_entity_src_gen.pdbx_alt_source_flag               sample 
_entity_src_gen.pdbx_seq_type                      'Biological sequence' 
_entity_src_gen.pdbx_beg_seq_num                   1 
_entity_src_gen.pdbx_end_seq_num                   203 
_entity_src_gen.gene_src_common_name               ? 
_entity_src_gen.gene_src_genus                     ? 
_entity_src_gen.pdbx_gene_src_gene                 PA4923 
_entity_src_gen.gene_src_species                   ? 
_entity_src_gen.gene_src_strain                    
'ATCC 15692 / DSM 22644 / CIP 104116 / JCM 14847 / LMG 12228 / 1C / PRS 101 / PAO1' 
_entity_src_gen.gene_src_tissue                    ? 
_entity_src_gen.gene_src_tissue_fraction           ? 
_entity_src_gen.gene_src_details                   ? 
_entity_src_gen.pdbx_gene_src_fragment             ? 
_entity_src_gen.pdbx_gene_src_scientific_name      
'Pseudomonas aeruginosa (strain ATCC 15692 / DSM 22644 / CIP 104116 / JCM 14847 / LMG 12228 / 1C / PRS 101 / PAO1)' 
_entity_src_gen.pdbx_gene_src_ncbi_taxonomy_id     208964 
_entity_src_gen.pdbx_gene_src_variant              ? 
_entity_src_gen.pdbx_gene_src_cell_line            ? 
_entity_src_gen.pdbx_gene_src_atcc                 ? 
_entity_src_gen.pdbx_gene_src_organ                ? 
_entity_src_gen.pdbx_gene_src_organelle            ? 
_entity_src_gen.pdbx_gene_src_cell                 ? 
_entity_src_gen.pdbx_gene_src_cellular_location    ? 
_entity_src_gen.host_org_common_name               ? 
_entity_src_gen.pdbx_host_org_scientific_name      'Escherichia coli BL21(DE3)' 
_entity_src_gen.pdbx_host_org_ncbi_taxonomy_id     469008 
_entity_src_gen.host_org_genus                     ? 
_entity_src_gen.pdbx_host_org_gene                 ? 
_entity_src_gen.pdbx_host_org_organ                ? 
_entity_src_gen.host_org_species                   ? 
_entity_src_gen.pdbx_host_org_tissue               ? 
_entity_src_gen.pdbx_host_org_tissue_fraction      ? 
_entity_src_gen.pdbx_host_org_strain               'BL21(DE3)' 
_entity_src_gen.pdbx_host_org_variant              ? 
_entity_src_gen.pdbx_host_org_cell_line            ? 
_entity_src_gen.pdbx_host_org_atcc                 ? 
_entity_src_gen.pdbx_host_org_culture_collection   ? 
_entity_src_gen.pdbx_host_org_cell                 ? 
_entity_src_gen.pdbx_host_org_organelle            ? 
_entity_src_gen.pdbx_host_org_cellular_location    ? 
_entity_src_gen.pdbx_host_org_vector_type          plasmid 
_entity_src_gen.pdbx_host_org_vector               ? 
_entity_src_gen.host_org_details                   ? 
_entity_src_gen.expression_system_id               ? 
_entity_src_gen.plasmid_name                       pET30a 
_entity_src_gen.plasmid_details                    ? 
_entity_src_gen.pdbx_description                   ? 
# 
_struct_ref.id                         1 
_struct_ref.db_name                    UNP 
_struct_ref.db_code                    LOGH_PSEAE 
_struct_ref.pdbx_db_accession          P48636 
_struct_ref.pdbx_db_isoform            ? 
_struct_ref.entity_id                  1 
_struct_ref.pdbx_seq_one_letter_code   
;MTLRSVCVFCGASPGASPVYQEAAVALGRHLAERGLTLVYGGGAVGLMGTVADAALAAGGEVIGIIPQSLQEAEIGHKGL
TRLEVVDGMHARKARMAELADAFIALPGGLGTLEELFEVWTWGQLGYHAKPLGLLEVNGFYDPLLTFLDHLVDERFVRAE
HRGMLQRGASPEALLDALAAWTPSVAPKWVDRTPQ
;
_struct_ref.pdbx_align_begin           1 
# 
_struct_ref_seq.align_id                      1 
_struct_ref_seq.ref_id                        1 
_struct_ref_seq.pdbx_PDB_id_code              5ZBJ 
_struct_ref_seq.pdbx_strand_id                A 
_struct_ref_seq.seq_align_beg                 1 
_struct_ref_seq.pdbx_seq_align_beg_ins_code   ? 
_struct_ref_seq.seq_align_end                 195 
_struct_ref_seq.pdbx_seq_align_end_ins_code   ? 
_struct_ref_seq.pdbx_db_accession             P48636 
_struct_ref_seq.db_align_beg                  1 
_struct_ref_seq.pdbx_db_align_beg_ins_code    ? 
_struct_ref_seq.db_align_end                  195 
_struct_ref_seq.pdbx_db_align_end_ins_code    ? 
_struct_ref_seq.pdbx_auth_seq_align_beg       1 
_struct_ref_seq.pdbx_auth_seq_align_end       195 
# 
loop_
_struct_ref_seq_dif.align_id 
_struct_ref_seq_dif.pdbx_pdb_id_code 
_struct_ref_seq_dif.mon_id 
_struct_ref_seq_dif.pdbx_pdb_strand_id 
_struct_ref_seq_dif.seq_num 
_struct_ref_seq_dif.pdbx_pdb_ins_code 
_struct_ref_seq_dif.pdbx_seq_db_name 
_struct_ref_seq_dif.pdbx_seq_db_accession_code 
_struct_ref_seq_dif.db_mon_id 
_struct_ref_seq_dif.pdbx_seq_db_seq_num 
_struct_ref_seq_dif.details 
_struct_ref_seq_dif.pdbx_auth_seq_num 
_struct_ref_seq_dif.pdbx_ordinal 
1 5ZBJ LEU A 196 ? UNP P48636 ? ? 'expression tag' 196 1 
1 5ZBJ GLU A 197 ? UNP P48636 ? ? 'expression tag' 197 2 
1 5ZBJ HIS A 198 ? UNP P48636 ? ? 'expression tag' 198 3 
1 5ZBJ HIS A 199 ? UNP P48636 ? ? 'expression tag' 199 4 
1 5ZBJ HIS A 200 ? UNP P48636 ? ? 'expression tag' 200 5 
1 5ZBJ HIS A 201 ? UNP P48636 ? ? 'expression tag' 201 6 
1 5ZBJ HIS A 202 ? UNP P48636 ? ? 'expression tag' 202 7 
1 5ZBJ HIS A 203 ? UNP P48636 ? ? 'expression tag' 203 8 
# 
loop_
_chem_comp.id 
_chem_comp.type 
_chem_comp.mon_nstd_flag 
_chem_comp.name 
_chem_comp.pdbx_synonyms 
_chem_comp.formula 
_chem_comp.formula_weight 
ALA 'L-peptide linking' y ALANINE         ?                               'C3 H7 N O2'     89.093  
ARG 'L-peptide linking' y ARGININE        ?                               'C6 H15 N4 O2 1' 175.209 
ASN 'L-peptide linking' y ASPARAGINE      ?                               'C4 H8 N2 O3'    132.118 
ASP 'L-peptide linking' y 'ASPARTIC ACID' ?                               'C4 H7 N O4'     133.103 
CYS 'L-peptide linking' y CYSTEINE        ?                               'C3 H7 N O2 S'   121.158 
EDO non-polymer         . 1,2-ETHANEDIOL  'ETHYLENE GLYCOL'               'C2 H6 O2'       62.068  
GLN 'L-peptide linking' y GLUTAMINE       ?                               'C5 H10 N2 O3'   146.144 
GLU 'L-peptide linking' y 'GLUTAMIC ACID' ?                               'C5 H9 N O4'     147.129 
GLY 'peptide linking'   y GLYCINE         ?                               'C2 H5 N O2'     75.067  
GOL non-polymer         . GLYCEROL        'GLYCERIN; PROPANE-1,2,3-TRIOL' 'C3 H8 O3'       92.094  
HIS 'L-peptide linking' y HISTIDINE       ?                               'C6 H10 N3 O2 1' 156.162 
HOH non-polymer         . WATER           ?                               'H2 O'           18.015  
ILE 'L-peptide linking' y ISOLEUCINE      ?                               'C6 H13 N O2'    131.173 
IMD non-polymer         . IMIDAZOLE       ?                               'C3 H5 N2 1'     69.085  
LEU 'L-peptide linking' y LEUCINE         ?                               'C6 H13 N O2'    131.173 
LYS 'L-peptide linking' y LYSINE          ?                               'C6 H15 N2 O2 1' 147.195 
MET 'L-peptide linking' y METHIONINE      ?                               'C5 H11 N O2 S'  149.211 
PHE 'L-peptide linking' y PHENYLALANINE   ?                               'C9 H11 N O2'    165.189 
PO4 non-polymer         . 'PHOSPHATE ION' ?                               'O4 P -3'        94.971  
PRO 'L-peptide linking' y PROLINE         ?                               'C5 H9 N O2'     115.130 
SER 'L-peptide linking' y SERINE          ?                               'C3 H7 N O3'     105.093 
THR 'L-peptide linking' y THREONINE       ?                               'C4 H9 N O3'     119.119 
TRP 'L-peptide linking' y TRYPTOPHAN      ?                               'C11 H12 N2 O2'  204.225 
TYR 'L-peptide linking' y TYROSINE        ?                               'C9 H11 N O3'    181.189 
VAL 'L-peptide linking' y VALINE          ?                               'C5 H11 N O2'    117.146 
# 
_exptl.absorpt_coefficient_mu     ? 
_exptl.absorpt_correction_T_max   ? 
_exptl.absorpt_correction_T_min   ? 
_exptl.absorpt_correction_type    ? 
_exptl.absorpt_process_details    ? 
_exptl.entry_id                   5ZBJ 
_exptl.crystals_number            1 
_exptl.details                    ? 
_exptl.method                     'X-RAY DIFFRACTION' 
_exptl.method_details             ? 
# 
_exptl_crystal.colour                      ? 
_exptl_crystal.density_diffrn              ? 
_exptl_crystal.density_Matthews            2.61 
_exptl_crystal.density_method              ? 
_exptl_crystal.density_percent_sol         52.88 
_exptl_crystal.description                 ? 
_exptl_crystal.F_000                       ? 
_exptl_crystal.id                          1 
_exptl_crystal.preparation                 ? 
_exptl_crystal.size_max                    ? 
_exptl_crystal.size_mid                    ? 
_exptl_crystal.size_min                    ? 
_exptl_crystal.size_rad                    ? 
_exptl_crystal.colour_lustre               ? 
_exptl_crystal.colour_modifier             ? 
_exptl_crystal.colour_primary              ? 
_exptl_crystal.density_meas                ? 
_exptl_crystal.density_meas_esd            ? 
_exptl_crystal.density_meas_gt             ? 
_exptl_crystal.density_meas_lt             ? 
_exptl_crystal.density_meas_temp           ? 
_exptl_crystal.density_meas_temp_esd       ? 
_exptl_crystal.density_meas_temp_gt        ? 
_exptl_crystal.density_meas_temp_lt        ? 
_exptl_crystal.pdbx_crystal_image_url      ? 
_exptl_crystal.pdbx_crystal_image_format   ? 
_exptl_crystal.pdbx_mosaicity              ? 
_exptl_crystal.pdbx_mosaicity_esd          ? 
# 
_exptl_crystal_grow.apparatus       ? 
_exptl_crystal_grow.atmosphere      ? 
_exptl_crystal_grow.crystal_id      1 
_exptl_crystal_grow.details         ? 
_exptl_crystal_grow.method          'VAPOR DIFFUSION, HANGING DROP' 
_exptl_crystal_grow.method_ref      ? 
_exptl_crystal_grow.pH              6.8 
_exptl_crystal_grow.pressure        ? 
_exptl_crystal_grow.pressure_esd    ? 
_exptl_crystal_grow.seeding         ? 
_exptl_crystal_grow.seeding_ref     ? 
_exptl_crystal_grow.temp            293 
_exptl_crystal_grow.temp_details    ? 
_exptl_crystal_grow.temp_esd        ? 
_exptl_crystal_grow.time            ? 
_exptl_crystal_grow.pdbx_details    'ammonium phosphate dibasic, imidazole pH 8.0' 
_exptl_crystal_grow.pdbx_pH_range   ? 
# 
_diffrn.ambient_environment    ? 
_diffrn.ambient_temp           100 
_diffrn.ambient_temp_details   ? 
_diffrn.ambient_temp_esd       ? 
_diffrn.crystal_id             1 
_diffrn.crystal_support        ? 
_diffrn.crystal_treatment      ? 
_diffrn.details                ? 
_diffrn.id                     1 
_diffrn.ambient_pressure       ? 
_diffrn.ambient_pressure_esd   ? 
_diffrn.ambient_pressure_gt    ? 
_diffrn.ambient_pressure_lt    ? 
_diffrn.ambient_temp_gt        ? 
_diffrn.ambient_temp_lt        ? 
# 
_diffrn_detector.details                      ? 
_diffrn_detector.detector                     CCD 
_diffrn_detector.diffrn_id                    1 
_diffrn_detector.type                         'ADSC QUANTUM 270' 
_diffrn_detector.area_resol_mean              ? 
_diffrn_detector.dtime                        ? 
_diffrn_detector.pdbx_frames_total            ? 
_diffrn_detector.pdbx_collection_time_total   ? 
_diffrn_detector.pdbx_collection_date         2017-02-28 
# 
_diffrn_radiation.collimation                      ? 
_diffrn_radiation.diffrn_id                        1 
_diffrn_radiation.filter_edge                      ? 
_diffrn_radiation.inhomogeneity                    ? 
_diffrn_radiation.monochromator                    'Double Crystal Monochromator' 
_diffrn_radiation.polarisn_norm                    ? 
_diffrn_radiation.polarisn_ratio                   ? 
_diffrn_radiation.probe                            ? 
_diffrn_radiation.type                             ? 
_diffrn_radiation.xray_symbol                      ? 
_diffrn_radiation.wavelength_id                    1 
_diffrn_radiation.pdbx_monochromatic_or_laue_m_l   M 
_diffrn_radiation.pdbx_wavelength_list             ? 
_diffrn_radiation.pdbx_wavelength                  ? 
_diffrn_radiation.pdbx_diffrn_protocol             'SINGLE WAVELENGTH' 
_diffrn_radiation.pdbx_analyzer                    ? 
_diffrn_radiation.pdbx_scattering_type             x-ray 
# 
_diffrn_radiation_wavelength.id           1 
_diffrn_radiation_wavelength.wavelength   0.97934 
_diffrn_radiation_wavelength.wt           1.0 
# 
_diffrn_source.current                     ? 
_diffrn_source.details                     ? 
_diffrn_source.diffrn_id                   1 
_diffrn_source.power                       ? 
_diffrn_source.size                        ? 
_diffrn_source.source                      SYNCHROTRON 
_diffrn_source.target                      ? 
_diffrn_source.type                        'PAL/PLS BEAMLINE 7A (6B, 6C1)' 
_diffrn_source.voltage                     ? 
_diffrn_source.take-off_angle              ? 
_diffrn_source.pdbx_wavelength_list        0.97934 
_diffrn_source.pdbx_wavelength             ? 
_diffrn_source.pdbx_synchrotron_beamline   '7A (6B, 6C1)' 
_diffrn_source.pdbx_synchrotron_site       PAL/PLS 
# 
_reflns.B_iso_Wilson_estimate            ? 
_reflns.entry_id                         5ZBJ 
_reflns.data_reduction_details           ? 
_reflns.data_reduction_method            ? 
_reflns.d_resolution_high                1.89 
_reflns.d_resolution_low                 54.11 
_reflns.details                          ? 
_reflns.limit_h_max                      ? 
_reflns.limit_h_min                      ? 
_reflns.limit_k_max                      ? 
_reflns.limit_k_min                      ? 
_reflns.limit_l_max                      ? 
_reflns.limit_l_min                      ? 
_reflns.number_all                       ? 
_reflns.number_obs                       18128 
_reflns.observed_criterion               ? 
_reflns.observed_criterion_F_max         ? 
_reflns.observed_criterion_F_min         ? 
_reflns.observed_criterion_I_max         ? 
_reflns.observed_criterion_I_min         ? 
_reflns.observed_criterion_sigma_F       ? 
_reflns.observed_criterion_sigma_I       ? 
_reflns.percent_possible_obs             98.1 
_reflns.R_free_details                   ? 
_reflns.Rmerge_F_all                     ? 
_reflns.Rmerge_F_obs                     ? 
_reflns.Friedel_coverage                 ? 
_reflns.number_gt                        ? 
_reflns.threshold_expression             ? 
_reflns.pdbx_redundancy                  5.0 
_reflns.pdbx_Rmerge_I_obs                0.072 
_reflns.pdbx_Rmerge_I_all                ? 
_reflns.pdbx_Rsym_value                  ? 
_reflns.pdbx_netI_over_av_sigmaI         ? 
_reflns.pdbx_netI_over_sigmaI            4.5 
_reflns.pdbx_res_netI_over_av_sigmaI_2   ? 
_reflns.pdbx_res_netI_over_sigmaI_2      ? 
_reflns.pdbx_chi_squared                 ? 
_reflns.pdbx_scaling_rejects             ? 
_reflns.pdbx_d_res_high_opt              ? 
_reflns.pdbx_d_res_low_opt               ? 
_reflns.pdbx_d_res_opt_method            ? 
_reflns.phase_calculation_details        ? 
_reflns.pdbx_Rrim_I_all                  ? 
_reflns.pdbx_Rpim_I_all                  0.036 
_reflns.pdbx_d_opt                       ? 
_reflns.pdbx_number_measured_all         ? 
_reflns.pdbx_diffrn_id                   1 
_reflns.pdbx_ordinal                     1 
_reflns.pdbx_CC_half                     0.804 
_reflns.pdbx_R_split                     ? 
_reflns.pdbx_CC_star                     ? 
# 
_reflns_shell.d_res_high                  1.89 
_reflns_shell.d_res_low                   1.93 
_reflns_shell.meanI_over_sigI_all         ? 
_reflns_shell.meanI_over_sigI_obs         ? 
_reflns_shell.number_measured_all         ? 
_reflns_shell.number_measured_obs         ? 
_reflns_shell.number_possible             ? 
_reflns_shell.number_unique_all           ? 
_reflns_shell.number_unique_obs           845 
_reflns_shell.percent_possible_all        ? 
_reflns_shell.percent_possible_obs        ? 
_reflns_shell.Rmerge_F_all                ? 
_reflns_shell.Rmerge_F_obs                ? 
_reflns_shell.Rmerge_I_all                ? 
_reflns_shell.Rmerge_I_obs                0.347 
_reflns_shell.meanI_over_sigI_gt          ? 
_reflns_shell.meanI_over_uI_all           ? 
_reflns_shell.meanI_over_uI_gt            ? 
_reflns_shell.number_measured_gt          ? 
_reflns_shell.number_unique_gt            ? 
_reflns_shell.percent_possible_gt         ? 
_reflns_shell.Rmerge_F_gt                 ? 
_reflns_shell.Rmerge_I_gt                 ? 
_reflns_shell.pdbx_redundancy             ? 
_reflns_shell.pdbx_Rsym_value             ? 
_reflns_shell.pdbx_chi_squared            ? 
_reflns_shell.pdbx_netI_over_sigmaI_all   ? 
_reflns_shell.pdbx_netI_over_sigmaI_obs   ? 
_reflns_shell.pdbx_Rrim_I_all             ? 
_reflns_shell.pdbx_Rpim_I_all             0.158 
_reflns_shell.pdbx_rejects                ? 
_reflns_shell.pdbx_ordinal                1 
_reflns_shell.pdbx_diffrn_id              1 
_reflns_shell.pdbx_CC_half                0.944 
_reflns_shell.pdbx_R_split                ? 
_reflns_shell.pdbx_CC_star                ? 
# 
_refine.aniso_B[1][1]                            -0.1300 
_refine.aniso_B[1][2]                            -0.0000 
_refine.aniso_B[1][3]                            -0.0000 
_refine.aniso_B[2][2]                            1.7000 
_refine.aniso_B[2][3]                            0.0000 
_refine.aniso_B[3][3]                            -1.5600 
_refine.B_iso_max                                76.680 
_refine.B_iso_mean                               22.5120 
_refine.B_iso_min                                10.870 
_refine.correlation_coeff_Fo_to_Fc               0.9660 
_refine.correlation_coeff_Fo_to_Fc_free          0.9400 
_refine.details                                  
'HYDROGENS HAVE BEEN ADDED IN THE RIDING POSITIONS U VALUES      : REFINED INDIVIDUALLY' 
_refine.diff_density_max                         ? 
_refine.diff_density_max_esd                     ? 
_refine.diff_density_min                         ? 
_refine.diff_density_min_esd                     ? 
_refine.diff_density_rms                         ? 
_refine.diff_density_rms_esd                     ? 
_refine.entry_id                                 5ZBJ 
_refine.pdbx_refine_id                           'X-RAY DIFFRACTION' 
_refine.ls_abs_structure_details                 ? 
_refine.ls_abs_structure_Flack                   ? 
_refine.ls_abs_structure_Flack_esd               ? 
_refine.ls_abs_structure_Rogers                  ? 
_refine.ls_abs_structure_Rogers_esd              ? 
_refine.ls_d_res_high                            1.8900 
_refine.ls_d_res_low                             54.1100 
_refine.ls_extinction_coef                       ? 
_refine.ls_extinction_coef_esd                   ? 
_refine.ls_extinction_expression                 ? 
_refine.ls_extinction_method                     ? 
_refine.ls_goodness_of_fit_all                   ? 
_refine.ls_goodness_of_fit_all_esd               ? 
_refine.ls_goodness_of_fit_obs                   ? 
_refine.ls_goodness_of_fit_obs_esd               ? 
_refine.ls_hydrogen_treatment                    ? 
_refine.ls_matrix_type                           ? 
_refine.ls_number_constraints                    ? 
_refine.ls_number_parameters                     ? 
_refine.ls_number_reflns_all                     ? 
_refine.ls_number_reflns_obs                     17219 
_refine.ls_number_reflns_R_free                  900 
_refine.ls_number_reflns_R_work                  ? 
_refine.ls_number_restraints                     ? 
_refine.ls_percent_reflns_obs                    97.7500 
_refine.ls_percent_reflns_R_free                 5.0000 
_refine.ls_R_factor_all                          ? 
_refine.ls_R_factor_obs                          0.1541 
_refine.ls_R_factor_R_free                       0.2033 
_refine.ls_R_factor_R_free_error                 ? 
_refine.ls_R_factor_R_free_error_details         ? 
_refine.ls_R_factor_R_work                       0.1516 
_refine.ls_R_Fsqd_factor_obs                     ? 
_refine.ls_R_I_factor_obs                        ? 
_refine.ls_redundancy_reflns_all                 ? 
_refine.ls_redundancy_reflns_obs                 ? 
_refine.ls_restrained_S_all                      ? 
_refine.ls_restrained_S_obs                      ? 
_refine.ls_shift_over_esd_max                    ? 
_refine.ls_shift_over_esd_mean                   ? 
_refine.ls_structure_factor_coef                 ? 
_refine.ls_weighting_details                     ? 
_refine.ls_weighting_scheme                      ? 
_refine.ls_wR_factor_all                         ? 
_refine.ls_wR_factor_obs                         ? 
_refine.ls_wR_factor_R_free                      ? 
_refine.ls_wR_factor_R_work                      ? 
_refine.occupancy_max                            ? 
_refine.occupancy_min                            ? 
_refine.solvent_model_details                    ? 
_refine.solvent_model_param_bsol                 ? 
_refine.solvent_model_param_ksol                 ? 
_refine.ls_R_factor_gt                           ? 
_refine.ls_goodness_of_fit_gt                    ? 
_refine.ls_goodness_of_fit_ref                   ? 
_refine.ls_shift_over_su_max                     ? 
_refine.ls_shift_over_su_max_lt                  ? 
_refine.ls_shift_over_su_mean                    ? 
_refine.ls_shift_over_su_mean_lt                 ? 
_refine.pdbx_ls_sigma_I                          ? 
_refine.pdbx_ls_sigma_F                          0.000 
_refine.pdbx_ls_sigma_Fsqd                       ? 
_refine.pdbx_data_cutoff_high_absF               ? 
_refine.pdbx_data_cutoff_high_rms_absF           ? 
_refine.pdbx_data_cutoff_low_absF                ? 
_refine.pdbx_isotropic_thermal_model             ? 
_refine.pdbx_ls_cross_valid_method               THROUGHOUT 
_refine.pdbx_method_to_determine_struct          'MOLECULAR REPLACEMENT' 
_refine.pdbx_starting_model                      5ITS 
_refine.pdbx_stereochemistry_target_values       ? 
_refine.pdbx_R_Free_selection_details            RANDOM 
_refine.pdbx_stereochem_target_val_spec_case     ? 
_refine.pdbx_overall_ESU_R                       0.1090 
_refine.pdbx_overall_ESU_R_Free                  0.1180 
_refine.pdbx_solvent_vdw_probe_radii             1.2000 
_refine.pdbx_solvent_ion_probe_radii             0.8000 
_refine.pdbx_solvent_shrinkage_radii             0.8000 
_refine.pdbx_real_space_R                        ? 
_refine.pdbx_density_correlation                 ? 
_refine.pdbx_pd_number_of_powder_patterns        ? 
_refine.pdbx_pd_number_of_points                 ? 
_refine.pdbx_pd_meas_number_of_points            ? 
_refine.pdbx_pd_proc_ls_prof_R_factor            ? 
_refine.pdbx_pd_proc_ls_prof_wR_factor           ? 
_refine.pdbx_pd_Marquardt_correlation_coeff      ? 
_refine.pdbx_pd_Fsqrd_R_factor                   ? 
_refine.pdbx_pd_ls_matrix_band_width             ? 
_refine.pdbx_overall_phase_error                 ? 
_refine.pdbx_overall_SU_R_free_Cruickshank_DPI   ? 
_refine.pdbx_overall_SU_R_free_Blow_DPI          ? 
_refine.pdbx_overall_SU_R_Blow_DPI               ? 
_refine.pdbx_TLS_residual_ADP_flag               ? 
_refine.pdbx_diffrn_id                           1 
_refine.overall_SU_B                             2.7180 
_refine.overall_SU_ML                            0.0780 
_refine.overall_SU_R_Cruickshank_DPI             ? 
_refine.overall_SU_R_free                        ? 
_refine.overall_FOM_free_R_set                   ? 
_refine.overall_FOM_work_R_set                   ? 
_refine.pdbx_average_fsc_overall                 ? 
_refine.pdbx_average_fsc_work                    ? 
_refine.pdbx_average_fsc_free                    ? 
# 
_refine_hist.cycle_id                         final 
_refine_hist.pdbx_refine_id                   'X-RAY DIFFRACTION' 
_refine_hist.d_res_high                       1.8900 
_refine_hist.d_res_low                        54.1100 
_refine_hist.pdbx_number_atoms_ligand         32 
_refine_hist.number_atoms_solvent             100 
_refine_hist.number_atoms_total               1504 
_refine_hist.pdbx_number_residues_total       185 
_refine_hist.pdbx_B_iso_mean_ligand           27.75 
_refine_hist.pdbx_B_iso_mean_solvent          34.79 
_refine_hist.pdbx_number_atoms_protein        1372 
_refine_hist.pdbx_number_atoms_nucleic_acid   0 
# 
loop_
_refine_ls_restr.pdbx_refine_id 
_refine_ls_restr.criterion 
_refine_ls_restr.dev_ideal 
_refine_ls_restr.dev_ideal_target 
_refine_ls_restr.number 
_refine_ls_restr.rejects 
_refine_ls_restr.type 
_refine_ls_restr.weight 
_refine_ls_restr.pdbx_restraint_function 
'X-RAY DIFFRACTION' ? 0.018  0.019  1455 ? r_bond_refined_d       ? ? 
'X-RAY DIFFRACTION' ? 0.002  0.020  1384 ? r_bond_other_d         ? ? 
'X-RAY DIFFRACTION' ? 1.839  1.986  1977 ? r_angle_refined_deg    ? ? 
'X-RAY DIFFRACTION' ? 1.049  3.000  3185 ? r_angle_other_deg      ? ? 
'X-RAY DIFFRACTION' ? 5.923  5.000  191  ? r_dihedral_angle_1_deg ? ? 
'X-RAY DIFFRACTION' ? 36.327 23.158 57   ? r_dihedral_angle_2_deg ? ? 
'X-RAY DIFFRACTION' ? 13.841 15.000 221  ? r_dihedral_angle_3_deg ? ? 
'X-RAY DIFFRACTION' ? 24.270 15.000 10   ? r_dihedral_angle_4_deg ? ? 
'X-RAY DIFFRACTION' ? 0.120  0.200  223  ? r_chiral_restr         ? ? 
'X-RAY DIFFRACTION' ? 0.009  0.021  1657 ? r_gen_planes_refined   ? ? 
'X-RAY DIFFRACTION' ? 0.001  0.020  309  ? r_gen_planes_other     ? ? 
# 
_refine_ls_shell.pdbx_refine_id                   'X-RAY DIFFRACTION' 
_refine_ls_shell.d_res_high                       1.8940 
_refine_ls_shell.d_res_low                        1.9430 
_refine_ls_shell.number_reflns_all                1204 
_refine_ls_shell.number_reflns_obs                ? 
_refine_ls_shell.number_reflns_R_free             57 
_refine_ls_shell.number_reflns_R_work             1147 
_refine_ls_shell.percent_reflns_obs               90.5900 
_refine_ls_shell.percent_reflns_R_free            ? 
_refine_ls_shell.R_factor_all                     ? 
_refine_ls_shell.R_factor_obs                     ? 
_refine_ls_shell.R_factor_R_free                  0.2590 
_refine_ls_shell.R_factor_R_free_error            0.0000 
_refine_ls_shell.R_factor_R_work                  0.2210 
_refine_ls_shell.redundancy_reflns_all            ? 
_refine_ls_shell.redundancy_reflns_obs            ? 
_refine_ls_shell.wR_factor_all                    ? 
_refine_ls_shell.wR_factor_obs                    ? 
_refine_ls_shell.wR_factor_R_free                 ? 
_refine_ls_shell.wR_factor_R_work                 ? 
_refine_ls_shell.pdbx_total_number_of_bins_used   20 
_refine_ls_shell.pdbx_phase_error                 ? 
_refine_ls_shell.pdbx_fsc_work                    ? 
_refine_ls_shell.pdbx_fsc_free                    ? 
# 
_struct.entry_id                     5ZBJ 
_struct.title                        'Crystal structure of type-I LOG from Pseudomonas aeruginosa PAO1' 
_struct.pdbx_model_details           ? 
_struct.pdbx_formula_weight          ? 
_struct.pdbx_formula_weight_method   ? 
_struct.pdbx_model_type_details      ? 
_struct.pdbx_CASP_flag               N 
# 
_struct_keywords.entry_id        5ZBJ 
_struct_keywords.text            hydrolase 
_struct_keywords.pdbx_keywords   HYDROLASE 
# 
loop_
_struct_asym.id 
_struct_asym.pdbx_blank_PDB_chainid_flag 
_struct_asym.pdbx_modified 
_struct_asym.entity_id 
_struct_asym.details 
A N N 1 ? 
B N N 2 ? 
C N N 2 ? 
D N N 2 ? 
E N N 3 ? 
F N N 4 ? 
G N N 5 ? 
H N N 6 ? 
# 
loop_
_struct_conf.conf_type_id 
_struct_conf.id 
_struct_conf.pdbx_PDB_helix_id 
_struct_conf.beg_label_comp_id 
_struct_conf.beg_label_asym_id 
_struct_conf.beg_label_seq_id 
_struct_conf.pdbx_beg_PDB_ins_code 
_struct_conf.end_label_comp_id 
_struct_conf.end_label_asym_id 
_struct_conf.end_label_seq_id 
_struct_conf.pdbx_end_PDB_ins_code 
_struct_conf.beg_auth_comp_id 
_struct_conf.beg_auth_asym_id 
_struct_conf.beg_auth_seq_id 
_struct_conf.end_auth_comp_id 
_struct_conf.end_auth_asym_id 
_struct_conf.end_auth_seq_id 
_struct_conf.pdbx_PDB_helix_class 
_struct_conf.details 
_struct_conf.pdbx_PDB_helix_length 
HELX_P HELX_P1 AA1 PRO A 18  ? ARG A 34  ? PRO A 18  ARG A 34  1 ? 17 
HELX_P HELX_P2 AA2 VAL A 45  ? ALA A 58  ? VAL A 45  ALA A 58  1 ? 14 
HELX_P HELX_P3 AA3 GLN A 68  ? ALA A 73  ? GLN A 68  ALA A 73  1 ? 6  
HELX_P HELX_P4 AA4 GLY A 88  ? ALA A 100 ? GLY A 88  ALA A 100 1 ? 13 
HELX_P HELX_P5 AA5 GLY A 109 ? LEU A 125 ? GLY A 109 LEU A 125 1 ? 17 
HELX_P HELX_P6 AA6 TYR A 141 ? GLU A 154 ? TYR A 141 GLU A 154 1 ? 14 
HELX_P HELX_P7 AA7 ARG A 158 ? GLY A 163 ? ARG A 158 GLY A 163 1 ? 6  
HELX_P HELX_P8 AA8 SER A 170 ? TRP A 181 ? SER A 170 TRP A 181 1 ? 12 
# 
_struct_conf_type.id          HELX_P 
_struct_conf_type.criteria    ? 
_struct_conf_type.reference   ? 
# 
_struct_sheet.id               AA1 
_struct_sheet.type             ? 
_struct_sheet.number_strands   7 
_struct_sheet.details          ? 
# 
loop_
_struct_sheet_order.sheet_id 
_struct_sheet_order.range_id_1 
_struct_sheet_order.range_id_2 
_struct_sheet_order.offset 
_struct_sheet_order.sense 
AA1 1 2 ? parallel 
AA1 2 3 ? parallel 
AA1 3 4 ? parallel 
AA1 4 5 ? parallel 
AA1 5 6 ? parallel 
AA1 6 7 ? parallel 
# 
loop_
_struct_sheet_range.sheet_id 
_struct_sheet_range.id 
_struct_sheet_range.beg_label_comp_id 
_struct_sheet_range.beg_label_asym_id 
_struct_sheet_range.beg_label_seq_id 
_struct_sheet_range.pdbx_beg_PDB_ins_code 
_struct_sheet_range.end_label_comp_id 
_struct_sheet_range.end_label_asym_id 
_struct_sheet_range.end_label_seq_id 
_struct_sheet_range.pdbx_end_PDB_ins_code 
_struct_sheet_range.beg_auth_comp_id 
_struct_sheet_range.beg_auth_asym_id 
_struct_sheet_range.beg_auth_seq_id 
_struct_sheet_range.end_auth_comp_id 
_struct_sheet_range.end_auth_asym_id 
_struct_sheet_range.end_auth_seq_id 
AA1 1 ARG A 82  ? VAL A 86  ? ARG A 82  VAL A 86  
AA1 2 VAL A 62  ? PRO A 67  ? VAL A 62  PRO A 67  
AA1 3 THR A 37  ? TYR A 40  ? THR A 37  TYR A 40  
AA1 4 SER A 5   ? PHE A 9   ? SER A 5   PHE A 9   
AA1 5 ALA A 102 ? ALA A 105 ? ALA A 102 ALA A 105 
AA1 6 LEU A 132 ? LEU A 135 ? LEU A 132 LEU A 135 
AA1 7 LEU A 165 ? GLY A 168 ? LEU A 165 GLY A 168 
# 
loop_
_pdbx_struct_sheet_hbond.sheet_id 
_pdbx_struct_sheet_hbond.range_id_1 
_pdbx_struct_sheet_hbond.range_id_2 
_pdbx_struct_sheet_hbond.range_1_label_atom_id 
_pdbx_struct_sheet_hbond.range_1_label_comp_id 
_pdbx_struct_sheet_hbond.range_1_label_asym_id 
_pdbx_struct_sheet_hbond.range_1_label_seq_id 
_pdbx_struct_sheet_hbond.range_1_PDB_ins_code 
_pdbx_struct_sheet_hbond.range_1_auth_atom_id 
_pdbx_struct_sheet_hbond.range_1_auth_comp_id 
_pdbx_struct_sheet_hbond.range_1_auth_asym_id 
_pdbx_struct_sheet_hbond.range_1_auth_seq_id 
_pdbx_struct_sheet_hbond.range_2_label_atom_id 
_pdbx_struct_sheet_hbond.range_2_label_comp_id 
_pdbx_struct_sheet_hbond.range_2_label_asym_id 
_pdbx_struct_sheet_hbond.range_2_label_seq_id 
_pdbx_struct_sheet_hbond.range_2_PDB_ins_code 
_pdbx_struct_sheet_hbond.range_2_auth_atom_id 
_pdbx_struct_sheet_hbond.range_2_auth_comp_id 
_pdbx_struct_sheet_hbond.range_2_auth_asym_id 
_pdbx_struct_sheet_hbond.range_2_auth_seq_id 
AA1 1 2 O GLU A 84  ? O GLU A 84  N GLY A 64  ? N GLY A 64  
AA1 2 3 O ILE A 63  ? O ILE A 63  N LEU A 38  ? N LEU A 38  
AA1 3 4 O THR A 37  ? O THR A 37  N VAL A 6   ? N VAL A 6   
AA1 4 5 N PHE A 9   ? N PHE A 9   O ILE A 104 ? O ILE A 104 
AA1 5 6 N ALA A 105 ? N ALA A 105 O GLY A 133 ? O GLY A 133 
AA1 6 7 N LEU A 132 ? N LEU A 132 O GLN A 166 ? O GLN A 166 
# 
loop_
_struct_site.id 
_struct_site.pdbx_evidence_code 
_struct_site.pdbx_auth_asym_id 
_struct_site.pdbx_auth_comp_id 
_struct_site.pdbx_auth_seq_id 
_struct_site.pdbx_auth_ins_code 
_struct_site.pdbx_num_residues 
_struct_site.details 
AC1 Software A GOL 301 ? 10 'binding site for residue GOL A 301' 
AC2 Software A GOL 302 ? 8  'binding site for residue GOL A 302' 
AC3 Software A GOL 303 ? 4  'binding site for residue GOL A 303' 
AC4 Software A PO4 304 ? 11 'binding site for residue PO4 A 304' 
AC5 Software A IMD 305 ? 4  'binding site for residue IMD A 305' 
AC6 Software A EDO 306 ? 3  'binding site for residue EDO A 306' 
# 
loop_
_struct_site_gen.id 
_struct_site_gen.site_id 
_struct_site_gen.pdbx_num_res 
_struct_site_gen.label_comp_id 
_struct_site_gen.label_asym_id 
_struct_site_gen.label_seq_id 
_struct_site_gen.pdbx_auth_ins_code 
_struct_site_gen.auth_comp_id 
_struct_site_gen.auth_asym_id 
_struct_site_gen.auth_seq_id 
_struct_site_gen.label_atom_id 
_struct_site_gen.label_alt_id 
_struct_site_gen.symmetry 
_struct_site_gen.details 
1  AC1 10 VAL A 8   ? VAL A 8   . ? 1_555 ? 
2  AC1 10 PHE A 9   ? PHE A 9   . ? 1_555 ? 
3  AC1 10 CYS A 10  ? CYS A 10  . ? 1_555 ? 
4  AC1 10 TYR A 40  ? TYR A 40  . ? 1_555 ? 
5  AC1 10 GLY A 41  ? GLY A 41  . ? 1_555 ? 
6  AC1 10 MET A 48  ? MET A 48  . ? 1_555 ? 
7  AC1 10 MET A 96  ? MET A 96  . ? 1_555 ? 
8  AC1 10 GLU A 115 ? GLU A 115 . ? 1_555 ? 
9  AC1 10 HOH H .   ? HOH A 429 . ? 1_555 ? 
10 AC1 10 HOH H .   ? HOH A 475 . ? 1_555 ? 
11 AC2 8  GLN A 68  ? GLN A 68  . ? 4_555 ? 
12 AC2 8  HIS A 77  ? HIS A 77  . ? 1_555 ? 
13 AC2 8  LYS A 78  ? LYS A 78  . ? 1_555 ? 
14 AC2 8  GLY A 79  ? GLY A 79  . ? 1_555 ? 
15 AC2 8  LEU A 80  ? LEU A 80  . ? 1_555 ? 
16 AC2 8  LEU A 83  ? LEU A 83  . ? 1_555 ? 
17 AC2 8  ASP A 87  ? ASP A 87  . ? 4_555 ? 
18 AC2 8  HOH H .   ? HOH A 421 . ? 1_555 ? 
19 AC3 4  SER A 13  ? SER A 13  . ? 3_555 ? 
20 AC3 4  ARG A 155 ? ARG A 155 . ? 1_555 ? 
21 AC3 4  GLU A 172 ? GLU A 172 . ? 6_555 ? 
22 AC3 4  ASP A 176 ? ASP A 176 . ? 6_555 ? 
23 AC4 11 GLY A 11  ? GLY A 11  . ? 1_555 ? 
24 AC4 11 ALA A 12  ? ALA A 12  . ? 1_555 ? 
25 AC4 11 GLY A 109 ? GLY A 109 . ? 1_555 ? 
26 AC4 11 LEU A 110 ? LEU A 110 . ? 1_555 ? 
27 AC4 11 GLY A 111 ? GLY A 111 . ? 1_555 ? 
28 AC4 11 THR A 112 ? THR A 112 . ? 1_555 ? 
29 AC4 11 HOH H .   ? HOH A 427 . ? 1_555 ? 
30 AC4 11 HOH H .   ? HOH A 429 . ? 1_555 ? 
31 AC4 11 HOH H .   ? HOH A 431 . ? 1_555 ? 
32 AC4 11 HOH H .   ? HOH A 434 . ? 1_555 ? 
33 AC4 11 HOH H .   ? HOH A 474 . ? 1_555 ? 
34 AC5 4  MET A 89  ? MET A 89  . ? 1_555 ? 
35 AC5 4  HIS A 90  ? HIS A 90  . ? 1_555 ? 
36 AC5 4  HIS A 90  ? HIS A 90  . ? 3_555 ? 
37 AC5 4  HOH H .   ? HOH A 433 . ? 1_555 ? 
38 AC6 3  HIS A 30  ? HIS A 30  . ? 6_555 ? 
39 AC6 3  ARG A 155 ? ARG A 155 . ? 1_555 ? 
40 AC6 3  GLU A 172 ? GLU A 172 . ? 6_555 ? 
# 
_atom_sites.entry_id                    5ZBJ 
_atom_sites.fract_transf_matrix[1][1]   -0.00665270 
_atom_sites.fract_transf_matrix[1][2]   -0.01386095 
_atom_sites.fract_transf_matrix[1][3]   0.00089807 
_atom_sites.fract_transf_matrix[2][1]   -0.00850250 
_atom_sites.fract_transf_matrix[2][2]   0.00380983 
_atom_sites.fract_transf_matrix[2][3]   -0.00418306 
_atom_sites.fract_transf_matrix[3][1]   0.00484026 
_atom_sites.fract_transf_matrix[3][2]   -0.00314623 
_atom_sites.fract_transf_matrix[3][3]   -0.01270383 
_atom_sites.fract_transf_vector[1]      0.038149 
_atom_sites.fract_transf_vector[2]      0.179068 
_atom_sites.fract_transf_vector[3]      0.067966 
# 
loop_
_atom_type.symbol 
C 
N 
O 
P 
S 
# 
loop_
_atom_site.group_PDB 
_atom_site.id 
_atom_site.type_symbol 
_atom_site.label_atom_id 
_atom_site.label_alt_id 
_atom_site.label_comp_id 
_atom_site.label_asym_id 
_atom_site.label_entity_id 
_atom_site.label_seq_id 
_atom_site.pdbx_PDB_ins_code 
_atom_site.Cartn_x 
_atom_site.Cartn_y 
_atom_site.Cartn_z 
_atom_site.occupancy 
_atom_site.B_iso_or_equiv 
_atom_site.pdbx_formal_charge 
_atom_site.auth_seq_id 
_atom_site.auth_comp_id 
_atom_site.auth_asym_id 
_atom_site.auth_atom_id 
_atom_site.pdbx_PDB_model_num 
ATOM   1    N N   . THR A 1 2   ? -6.508  -14.285 8.168   1.00 38.93 ? 2   THR A N   1 
ATOM   2    C CA  . THR A 1 2   ? -6.261  -13.247 9.231   1.00 36.13 ? 2   THR A CA  1 
ATOM   3    C C   . THR A 1 2   ? -5.087  -12.328 8.880   1.00 32.60 ? 2   THR A C   1 
ATOM   4    O O   . THR A 1 2   ? -3.947  -12.758 8.868   1.00 32.10 ? 2   THR A O   1 
ATOM   5    C CB  . THR A 1 2   ? -5.994  -13.843 10.634  1.00 38.07 ? 2   THR A CB  1 
ATOM   6    O OG1 . THR A 1 2   ? -7.029  -14.774 10.950  1.00 39.05 ? 2   THR A OG1 1 
ATOM   7    C CG2 . THR A 1 2   ? -6.005  -12.752 11.700  1.00 38.22 ? 2   THR A CG2 1 
ATOM   8    N N   . LEU A 1 3   ? -5.405  -11.052 8.662   1.00 29.82 ? 3   LEU A N   1 
ATOM   9    C CA  . LEU A 1 3   ? -4.403  -10.067 8.413   1.00 25.26 ? 3   LEU A CA  1 
ATOM   10   C C   . LEU A 1 3   ? -3.901  -9.612  9.753   1.00 21.96 ? 3   LEU A C   1 
ATOM   11   O O   . LEU A 1 3   ? -4.671  -9.405  10.638  1.00 22.91 ? 3   LEU A O   1 
ATOM   12   C CB  . LEU A 1 3   ? -5.014  -8.882  7.659   1.00 25.78 ? 3   LEU A CB  1 
ATOM   13   C CG  . LEU A 1 3   ? -5.567  -9.204  6.295   1.00 26.08 ? 3   LEU A CG  1 
ATOM   14   C CD1 . LEU A 1 3   ? -6.040  -7.900  5.657   1.00 29.48 ? 3   LEU A CD1 1 
ATOM   15   C CD2 . LEU A 1 3   ? -4.609  -9.907  5.364   1.00 27.45 ? 3   LEU A CD2 1 
ATOM   16   N N   . ARG A 1 4   ? -2.604  -9.439  9.884   1.00 18.69 ? 4   ARG A N   1 
ATOM   17   C CA  . ARG A 1 4   ? -2.044  -8.716  11.000  1.00 19.07 ? 4   ARG A CA  1 
ATOM   18   C C   . ARG A 1 4   ? -1.277  -7.440  10.645  1.00 16.94 ? 4   ARG A C   1 
ATOM   19   O O   . ARG A 1 4   ? -1.139  -6.590  11.521  1.00 15.41 ? 4   ARG A O   1 
ATOM   20   C CB  . ARG A 1 4   ? -1.077  -9.619  11.744  1.00 23.03 ? 4   ARG A CB  1 
ATOM   21   C CG  . ARG A 1 4   ? -1.841  -10.726 12.450  1.00 29.89 ? 4   ARG A CG  1 
ATOM   22   C CD  . ARG A 1 4   ? -0.962  -11.739 13.125  1.00 36.47 ? 4   ARG A CD  1 
ATOM   23   N NE  . ARG A 1 4   ? -1.840  -12.659 13.865  1.00 46.44 ? 4   ARG A NE  1 
ATOM   24   C CZ  . ARG A 1 4   ? -2.520  -13.688 13.336  1.00 57.87 ? 4   ARG A CZ  1 
ATOM   25   N NH1 . ARG A 1 4   ? -2.443  -13.998 12.037  1.00 61.95 ? 4   ARG A NH1 1 
ATOM   26   N NH2 . ARG A 1 4   ? -3.297  -14.442 14.121  1.00 64.92 ? 4   ARG A NH2 1 
ATOM   27   N N   A SER A 1 5   ? -0.760  -7.346  9.419   0.50 16.47 ? 5   SER A N   1 
ATOM   28   N N   B SER A 1 5   ? -0.771  -7.345  9.416   0.50 16.56 ? 5   SER A N   1 
ATOM   29   C CA  A SER A 1 5   ? 0.048   -6.204  8.955   0.50 16.91 ? 5   SER A CA  1 
ATOM   30   C CA  B SER A 1 5   ? 0.023   -6.201  8.940   0.50 17.09 ? 5   SER A CA  1 
ATOM   31   C C   A SER A 1 5   ? -0.312  -5.922  7.490   0.50 16.55 ? 5   SER A C   1 
ATOM   32   C C   B SER A 1 5   ? -0.383  -5.918  7.500   0.50 16.67 ? 5   SER A C   1 
ATOM   33   O O   A SER A 1 5   ? -0.500  -6.862  6.689   0.50 16.80 ? 5   SER A O   1 
ATOM   34   O O   B SER A 1 5   ? -0.668  -6.851  6.721   0.50 17.10 ? 5   SER A O   1 
ATOM   35   C CB  A SER A 1 5   ? 1.555   -6.486  9.066   0.50 17.28 ? 5   SER A CB  1 
ATOM   36   C CB  B SER A 1 5   ? 1.516   -6.506  8.941   0.50 17.41 ? 5   SER A CB  1 
ATOM   37   O OG  A SER A 1 5   ? 1.949   -6.688  10.426  0.50 18.40 ? 5   SER A OG  1 
ATOM   38   O OG  B SER A 1 5   ? 1.768   -7.588  8.075   0.50 18.95 ? 5   SER A OG  1 
ATOM   39   N N   . VAL A 1 6   ? -0.382  -4.644  7.141   1.00 14.98 ? 6   VAL A N   1 
ATOM   40   C CA  . VAL A 1 6   ? -0.761  -4.236  5.772   1.00 14.58 ? 6   VAL A CA  1 
ATOM   41   C C   . VAL A 1 6   ? 0.304   -3.206  5.353   1.00 13.43 ? 6   VAL A C   1 
ATOM   42   O O   . VAL A 1 6   ? 0.602   -2.281  6.104   1.00 13.05 ? 6   VAL A O   1 
ATOM   43   C CB  . VAL A 1 6   ? -2.134  -3.577  5.742   1.00 14.98 ? 6   VAL A CB  1 
ATOM   44   C CG1 . VAL A 1 6   ? -2.407  -3.005  4.354   1.00 15.07 ? 6   VAL A CG1 1 
ATOM   45   C CG2 . VAL A 1 6   ? -3.186  -4.600  6.162   1.00 15.96 ? 6   VAL A CG2 1 
ATOM   46   N N   . CYS A 1 7   ? 0.854   -3.410  4.177   1.00 13.59 ? 7   CYS A N   1 
ATOM   47   C CA  . CYS A 1 7   ? 1.843   -2.513  3.617   1.00 14.85 ? 7   CYS A CA  1 
ATOM   48   C C   . CYS A 1 7   ? 1.110   -1.505  2.765   1.00 15.47 ? 7   CYS A C   1 
ATOM   49   O O   . CYS A 1 7   ? 0.292   -1.924  1.937   1.00 16.07 ? 7   CYS A O   1 
ATOM   50   C CB  . CYS A 1 7   ? 2.800   -3.284  2.764   1.00 15.41 ? 7   CYS A CB  1 
ATOM   51   S SG  . CYS A 1 7   ? 4.027   -2.248  1.902   1.00 18.67 ? 7   CYS A SG  1 
ATOM   52   N N   . VAL A 1 8   ? 1.375   -0.224  2.969   1.00 13.21 ? 8   VAL A N   1 
ATOM   53   C CA  . VAL A 1 8   ? 0.696   0.794   2.193   1.00 14.42 ? 8   VAL A CA  1 
ATOM   54   C C   . VAL A 1 8   ? 1.707   1.508   1.282   1.00 14.32 ? 8   VAL A C   1 
ATOM   55   O O   . VAL A 1 8   ? 2.766   1.986   1.774   1.00 14.13 ? 8   VAL A O   1 
ATOM   56   C CB  . VAL A 1 8   ? 0.006   1.833   3.095   1.00 14.33 ? 8   VAL A CB  1 
ATOM   57   C CG1 . VAL A 1 8   ? -0.523  2.972   2.237   1.00 16.63 ? 8   VAL A CG1 1 
ATOM   58   C CG2 . VAL A 1 8   ? -1.081  1.202   3.946   1.00 14.86 ? 8   VAL A CG2 1 
ATOM   59   N N   . PHE A 1 9   ? 1.395   1.578   -0.001  1.00 12.62 ? 9   PHE A N   1 
ATOM   60   C CA  . PHE A 1 9   ? 2.173   2.358   -0.963  1.00 13.65 ? 9   PHE A CA  1 
ATOM   61   C C   . PHE A 1 9   ? 1.402   3.651   -1.226  1.00 14.97 ? 9   PHE A C   1 
ATOM   62   O O   . PHE A 1 9   ? 0.152   3.635   -1.349  1.00 12.53 ? 9   PHE A O   1 
ATOM   63   C CB  . PHE A 1 9   ? 2.307   1.605   -2.272  1.00 15.65 ? 9   PHE A CB  1 
ATOM   64   C CG  . PHE A 1 9   ? 2.930   0.223   -2.126  1.00 16.91 ? 9   PHE A CG  1 
ATOM   65   C CD1 . PHE A 1 9   ? 4.140   0.035   -1.440  1.00 18.40 ? 9   PHE A CD1 1 
ATOM   66   C CD2 . PHE A 1 9   ? 2.341   -0.839  -2.739  1.00 19.16 ? 9   PHE A CD2 1 
ATOM   67   C CE1 . PHE A 1 9   ? 4.732   -1.252  -1.377  1.00 19.11 ? 9   PHE A CE1 1 
ATOM   68   C CE2 . PHE A 1 9   ? 2.898   -2.130  -2.664  1.00 19.27 ? 9   PHE A CE2 1 
ATOM   69   C CZ  . PHE A 1 9   ? 4.099   -2.311  -1.996  1.00 18.09 ? 9   PHE A CZ  1 
ATOM   70   N N   . CYS A 1 10  ? 2.102   4.772   -1.275  1.00 15.41 ? 10  CYS A N   1 
ATOM   71   C CA  . CYS A 1 10  ? 1.425   6.055   -1.462  1.00 16.90 ? 10  CYS A CA  1 
ATOM   72   C C   . CYS A 1 10  ? 2.423   7.177   -1.804  1.00 16.98 ? 10  CYS A C   1 
ATOM   73   O O   . CYS A 1 10  ? 3.635   7.044   -1.613  1.00 14.72 ? 10  CYS A O   1 
ATOM   74   C CB  . CYS A 1 10  ? 0.627   6.462   -0.234  1.00 19.98 ? 10  CYS A CB  1 
ATOM   75   S SG  . CYS A 1 10  ? 1.710   6.696   1.204   1.00 20.69 ? 10  CYS A SG  1 
ATOM   76   N N   . GLY A 1 11  ? 1.893   8.259   -2.352  1.00 14.80 ? 11  GLY A N   1 
ATOM   77   C CA  . GLY A 1 11  ? 2.767   9.326   -2.848  1.00 15.73 ? 11  GLY A CA  1 
ATOM   78   C C   . GLY A 1 11  ? 3.636   9.960   -1.786  1.00 15.03 ? 11  GLY A C   1 
ATOM   79   O O   . GLY A 1 11  ? 3.215   10.137  -0.616  1.00 15.30 ? 11  GLY A O   1 
ATOM   80   N N   . ALA A 1 12  ? 4.788   10.413  -2.225  1.00 15.68 ? 12  ALA A N   1 
ATOM   81   C CA  . ALA A 1 12  ? 5.644   11.266  -1.410  1.00 18.11 ? 12  ALA A CA  1 
ATOM   82   C C   . ALA A 1 12  ? 5.221   12.716  -1.532  1.00 20.16 ? 12  ALA A C   1 
ATOM   83   O O   . ALA A 1 12  ? 5.788   13.540  -0.855  1.00 21.26 ? 12  ALA A O   1 
ATOM   84   C CB  . ALA A 1 12  ? 7.154   11.132  -1.794  1.00 18.19 ? 12  ALA A CB  1 
ATOM   85   N N   . SER A 1 13  ? 4.259   13.050  -2.400  1.00 21.27 ? 13  SER A N   1 
ATOM   86   C CA  . SER A 1 13  ? 3.660   14.345  -2.431  1.00 17.89 ? 13  SER A CA  1 
ATOM   87   C C   . SER A 1 13  ? 2.302   14.287  -1.809  1.00 17.95 ? 13  SER A C   1 
ATOM   88   O O   . SER A 1 13  ? 1.722   13.213  -1.738  1.00 17.51 ? 13  SER A O   1 
ATOM   89   C CB  . SER A 1 13  ? 3.443   14.797  -3.894  1.00 19.43 ? 13  SER A CB  1 
ATOM   90   O OG  . SER A 1 13  ? 4.561   14.544  -4.645  1.00 21.47 ? 13  SER A OG  1 
ATOM   91   N N   . PRO A 1 14  ? 1.738   15.449  -1.441  1.00 17.21 ? 14  PRO A N   1 
ATOM   92   C CA  . PRO A 1 14  ? 0.413   15.428  -0.826  1.00 18.36 ? 14  PRO A CA  1 
ATOM   93   C C   . PRO A 1 14  ? -0.775  15.395  -1.781  1.00 17.53 ? 14  PRO A C   1 
ATOM   94   O O   . PRO A 1 14  ? -1.851  14.991  -1.382  1.00 17.85 ? 14  PRO A O   1 
ATOM   95   C CB  . PRO A 1 14  ? 0.411   16.670  0.013   1.00 20.32 ? 14  PRO A CB  1 
ATOM   96   C CG  . PRO A 1 14  ? 1.327   17.585  -0.650  1.00 20.98 ? 14  PRO A CG  1 
ATOM   97   C CD  . PRO A 1 14  ? 2.416   16.746  -1.254  1.00 20.50 ? 14  PRO A CD  1 
ATOM   98   N N   . GLY A 1 15  ? -0.539  15.770  -3.018  1.00 17.39 ? 15  GLY A N   1 
ATOM   99   C CA  . GLY A 1 15  ? -1.550  15.841  -4.038  1.00 16.08 ? 15  GLY A CA  1 
ATOM   100  C C   . GLY A 1 15  ? -2.161  17.220  -4.102  1.00 16.99 ? 15  GLY A C   1 
ATOM   101  O O   . GLY A 1 15  ? -2.161  17.919  -3.168  1.00 20.76 ? 15  GLY A O   1 
ATOM   102  N N   . ALA A 1 16  ? -2.759  17.545  -5.219  1.00 17.43 ? 16  ALA A N   1 
ATOM   103  C CA  . ALA A 1 16  ? -3.312  18.842  -5.511  1.00 19.11 ? 16  ALA A CA  1 
ATOM   104  C C   . ALA A 1 16  ? -4.579  19.286  -4.797  1.00 19.30 ? 16  ALA A C   1 
ATOM   105  O O   . ALA A 1 16  ? -4.999  20.367  -4.961  1.00 21.44 ? 16  ALA A O   1 
ATOM   106  C CB  . ALA A 1 16  ? -3.546  18.924  -6.997  1.00 23.18 ? 16  ALA A CB  1 
ATOM   107  N N   . SER A 1 17  ? -5.161  18.428  -4.011  1.00 19.04 ? 17  SER A N   1 
ATOM   108  C CA  . SER A 1 17  ? -6.376  18.735  -3.323  1.00 19.51 ? 17  SER A CA  1 
ATOM   109  C C   . SER A 1 17  ? -6.468  17.981  -1.991  1.00 17.42 ? 17  SER A C   1 
ATOM   110  O O   . SER A 1 17  ? -5.884  16.990  -1.854  1.00 14.73 ? 17  SER A O   1 
ATOM   111  C CB  . SER A 1 17  ? -7.526  18.471  -4.277  1.00 23.82 ? 17  SER A CB  1 
ATOM   112  O OG  . SER A 1 17  ? -8.480  17.656  -3.732  1.00 34.32 ? 17  SER A OG  1 
ATOM   113  N N   . PRO A 1 18  ? -7.257  18.481  -1.042  1.00 17.52 ? 18  PRO A N   1 
ATOM   114  C CA  . PRO A 1 18  ? -7.400  17.841  0.276   1.00 17.46 ? 18  PRO A CA  1 
ATOM   115  C C   . PRO A 1 18  ? -7.968  16.392  0.316   1.00 16.22 ? 18  PRO A C   1 
ATOM   116  O O   . PRO A 1 18  ? -7.790  15.718  1.277   1.00 15.74 ? 18  PRO A O   1 
ATOM   117  C CB  . PRO A 1 18  ? -8.363  18.745  1.012   1.00 18.07 ? 18  PRO A CB  1 
ATOM   118  C CG  . PRO A 1 18  ? -8.529  19.951  0.184   1.00 20.99 ? 18  PRO A CG  1 
ATOM   119  C CD  . PRO A 1 18  ? -8.173  19.611  -1.198  1.00 18.19 ? 18  PRO A CD  1 
ATOM   120  N N   . VAL A 1 19  ? -8.626  15.940  -0.730  1.00 15.07 ? 19  VAL A N   1 
ATOM   121  C CA  . VAL A 1 19  ? -9.190  14.616  -0.742  1.00 15.49 ? 19  VAL A CA  1 
ATOM   122  C C   . VAL A 1 19  ? -8.163  13.475  -0.548  1.00 14.13 ? 19  VAL A C   1 
ATOM   123  O O   . VAL A 1 19  ? -8.454  12.524  0.069   1.00 14.34 ? 19  VAL A O   1 
ATOM   124  C CB  . VAL A 1 19  ? -10.129 14.412  -1.937  1.00 18.12 ? 19  VAL A CB  1 
ATOM   125  C CG1 . VAL A 1 19  ? -9.392  14.336  -3.230  1.00 18.63 ? 19  VAL A CG1 1 
ATOM   126  C CG2 . VAL A 1 19  ? -11.010 13.220  -1.699  1.00 24.52 ? 19  VAL A CG2 1 
ATOM   127  N N   . TYR A 1 20  ? -6.948  13.651  -1.037  1.00 14.57 ? 20  TYR A N   1 
ATOM   128  C CA  . TYR A 1 20  ? -5.920  12.649  -0.915  1.00 15.73 ? 20  TYR A CA  1 
ATOM   129  C C   . TYR A 1 20  ? -5.504  12.504  0.552   1.00 15.89 ? 20  TYR A C   1 
ATOM   130  O O   . TYR A 1 20  ? -5.468  11.456  1.042   1.00 14.88 ? 20  TYR A O   1 
ATOM   131  C CB  . TYR A 1 20  ? -4.755  12.942  -1.860  1.00 16.00 ? 20  TYR A CB  1 
ATOM   132  C CG  . TYR A 1 20  ? -5.230  13.111  -3.278  1.00 17.65 ? 20  TYR A CG  1 
ATOM   133  C CD1 . TYR A 1 20  ? -5.826  12.068  -3.956  1.00 20.17 ? 20  TYR A CD1 1 
ATOM   134  C CD2 . TYR A 1 20  ? -5.160  14.317  -3.916  1.00 17.95 ? 20  TYR A CD2 1 
ATOM   135  C CE1 . TYR A 1 20  ? -6.302  12.223  -5.245  1.00 21.76 ? 20  TYR A CE1 1 
ATOM   136  C CE2 . TYR A 1 20  ? -5.621  14.476  -5.206  1.00 19.19 ? 20  TYR A CE2 1 
ATOM   137  C CZ  . TYR A 1 20  ? -6.194  13.417  -5.862  1.00 21.02 ? 20  TYR A CZ  1 
ATOM   138  O OH  . TYR A 1 20  ? -6.665  13.544  -7.113  1.00 21.00 ? 20  TYR A OH  1 
ATOM   139  N N   . GLN A 1 21  ? -5.203  13.602  1.206   1.00 15.00 ? 21  GLN A N   1 
ATOM   140  C CA  . GLN A 1 21  ? -4.847  13.566  2.623   1.00 16.70 ? 21  GLN A CA  1 
ATOM   141  C C   . GLN A 1 21  ? -6.016  13.054  3.466   1.00 15.70 ? 21  GLN A C   1 
ATOM   142  O O   . GLN A 1 21  ? -5.826  12.274  4.384   1.00 13.52 ? 21  GLN A O   1 
ATOM   143  C CB  . GLN A 1 21  ? -4.396  14.961  3.079   1.00 19.56 ? 21  GLN A CB  1 
ATOM   144  C CG  . GLN A 1 21  ? -2.876  15.120  2.892   1.00 24.58 ? 21  GLN A CG  1 
ATOM   145  C CD  . GLN A 1 21  ? -2.253  16.271  3.625   1.00 33.80 ? 21  GLN A CD  1 
ATOM   146  O OE1 . GLN A 1 21  ? -2.928  17.194  4.130   1.00 39.79 ? 21  GLN A OE1 1 
ATOM   147  N NE2 . GLN A 1 21  ? -0.943  16.256  3.652   1.00 41.37 ? 21  GLN A NE2 1 
ATOM   148  N N   . GLU A 1 22  ? -7.243  13.445  3.144   1.00 15.89 ? 22  GLU A N   1 
ATOM   149  C CA  . GLU A 1 22  ? -8.397  12.909  3.877   1.00 17.56 ? 22  GLU A CA  1 
ATOM   150  C C   . GLU A 1 22  ? -8.495  11.382  3.766   1.00 16.66 ? 22  GLU A C   1 
ATOM   151  O O   . GLU A 1 22  ? -8.761  10.686  4.744   1.00 16.58 ? 22  GLU A O   1 
ATOM   152  C CB  . GLU A 1 22  ? -9.689  13.537  3.380   1.00 20.78 ? 22  GLU A CB  1 
ATOM   153  C CG  . GLU A 1 22  ? -9.806  14.964  3.862   1.00 25.15 ? 22  GLU A CG  1 
ATOM   154  C CD  . GLU A 1 22  ? -10.931 15.734  3.176   1.00 32.24 ? 22  GLU A CD  1 
ATOM   155  O OE1 . GLU A 1 22  ? -11.566 15.207  2.247   1.00 32.81 ? 22  GLU A OE1 1 
ATOM   156  O OE2 . GLU A 1 22  ? -11.150 16.884  3.556   1.00 34.83 ? 22  GLU A OE2 1 
ATOM   157  N N   . ALA A 1 23  ? -8.255  10.865  2.580   1.00 15.31 ? 23  ALA A N   1 
ATOM   158  C CA  . ALA A 1 23  ? -8.246  9.403   2.441   1.00 14.55 ? 23  ALA A CA  1 
ATOM   159  C C   . ALA A 1 23  ? -7.111  8.741   3.223   1.00 13.79 ? 23  ALA A C   1 
ATOM   160  O O   . ALA A 1 23  ? -7.295  7.658   3.802   1.00 14.72 ? 23  ALA A O   1 
ATOM   161  C CB  . ALA A 1 23  ? -8.133  9.033   0.989   1.00 14.54 ? 23  ALA A CB  1 
ATOM   162  N N   . ALA A 1 24  ? -5.916  9.309   3.132   1.00 13.68 ? 24  ALA A N   1 
ATOM   163  C CA  . ALA A 1 24  ? -4.807  8.807   3.887   1.00 14.02 ? 24  ALA A CA  1 
ATOM   164  C C   . ALA A 1 24  ? -5.072  8.749   5.374   1.00 14.21 ? 24  ALA A C   1 
ATOM   165  O O   . ALA A 1 24  ? -4.707  7.807   6.043   1.00 13.79 ? 24  ALA A O   1 
ATOM   166  C CB  . ALA A 1 24  ? -3.510  9.643   3.628   1.00 14.36 ? 24  ALA A CB  1 
ATOM   167  N N   . VAL A 1 25  ? -5.675  9.800   5.885   1.00 15.09 ? 25  VAL A N   1 
ATOM   168  C CA  . VAL A 1 25  ? -6.024  9.872   7.290   1.00 16.28 ? 25  VAL A CA  1 
ATOM   169  C C   . VAL A 1 25  ? -7.001  8.758   7.635   1.00 15.16 ? 25  VAL A C   1 
ATOM   170  O O   . VAL A 1 25  ? -6.794  8.054   8.555   1.00 15.90 ? 25  VAL A O   1 
ATOM   171  C CB  . VAL A 1 25  ? -6.615  11.231  7.704   1.00 15.75 ? 25  VAL A CB  1 
ATOM   172  C CG1 . VAL A 1 25  ? -7.191  11.162  9.094   1.00 18.45 ? 25  VAL A CG1 1 
ATOM   173  C CG2 . VAL A 1 25  ? -5.562  12.294  7.647   1.00 17.36 ? 25  VAL A CG2 1 
ATOM   174  N N   . ALA A 1 26  ? -8.035  8.621   6.838   1.00 15.49 ? 26  ALA A N   1 
ATOM   175  C CA  . ALA A 1 26  ? -9.043  7.598   7.052   1.00 15.45 ? 26  ALA A CA  1 
ATOM   176  C C   . ALA A 1 26  ? -8.446  6.168   7.047   1.00 15.54 ? 26  ALA A C   1 
ATOM   177  O O   . ALA A 1 26  ? -8.780  5.358   7.847   1.00 14.98 ? 26  ALA A O   1 
ATOM   178  C CB  . ALA A 1 26  ? -10.151 7.722   6.031   1.00 16.38 ? 26  ALA A CB  1 
ATOM   179  N N   . LEU A 1 27  ? -7.534  5.921   6.129   1.00 15.94 ? 27  LEU A N   1 
ATOM   180  C CA  . LEU A 1 27  ? -6.881  4.641   6.031   1.00 16.11 ? 27  LEU A CA  1 
ATOM   181  C C   . LEU A 1 27  ? -6.011  4.360   7.260   1.00 15.22 ? 27  LEU A C   1 
ATOM   182  O O   . LEU A 1 27  ? -6.057  3.331   7.812   1.00 15.97 ? 27  LEU A O   1 
ATOM   183  C CB  . LEU A 1 27  ? -6.063  4.560   4.770   1.00 15.16 ? 27  LEU A CB  1 
ATOM   184  C CG  . LEU A 1 27  ? -5.379  3.214   4.576   1.00 16.82 ? 27  LEU A CG  1 
ATOM   185  C CD1 . LEU A 1 27  ? -6.308  2.012   4.644   1.00 16.35 ? 27  LEU A CD1 1 
ATOM   186  C CD2 . LEU A 1 27  ? -4.526  3.198   3.327   1.00 17.67 ? 27  LEU A CD2 1 
ATOM   187  N N   . GLY A 1 28  ? -5.162  5.295   7.598   1.00 15.34 ? 28  GLY A N   1 
ATOM   188  C CA  . GLY A 1 28  ? -4.294  5.156   8.739   1.00 15.83 ? 28  GLY A CA  1 
ATOM   189  C C   . GLY A 1 28  ? -5.040  4.905   10.047  1.00 17.25 ? 28  GLY A C   1 
ATOM   190  O O   . GLY A 1 28  ? -4.717  4.038   10.789  1.00 15.14 ? 28  GLY A O   1 
ATOM   191  N N   . ARG A 1 29  ? -6.056  5.713   10.274  1.00 17.37 ? 29  ARG A N   1 
ATOM   192  C CA  . ARG A 1 29  ? -6.875  5.582   11.437  1.00 19.94 ? 29  ARG A CA  1 
ATOM   193  C C   . ARG A 1 29  ? -7.546  4.209   11.469  1.00 18.38 ? 29  ARG A C   1 
ATOM   194  O O   . ARG A 1 29  ? -7.519  3.550   12.456  1.00 18.73 ? 29  ARG A O   1 
ATOM   195  C CB  . ARG A 1 29  ? -7.893  6.702   11.493  1.00 24.00 ? 29  ARG A CB  1 
ATOM   196  C CG  . ARG A 1 29  ? -8.758  6.688   12.716  1.00 31.48 ? 29  ARG A CG  1 
ATOM   197  C CD  . ARG A 1 29  ? -9.664  7.902   12.782  1.00 37.14 ? 29  ARG A CD  1 
ATOM   198  N NE  . ARG A 1 29  ? -8.960  9.172   12.647  1.00 49.29 ? 29  ARG A NE  1 
ATOM   199  C CZ  . ARG A 1 29  ? -9.467  10.266  12.069  1.00 56.78 ? 29  ARG A CZ  1 
ATOM   200  N NH1 . ARG A 1 29  ? -10.678 10.244  11.551  1.00 58.58 ? 29  ARG A NH1 1 
ATOM   201  N NH2 . ARG A 1 29  ? -8.783  11.386  12.008  1.00 62.11 ? 29  ARG A NH2 1 
ATOM   202  N N   . HIS A 1 30  ? -8.109  3.795   10.359  1.00 18.09 ? 30  HIS A N   1 
ATOM   203  C CA  . HIS A 1 30  ? -8.790  2.527   10.296  1.00 18.52 ? 30  HIS A CA  1 
ATOM   204  C C   . HIS A 1 30  ? -7.872  1.348   10.571  1.00 19.23 ? 30  HIS A C   1 
ATOM   205  O O   . HIS A 1 30  ? -8.215  0.479   11.277  1.00 18.02 ? 30  HIS A O   1 
ATOM   206  C CB  . HIS A 1 30  ? -9.526  2.323   8.995   1.00 19.68 ? 30  HIS A CB  1 
ATOM   207  C CG  . HIS A 1 30  ? -10.420 1.130   9.006   1.00 21.38 ? 30  HIS A CG  1 
ATOM   208  N ND1 . HIS A 1 30  ? -11.437 0.976   9.907   1.00 23.10 ? 30  HIS A ND1 1 
ATOM   209  C CD2 . HIS A 1 30  ? -10.429 0.021   8.248   1.00 25.15 ? 30  HIS A CD2 1 
ATOM   210  C CE1 . HIS A 1 30  ? -12.041 -0.169  9.695   1.00 23.21 ? 30  HIS A CE1 1 
ATOM   211  N NE2 . HIS A 1 30  ? -11.440 -0.774  8.704   1.00 24.11 ? 30  HIS A NE2 1 
ATOM   212  N N   . LEU A 1 31  ? -6.708  1.345   9.977   1.00 17.68 ? 31  LEU A N   1 
ATOM   213  C CA  . LEU A 1 31  ? -5.751  0.235   10.252  1.00 18.13 ? 31  LEU A CA  1 
ATOM   214  C C   . LEU A 1 31  ? -5.475  0.068   11.773  1.00 19.04 ? 31  LEU A C   1 
ATOM   215  O O   . LEU A 1 31  ? -5.530  -1.075  12.344  1.00 18.87 ? 31  LEU A O   1 
ATOM   216  C CB  . LEU A 1 31  ? -4.445  0.449   9.506   1.00 17.87 ? 31  LEU A CB  1 
ATOM   217  C CG  . LEU A 1 31  ? -4.483  0.304   8.013   1.00 18.33 ? 31  LEU A CG  1 
ATOM   218  C CD1 . LEU A 1 31  ? -3.170  0.781   7.387   1.00 17.70 ? 31  LEU A CD1 1 
ATOM   219  C CD2 . LEU A 1 31  ? -4.696  -1.113  7.563   1.00 19.88 ? 31  LEU A CD2 1 
ATOM   220  N N   . ALA A 1 32  ? -5.167  1.182   12.422  1.00 18.49 ? 32  ALA A N   1 
ATOM   221  C CA  . ALA A 1 32  ? -4.899  1.173   13.854  1.00 21.57 ? 32  ALA A CA  1 
ATOM   222  C C   . ALA A 1 32  ? -6.155  0.700   14.664  1.00 22.37 ? 32  ALA A C   1 
ATOM   223  O O   . ALA A 1 32  ? -6.066  -0.135  15.554  1.00 21.95 ? 32  ALA A O   1 
ATOM   224  C CB  . ALA A 1 32  ? -4.514  2.572   14.295  1.00 21.17 ? 32  ALA A CB  1 
ATOM   225  N N   . GLU A 1 33  ? -7.304  1.226   14.323  1.00 22.83 ? 33  GLU A N   1 
ATOM   226  C CA  . GLU A 1 33  ? -8.595  0.829   14.984  1.00 24.80 ? 33  GLU A CA  1 
ATOM   227  C C   . GLU A 1 33  ? -8.897  -0.648  14.825  1.00 25.19 ? 33  GLU A C   1 
ATOM   228  O O   . GLU A 1 33  ? -9.458  -1.282  15.718  1.00 24.89 ? 33  GLU A O   1 
ATOM   229  C CB  . GLU A 1 33  ? -9.726  1.763   14.544  1.00 22.99 ? 33  GLU A CB  1 
ATOM   230  C CG  . GLU A 1 33  ? -9.423  3.135   15.122  1.00 26.98 ? 33  GLU A CG  1 
ATOM   231  C CD  . GLU A 1 33  ? -10.446 4.233   14.866  1.00 35.89 ? 33  GLU A CD  1 
ATOM   232  O OE1 . GLU A 1 33  ? -11.316 4.022   14.011  1.00 34.56 ? 33  GLU A OE1 1 
ATOM   233  O OE2 . GLU A 1 33  ? -10.341 5.318   15.503  1.00 37.42 ? 33  GLU A OE2 1 
ATOM   234  N N   . ARG A 1 34  ? -8.390  -1.224  13.747  1.00 23.29 ? 34  ARG A N   1 
ATOM   235  C CA  . ARG A 1 34  ? -8.529  -2.606  13.476  1.00 23.95 ? 34  ARG A CA  1 
ATOM   236  C C   . ARG A 1 34  ? -7.465  -3.476  14.104  1.00 20.92 ? 34  ARG A C   1 
ATOM   237  O O   . ARG A 1 34  ? -7.482  -4.653  13.914  1.00 22.46 ? 34  ARG A O   1 
ATOM   238  C CB  . ARG A 1 34  ? -8.537  -2.757  11.991  1.00 27.14 ? 34  ARG A CB  1 
ATOM   239  C CG  . ARG A 1 34  ? -9.381  -3.837  11.531  1.00 34.95 ? 34  ARG A CG  1 
ATOM   240  C CD  . ARG A 1 34  ? -10.107 -3.442  10.262  1.00 36.65 ? 34  ARG A CD  1 
ATOM   241  N NE  . ARG A 1 34  ? -10.328 -4.665  9.487   1.00 31.11 ? 34  ARG A NE  1 
ATOM   242  C CZ  . ARG A 1 34  ? -11.123 -4.758  8.454   1.00 28.87 ? 34  ARG A CZ  1 
ATOM   243  N NH1 . ARG A 1 34  ? -11.231 -5.947  7.886   1.00 28.49 ? 34  ARG A NH1 1 
ATOM   244  N NH2 . ARG A 1 34  ? -11.828 -3.701  8.006   1.00 24.54 ? 34  ARG A NH2 1 
ATOM   245  N N   . GLY A 1 35  ? -6.530  -2.907  14.828  1.00 20.32 ? 35  GLY A N   1 
ATOM   246  C CA  . GLY A 1 35  ? -5.416  -3.682  15.379  1.00 20.77 ? 35  GLY A CA  1 
ATOM   247  C C   . GLY A 1 35  ? -4.387  -4.145  14.372  1.00 20.40 ? 35  GLY A C   1 
ATOM   248  O O   . GLY A 1 35  ? -3.626  -5.084  14.651  1.00 20.62 ? 35  GLY A O   1 
ATOM   249  N N   . LEU A 1 36  ? -4.317  -3.497  13.208  1.00 18.03 ? 36  LEU A N   1 
ATOM   250  C CA  . LEU A 1 36  ? -3.357  -3.899  12.169  1.00 17.62 ? 36  LEU A CA  1 
ATOM   251  C C   . LEU A 1 36  ? -2.106  -3.038  12.234  1.00 16.05 ? 36  LEU A C   1 
ATOM   252  O O   . LEU A 1 36  ? -2.180  -1.844  12.431  1.00 17.93 ? 36  LEU A O   1 
ATOM   253  C CB  . LEU A 1 36  ? -3.981  -3.793  10.767  1.00 17.59 ? 36  LEU A CB  1 
ATOM   254  C CG  . LEU A 1 36  ? -5.196  -4.668  10.510  1.00 19.68 ? 36  LEU A CG  1 
ATOM   255  C CD1 . LEU A 1 36  ? -5.893  -4.486  9.187   1.00 20.40 ? 36  LEU A CD1 1 
ATOM   256  C CD2 . LEU A 1 36  ? -4.870  -6.123  10.697  1.00 20.11 ? 36  LEU A CD2 1 
ATOM   257  N N   . THR A 1 37  ? -0.972  -3.658  12.016  1.00 16.56 ? 37  THR A N   1 
ATOM   258  C CA  . THR A 1 37  ? 0.293   -2.941  11.877  1.00 16.88 ? 37  THR A CA  1 
ATOM   259  C C   . THR A 1 37  ? 0.406   -2.337  10.476  1.00 16.61 ? 37  THR A C   1 
ATOM   260  O O   . THR A 1 37  ? 0.113   -3.007  9.487   1.00 18.37 ? 37  THR A O   1 
ATOM   261  C CB  . THR A 1 37  ? 1.451   -3.867  12.115  1.00 19.15 ? 37  THR A CB  1 
ATOM   262  O OG1 . THR A 1 37  ? 1.341   -4.351  13.453  1.00 20.77 ? 37  THR A OG1 1 
ATOM   263  C CG2 . THR A 1 37  ? 2.820   -3.154  11.922  1.00 19.57 ? 37  THR A CG2 1 
ATOM   264  N N   . LEU A 1 38  ? 0.778   -1.073  10.417  1.00 14.71 ? 38  LEU A N   1 
ATOM   265  C CA  . LEU A 1 38  ? 1.020   -0.379  9.218   1.00 15.17 ? 38  LEU A CA  1 
ATOM   266  C C   . LEU A 1 38  ? 2.476   -0.567  8.879   1.00 14.58 ? 38  LEU A C   1 
ATOM   267  O O   . LEU A 1 38  ? 3.316   -0.172  9.661   1.00 15.38 ? 38  LEU A O   1 
ATOM   268  C CB  . LEU A 1 38  ? 0.722   1.132   9.344   1.00 14.82 ? 38  LEU A CB  1 
ATOM   269  C CG  . LEU A 1 38  ? 1.225   1.994   8.157   1.00 15.88 ? 38  LEU A CG  1 
ATOM   270  C CD1 . LEU A 1 38  ? 0.520   1.562   6.844   1.00 17.50 ? 38  LEU A CD1 1 
ATOM   271  C CD2 . LEU A 1 38  ? 0.921   3.453   8.444   1.00 16.34 ? 38  LEU A CD2 1 
ATOM   272  N N   . VAL A 1 39  ? 2.739   -1.122  7.714   1.00 13.70 ? 39  VAL A N   1 
ATOM   273  C CA  . VAL A 1 39  ? 4.086   -1.203  7.143   1.00 15.67 ? 39  VAL A CA  1 
ATOM   274  C C   . VAL A 1 39  ? 4.140   -0.241  5.957   1.00 15.87 ? 39  VAL A C   1 
ATOM   275  O O   . VAL A 1 39  ? 3.236   -0.237  5.099   1.00 13.40 ? 39  VAL A O   1 
ATOM   276  C CB  . VAL A 1 39  ? 4.350   -2.613  6.644   1.00 16.69 ? 39  VAL A CB  1 
ATOM   277  C CG1 . VAL A 1 39  ? 5.586   -2.723  5.819   1.00 19.16 ? 39  VAL A CG1 1 
ATOM   278  C CG2 . VAL A 1 39  ? 4.336   -3.613  7.780   1.00 17.81 ? 39  VAL A CG2 1 
ATOM   279  N N   . TYR A 1 40  ? 5.182   0.569   5.885   1.00 15.54 ? 40  TYR A N   1 
ATOM   280  C CA  . TYR A 1 40  ? 5.257   1.545   4.786   1.00 16.16 ? 40  TYR A CA  1 
ATOM   281  C C   . TYR A 1 40  ? 6.719   1.974   4.588   1.00 17.55 ? 40  TYR A C   1 
ATOM   282  O O   . TYR A 1 40  ? 7.597   1.496   5.271   1.00 15.93 ? 40  TYR A O   1 
ATOM   283  C CB  . TYR A 1 40  ? 4.273   2.730   5.037   1.00 15.54 ? 40  TYR A CB  1 
ATOM   284  C CG  . TYR A 1 40  ? 4.806   3.860   5.823   1.00 16.90 ? 40  TYR A CG  1 
ATOM   285  C CD1 . TYR A 1 40  ? 5.307   3.672   7.113   1.00 16.58 ? 40  TYR A CD1 1 
ATOM   286  C CD2 . TYR A 1 40  ? 4.805   5.169   5.305   1.00 16.30 ? 40  TYR A CD2 1 
ATOM   287  C CE1 . TYR A 1 40  ? 5.861   4.722   7.847   1.00 17.14 ? 40  TYR A CE1 1 
ATOM   288  C CE2 . TYR A 1 40  ? 5.334   6.222   6.034   1.00 16.57 ? 40  TYR A CE2 1 
ATOM   289  C CZ  . TYR A 1 40  ? 5.920   5.986   7.278   1.00 17.08 ? 40  TYR A CZ  1 
ATOM   290  O OH  . TYR A 1 40  ? 6.485   6.987   7.974   1.00 16.61 ? 40  TYR A OH  1 
ATOM   291  N N   . GLY A 1 41  ? 6.936   2.898   3.653   1.00 19.49 ? 41  GLY A N   1 
ATOM   292  C CA  . GLY A 1 41  ? 8.290   3.306   3.228   1.00 17.96 ? 41  GLY A CA  1 
ATOM   293  C C   . GLY A 1 41  ? 9.030   4.228   4.189   1.00 17.29 ? 41  GLY A C   1 
ATOM   294  O O   . GLY A 1 41  ? 10.132  4.675   3.882   1.00 18.92 ? 41  GLY A O   1 
ATOM   295  N N   . GLY A 1 42  ? 8.409   4.602   5.305   1.00 17.61 ? 42  GLY A N   1 
ATOM   296  C CA  . GLY A 1 42  ? 9.092   5.287   6.370   1.00 20.79 ? 42  GLY A CA  1 
ATOM   297  C C   . GLY A 1 42  ? 9.256   6.787   6.246   1.00 21.36 ? 42  GLY A C   1 
ATOM   298  O O   . GLY A 1 42  ? 9.934   7.391   7.059   1.00 21.99 ? 42  GLY A O   1 
ATOM   299  N N   . GLY A 1 43  ? 8.622   7.407   5.254   1.00 20.50 ? 43  GLY A N   1 
ATOM   300  C CA  . GLY A 1 43  ? 8.742   8.852   5.095   1.00 20.27 ? 43  GLY A CA  1 
ATOM   301  C C   . GLY A 1 43  ? 7.854   9.718   5.980   1.00 19.17 ? 43  GLY A C   1 
ATOM   302  O O   . GLY A 1 43  ? 6.836   9.282   6.584   1.00 18.65 ? 43  GLY A O   1 
ATOM   303  N N   . ALA A 1 44  ? 8.221   10.970  6.052   1.00 17.84 ? 44  ALA A N   1 
ATOM   304  C CA  . ALA A 1 44  ? 7.495   11.983  6.796   1.00 22.34 ? 44  ALA A CA  1 
ATOM   305  C C   . ALA A 1 44  ? 6.887   13.016  5.821   1.00 24.91 ? 44  ALA A C   1 
ATOM   306  O O   . ALA A 1 44  ? 6.295   13.950  6.265   1.00 32.28 ? 44  ALA A O   1 
ATOM   307  C CB  . ALA A 1 44  ? 8.399   12.686  7.838   1.00 24.25 ? 44  ALA A CB  1 
ATOM   308  N N   . VAL A 1 45  ? 6.996   12.802  4.519   1.00 24.42 ? 45  VAL A N   1 
ATOM   309  C CA  . VAL A 1 45  ? 6.562   13.774  3.471   1.00 25.82 ? 45  VAL A CA  1 
ATOM   310  C C   . VAL A 1 45  ? 5.300   13.266  2.799   1.00 23.09 ? 45  VAL A C   1 
ATOM   311  O O   . VAL A 1 45  ? 5.105   12.073  2.690   1.00 20.14 ? 45  VAL A O   1 
ATOM   312  C CB  . VAL A 1 45  ? 7.653   13.988  2.362   1.00 26.91 ? 45  VAL A CB  1 
ATOM   313  C CG1 . VAL A 1 45  ? 8.828   14.734  2.977   1.00 30.90 ? 45  VAL A CG1 1 
ATOM   314  C CG2 . VAL A 1 45  ? 8.209   12.653  1.731   1.00 28.85 ? 45  VAL A CG2 1 
ATOM   315  N N   . GLY A 1 46  ? 4.447   14.175  2.365   1.00 18.86 ? 46  GLY A N   1 
ATOM   316  C CA  . GLY A 1 46  ? 3.352   13.818  1.496   1.00 20.29 ? 46  GLY A CA  1 
ATOM   317  C C   . GLY A 1 46  ? 2.395   12.856  2.155   1.00 19.47 ? 46  GLY A C   1 
ATOM   318  O O   . GLY A 1 46  ? 2.167   12.895  3.404   1.00 18.59 ? 46  GLY A O   1 
ATOM   319  N N   . LEU A 1 47  ? 1.785   11.989  1.339   1.00 17.77 ? 47  LEU A N   1 
ATOM   320  C CA  . LEU A 1 47  ? 0.810   11.057  1.896   1.00 16.32 ? 47  LEU A CA  1 
ATOM   321  C C   . LEU A 1 47  ? 1.481   9.980   2.829   1.00 17.42 ? 47  LEU A C   1 
ATOM   322  O O   . LEU A 1 47  ? 0.819   9.454   3.711   1.00 17.84 ? 47  LEU A O   1 
ATOM   323  C CB  . LEU A 1 47  ? 0.003   10.368  0.816   1.00 15.98 ? 47  LEU A CB  1 
ATOM   324  C CG  . LEU A 1 47  ? -0.797  11.303  -0.078  1.00 15.18 ? 47  LEU A CG  1 
ATOM   325  C CD1 . LEU A 1 47  ? -1.593  10.438  -1.057  1.00 16.30 ? 47  LEU A CD1 1 
ATOM   326  C CD2 . LEU A 1 47  ? -1.726  12.179  0.713   1.00 16.13 ? 47  LEU A CD2 1 
ATOM   327  N N   . MET A 1 48  ? 2.749   9.660   2.608   1.00 16.59 ? 48  MET A N   1 
ATOM   328  C CA  . MET A 1 48  ? 3.523   8.785   3.518   1.00 18.98 ? 48  MET A CA  1 
ATOM   329  C C   . MET A 1 48  ? 3.416   9.307   4.949   1.00 17.36 ? 48  MET A C   1 
ATOM   330  O O   . MET A 1 48  ? 2.997   8.569   5.858   1.00 16.30 ? 48  MET A O   1 
ATOM   331  C CB  . MET A 1 48  ? 4.979   8.730   3.097   1.00 20.02 ? 48  MET A CB  1 
ATOM   332  C CG  . MET A 1 48  ? 5.245   7.703   2.032   1.00 28.13 ? 48  MET A CG  1 
ATOM   333  S SD  . MET A 1 48  ? 7.025   7.251   1.907   1.00 31.23 ? 48  MET A SD  1 
ATOM   334  C CE  . MET A 1 48  ? 7.469   8.617   0.876   1.00 27.43 ? 48  MET A CE  1 
ATOM   335  N N   . GLY A 1 49  ? 3.751   10.589  5.138   1.00 16.64 ? 49  GLY A N   1 
ATOM   336  C CA  . GLY A 1 49  ? 3.622   11.254  6.430   1.00 16.07 ? 49  GLY A CA  1 
ATOM   337  C C   . GLY A 1 49  ? 2.223   11.185  7.026   1.00 16.65 ? 49  GLY A C   1 
ATOM   338  O O   . GLY A 1 49  ? 2.018   10.898  8.241   1.00 15.60 ? 49  GLY A O   1 
ATOM   339  N N   . THR A 1 50  ? 1.235   11.500  6.169   1.00 15.07 ? 50  THR A N   1 
ATOM   340  C CA  . THR A 1 50  ? -0.124  11.554  6.600   1.00 15.27 ? 50  THR A CA  1 
ATOM   341  C C   . THR A 1 50  ? -0.634  10.204  7.108   1.00 14.40 ? 50  THR A C   1 
ATOM   342  O O   . THR A 1 50  ? -1.248  10.140  8.174   1.00 12.87 ? 50  THR A O   1 
ATOM   343  C CB  . THR A 1 50  ? -1.032  12.131  5.512   1.00 16.30 ? 50  THR A CB  1 
ATOM   344  O OG1 . THR A 1 50  ? -0.479  13.395  5.108   1.00 17.96 ? 50  THR A OG1 1 
ATOM   345  C CG2 . THR A 1 50  ? -2.428  12.288  5.994   1.00 16.74 ? 50  THR A CG2 1 
ATOM   346  N N   . VAL A 1 51  ? -0.393  9.123   6.358   1.00 14.78 ? 51  VAL A N   1 
ATOM   347  C CA  . VAL A 1 51  ? -0.962  7.840   6.731   1.00 13.88 ? 51  VAL A CA  1 
ATOM   348  C C   . VAL A 1 51  ? -0.309  7.391   8.035   1.00 13.87 ? 51  VAL A C   1 
ATOM   349  O O   . VAL A 1 51  ? -0.972  6.879   8.928   1.00 13.15 ? 51  VAL A O   1 
ATOM   350  C CB  . VAL A 1 51  ? -0.882  6.775   5.575   1.00 14.15 ? 51  VAL A CB  1 
ATOM   351  C CG1 . VAL A 1 51  ? 0.533   6.311   5.268   1.00 16.23 ? 51  VAL A CG1 1 
ATOM   352  C CG2 . VAL A 1 51  ? -1.710  5.590   5.931   1.00 16.04 ? 51  VAL A CG2 1 
ATOM   353  N N   . ALA A 1 52  ? 0.999   7.577   8.139   1.00 14.10 ? 52  ALA A N   1 
ATOM   354  C CA  . ALA A 1 52  ? 1.731   7.173   9.357   1.00 14.59 ? 52  ALA A CA  1 
ATOM   355  C C   . ALA A 1 52  ? 1.278   7.934   10.596  1.00 16.65 ? 52  ALA A C   1 
ATOM   356  O O   . ALA A 1 52  ? 0.998   7.299   11.626  1.00 18.59 ? 52  ALA A O   1 
ATOM   357  C CB  . ALA A 1 52  ? 3.219   7.353   9.126   1.00 15.63 ? 52  ALA A CB  1 
ATOM   358  N N   . ASP A 1 53  ? 1.187   9.269   10.477  1.00 17.71 ? 53  ASP A N   1 
ATOM   359  C CA  . ASP A 1 53  ? 0.685   10.114  11.557  1.00 19.05 ? 53  ASP A CA  1 
ATOM   360  C C   . ASP A 1 53  ? -0.716  9.730   12.013  1.00 20.17 ? 53  ASP A C   1 
ATOM   361  O O   . ASP A 1 53  ? -0.999  9.733   13.223  1.00 19.32 ? 53  ASP A O   1 
ATOM   362  C CB  . ASP A 1 53  ? 0.708   11.602  11.288  1.00 20.52 ? 53  ASP A CB  1 
ATOM   363  C CG  . ASP A 1 53  ? 2.113   12.170  11.156  1.00 26.12 ? 53  ASP A CG  1 
ATOM   364  O OD1 . ASP A 1 53  ? 3.086   11.501  11.626  1.00 25.30 ? 53  ASP A OD1 1 
ATOM   365  O OD2 . ASP A 1 53  ? 2.222   13.258  10.487  1.00 25.24 ? 53  ASP A OD2 1 
ATOM   366  N N   . ALA A 1 54  ? -1.591  9.420   11.082  1.00 17.92 ? 54  ALA A N   1 
ATOM   367  C CA  . ALA A 1 54  ? -2.952  9.077   11.438  1.00 17.35 ? 54  ALA A CA  1 
ATOM   368  C C   . ALA A 1 54  ? -3.033  7.741   12.184  1.00 18.46 ? 54  ALA A C   1 
ATOM   369  O O   . ALA A 1 54  ? -3.757  7.603   13.167  1.00 19.79 ? 54  ALA A O   1 
ATOM   370  C CB  . ALA A 1 54  ? -3.816  9.040   10.196  1.00 16.98 ? 54  ALA A CB  1 
ATOM   371  N N   . ALA A 1 55  ? -2.244  6.765   11.754  1.00 16.38 ? 55  ALA A N   1 
ATOM   372  C CA  . ALA A 1 55  ? -2.172  5.467   12.415  1.00 17.62 ? 55  ALA A CA  1 
ATOM   373  C C   . ALA A 1 55  ? -1.575  5.651   13.814  1.00 18.60 ? 55  ALA A C   1 
ATOM   374  O O   . ALA A 1 55  ? -2.115  5.103   14.783  1.00 18.11 ? 55  ALA A O   1 
ATOM   375  C CB  . ALA A 1 55  ? -1.362  4.481   11.582  1.00 16.29 ? 55  ALA A CB  1 
ATOM   376  N N   . LEU A 1 56  ? -0.491  6.420   13.905  1.00 17.40 ? 56  LEU A N   1 
ATOM   377  C CA  . LEU A 1 56  ? 0.126   6.685   15.231  1.00 20.53 ? 56  LEU A CA  1 
ATOM   378  C C   . LEU A 1 56  ? -0.829  7.404   16.212  1.00 21.83 ? 56  LEU A C   1 
ATOM   379  O O   . LEU A 1 56  ? -0.933  6.988   17.360  1.00 22.92 ? 56  LEU A O   1 
ATOM   380  C CB  . LEU A 1 56  ? 1.400   7.498   15.124  1.00 18.77 ? 56  LEU A CB  1 
ATOM   381  C CG  . LEU A 1 56  ? 2.524   6.723   14.452  1.00 19.21 ? 56  LEU A CG  1 
ATOM   382  C CD1 . LEU A 1 56  ? 3.607   7.660   13.901  1.00 20.89 ? 56  LEU A CD1 1 
ATOM   383  C CD2 . LEU A 1 56  ? 3.127   5.623   15.331  1.00 20.48 ? 56  LEU A CD2 1 
ATOM   384  N N   . ALA A 1 57  ? -1.501  8.453   15.749  1.00 23.01 ? 57  ALA A N   1 
ATOM   385  C CA  . ALA A 1 57  ? -2.467  9.236   16.556  1.00 22.99 ? 57  ALA A CA  1 
ATOM   386  C C   . ALA A 1 57  ? -3.594  8.358   17.111  1.00 25.32 ? 57  ALA A C   1 
ATOM   387  O O   . ALA A 1 57  ? -4.052  8.595   18.206  1.00 23.91 ? 57  ALA A O   1 
ATOM   388  C CB  . ALA A 1 57  ? -3.068  10.381  15.723  1.00 22.92 ? 57  ALA A CB  1 
ATOM   389  N N   . ALA A 1 58  ? -3.994  7.331   16.360  1.00 21.88 ? 58  ALA A N   1 
ATOM   390  C CA  . ALA A 1 58  ? -4.937  6.352   16.787  1.00 22.23 ? 58  ALA A CA  1 
ATOM   391  C C   . ALA A 1 58  ? -4.330  5.207   17.613  1.00 22.24 ? 58  ALA A C   1 
ATOM   392  O O   . ALA A 1 58  ? -5.020  4.269   17.923  1.00 25.29 ? 58  ALA A O   1 
ATOM   393  C CB  . ALA A 1 58  ? -5.680  5.802   15.573  1.00 22.28 ? 58  ALA A CB  1 
ATOM   394  N N   . GLY A 1 59  ? -3.058  5.268   17.953  1.00 21.60 ? 59  GLY A N   1 
ATOM   395  C CA  . GLY A 1 59  ? -2.461  4.283   18.794  1.00 22.08 ? 59  GLY A CA  1 
ATOM   396  C C   . GLY A 1 59  ? -1.942  3.046   18.116  1.00 23.71 ? 59  GLY A C   1 
ATOM   397  O O   . GLY A 1 59  ? -1.656  2.054   18.796  1.00 23.95 ? 59  GLY A O   1 
ATOM   398  N N   . GLY A 1 60  ? -1.825  3.060   16.779  1.00 20.45 ? 60  GLY A N   1 
ATOM   399  C CA  . GLY A 1 60  ? -1.451  1.885   16.042  1.00 18.96 ? 60  GLY A CA  1 
ATOM   400  C C   . GLY A 1 60  ? 0.060   1.765   15.970  1.00 17.29 ? 60  GLY A C   1 
ATOM   401  O O   . GLY A 1 60  ? 0.778   2.722   16.139  1.00 17.61 ? 60  GLY A O   1 
ATOM   402  N N   . GLU A 1 61  ? 0.513   0.584   15.696  1.00 17.88 ? 61  GLU A N   1 
ATOM   403  C CA  . GLU A 1 61  ? 1.929   0.284   15.439  1.00 19.50 ? 61  GLU A CA  1 
ATOM   404  C C   . GLU A 1 61  ? 2.277   0.616   13.978  1.00 17.30 ? 61  GLU A C   1 
ATOM   405  O O   . GLU A 1 61  ? 1.492   0.280   13.068  1.00 15.22 ? 61  GLU A O   1 
ATOM   406  C CB  . GLU A 1 61  ? 2.137   -1.208  15.747  1.00 23.09 ? 61  GLU A CB  1 
ATOM   407  C CG  . GLU A 1 61  ? 3.492   -1.758  15.399  1.00 30.78 ? 61  GLU A CG  1 
ATOM   408  C CD  . GLU A 1 61  ? 3.721   -3.178  15.965  1.00 39.14 ? 61  GLU A CD  1 
ATOM   409  O OE1 . GLU A 1 61  ? 4.036   -3.250  17.178  1.00 50.17 ? 61  GLU A OE1 1 
ATOM   410  O OE2 . GLU A 1 61  ? 3.557   -4.190  15.222  1.00 38.43 ? 61  GLU A OE2 1 
ATOM   411  N N   . VAL A 1 62  ? 3.412   1.273   13.767  1.00 16.62 ? 62  VAL A N   1 
ATOM   412  C CA  . VAL A 1 62  ? 3.869   1.632   12.437  1.00 16.20 ? 62  VAL A CA  1 
ATOM   413  C C   . VAL A 1 62  ? 5.318   1.278   12.227  1.00 16.84 ? 62  VAL A C   1 
ATOM   414  O O   . VAL A 1 62  ? 6.190   1.681   13.024  1.00 15.79 ? 62  VAL A O   1 
ATOM   415  C CB  . VAL A 1 62  ? 3.642   3.104   12.122  1.00 15.39 ? 62  VAL A CB  1 
ATOM   416  C CG1 . VAL A 1 62  ? 4.104   3.444   10.708  1.00 15.53 ? 62  VAL A CG1 1 
ATOM   417  C CG2 . VAL A 1 62  ? 2.198   3.472   12.343  1.00 17.40 ? 62  VAL A CG2 1 
ATOM   418  N N   . ILE A 1 63  ? 5.598   0.522   11.169  1.00 17.24 ? 63  ILE A N   1 
ATOM   419  C CA  . ILE A 1 63  ? 6.966   0.091   10.853  1.00 17.56 ? 63  ILE A CA  1 
ATOM   420  C C   . ILE A 1 63  ? 7.305   0.759   9.538   1.00 17.30 ? 63  ILE A C   1 
ATOM   421  O O   . ILE A 1 63  ? 6.595   0.531   8.554   1.00 16.30 ? 63  ILE A O   1 
ATOM   422  C CB  . ILE A 1 63  ? 7.089   -1.422  10.650  1.00 18.53 ? 63  ILE A CB  1 
ATOM   423  C CG1 . ILE A 1 63  ? 6.536   -2.254  11.784  1.00 21.71 ? 63  ILE A CG1 1 
ATOM   424  C CG2 . ILE A 1 63  ? 8.523   -1.784  10.331  1.00 19.71 ? 63  ILE A CG2 1 
ATOM   425  C CD1 . ILE A 1 63  ? 7.107   -1.882  13.085  1.00 26.37 ? 63  ILE A CD1 1 
ATOM   426  N N   . GLY A 1 64  ? 8.335   1.600   9.520   1.00 15.46 ? 64  GLY A N   1 
ATOM   427  C CA  . GLY A 1 64  ? 8.851   2.246   8.297   1.00 15.95 ? 64  GLY A CA  1 
ATOM   428  C C   . GLY A 1 64  ? 10.072  1.516   7.775   1.00 19.24 ? 64  GLY A C   1 
ATOM   429  O O   . GLY A 1 64  ? 10.878  1.024   8.582   1.00 18.30 ? 64  GLY A O   1 
ATOM   430  N N   . ILE A 1 65  ? 10.171  1.334   6.454   1.00 17.92 ? 65  ILE A N   1 
ATOM   431  C CA  . ILE A 1 65  ? 11.299  0.621   5.859   1.00 17.81 ? 65  ILE A CA  1 
ATOM   432  C C   . ILE A 1 65  ? 11.883  1.572   4.802   1.00 17.93 ? 65  ILE A C   1 
ATOM   433  O O   . ILE A 1 65  ? 11.209  1.881   3.817   1.00 19.38 ? 65  ILE A O   1 
ATOM   434  C CB  . ILE A 1 65  ? 10.896  -0.645  5.133   1.00 17.38 ? 65  ILE A CB  1 
ATOM   435  C CG1 . ILE A 1 65  ? 10.032  -1.603  5.961   1.00 18.55 ? 65  ILE A CG1 1 
ATOM   436  C CG2 . ILE A 1 65  ? 12.150  -1.337  4.578   1.00 17.17 ? 65  ILE A CG2 1 
ATOM   437  C CD1 . ILE A 1 65  ? 10.674  -2.029  7.214   1.00 22.18 ? 65  ILE A CD1 1 
ATOM   438  N N   . ILE A 1 66  ? 13.081  2.063   5.012   1.00 18.27 ? 66  ILE A N   1 
ATOM   439  C CA  . ILE A 1 66  ? 13.684  3.108   4.183   1.00 18.53 ? 66  ILE A CA  1 
ATOM   440  C C   . ILE A 1 66  ? 15.113  2.698   3.725   1.00 21.17 ? 66  ILE A C   1 
ATOM   441  O O   . ILE A 1 66  ? 15.883  2.146   4.534   1.00 19.69 ? 66  ILE A O   1 
ATOM   442  C CB  . ILE A 1 66  ? 13.630  4.449   4.934   1.00 20.85 ? 66  ILE A CB  1 
ATOM   443  C CG1 . ILE A 1 66  ? 13.924  5.623   4.018   1.00 22.15 ? 66  ILE A CG1 1 
ATOM   444  C CG2 . ILE A 1 66  ? 14.614  4.534   6.121   1.00 22.68 ? 66  ILE A CG2 1 
ATOM   445  C CD1 . ILE A 1 66  ? 13.584  6.968   4.611   1.00 23.34 ? 66  ILE A CD1 1 
ATOM   446  N N   . PRO A 1 67  ? 15.479  2.951   2.442   1.00 20.33 ? 67  PRO A N   1 
ATOM   447  C CA  . PRO A 1 67  ? 16.871  2.699   2.055   1.00 20.71 ? 67  PRO A CA  1 
ATOM   448  C C   . PRO A 1 67  ? 17.769  3.779   2.635   1.00 21.22 ? 67  PRO A C   1 
ATOM   449  O O   . PRO A 1 67  ? 17.328  4.909   2.862   1.00 19.22 ? 67  PRO A O   1 
ATOM   450  C CB  . PRO A 1 67  ? 16.870  2.777   0.514   1.00 22.66 ? 67  PRO A CB  1 
ATOM   451  C CG  . PRO A 1 67  ? 15.651  3.541   0.138   1.00 23.48 ? 67  PRO A CG  1 
ATOM   452  C CD  . PRO A 1 67  ? 14.687  3.515   1.319   1.00 23.46 ? 67  PRO A CD  1 
ATOM   453  N N   . GLN A 1 68  ? 19.023  3.420   2.891   1.00 26.42 ? 68  GLN A N   1 
ATOM   454  C CA  . GLN A 1 68  ? 20.002  4.413   3.413   1.00 31.13 ? 68  GLN A CA  1 
ATOM   455  C C   . GLN A 1 68  ? 20.053  5.674   2.542   1.00 27.86 ? 68  GLN A C   1 
ATOM   456  O O   . GLN A 1 68  ? 20.076  6.762   3.060   1.00 25.87 ? 68  GLN A O   1 
ATOM   457  C CB  . GLN A 1 68  ? 21.396  3.834   3.443   1.00 35.81 ? 68  GLN A CB  1 
ATOM   458  C CG  . GLN A 1 68  ? 22.419  4.785   4.055   1.00 44.39 ? 68  GLN A CG  1 
ATOM   459  C CD  . GLN A 1 68  ? 23.833  4.250   3.941   1.00 51.58 ? 68  GLN A CD  1 
ATOM   460  O OE1 . GLN A 1 68  ? 24.733  4.747   4.612   1.00 62.75 ? 68  GLN A OE1 1 
ATOM   461  N NE2 . GLN A 1 68  ? 24.037  3.230   3.100   1.00 46.80 ? 68  GLN A NE2 1 
ATOM   462  N N   . SER A 1 69  ? 19.986  5.494   1.236   1.00 28.94 ? 69  SER A N   1 
ATOM   463  C CA  . SER A 1 69  ? 19.979  6.643   0.316   1.00 31.24 ? 69  SER A CA  1 
ATOM   464  C C   . SER A 1 69  ? 18.872  7.657   0.616   1.00 38.68 ? 69  SER A C   1 
ATOM   465  O O   . SER A 1 69  ? 19.154  8.839   0.671   1.00 40.31 ? 69  SER A O   1 
ATOM   466  C CB  . SER A 1 69  ? 19.957  6.180   -1.147  1.00 29.98 ? 69  SER A CB  1 
ATOM   467  O OG  . SER A 1 69  ? 18.748  5.514   -1.480  1.00 33.33 ? 69  SER A OG  1 
ATOM   468  N N   . LEU A 1 70  ? 17.626  7.231   0.837   1.00 35.62 ? 70  LEU A N   1 
ATOM   469  C CA  . LEU A 1 70  ? 16.576  8.192   1.210   1.00 36.94 ? 70  LEU A CA  1 
ATOM   470  C C   . LEU A 1 70  ? 16.679  8.674   2.652   1.00 40.15 ? 70  LEU A C   1 
ATOM   471  O O   . LEU A 1 70  ? 16.204  9.766   2.989   1.00 44.35 ? 70  LEU A O   1 
ATOM   472  C CB  . LEU A 1 70  ? 15.187  7.616   0.957   1.00 36.60 ? 70  LEU A CB  1 
ATOM   473  C CG  . LEU A 1 70  ? 14.908  7.237   -0.497  1.00 38.68 ? 70  LEU A CG  1 
ATOM   474  C CD1 . LEU A 1 70  ? 13.475  6.698   -0.690  1.00 36.45 ? 70  LEU A CD1 1 
ATOM   475  C CD2 . LEU A 1 70  ? 15.178  8.422   -1.434  1.00 41.33 ? 70  LEU A CD2 1 
ATOM   476  N N   A GLN A 1 71  ? 17.272  7.853   3.512   0.50 41.96 ? 71  GLN A N   1 
ATOM   477  N N   B GLN A 1 71  ? 17.268  7.855   3.514   0.50 41.13 ? 71  GLN A N   1 
ATOM   478  C CA  A GLN A 1 71  ? 17.464  8.205   4.922   0.50 42.76 ? 71  GLN A CA  1 
ATOM   479  C CA  B GLN A 1 71  ? 17.453  8.217   4.921   0.50 41.39 ? 71  GLN A CA  1 
ATOM   480  C C   A GLN A 1 71  ? 18.437  9.356   5.033   0.50 44.36 ? 71  GLN A C   1 
ATOM   481  C C   B GLN A 1 71  ? 18.433  9.362   5.029   0.50 43.51 ? 71  GLN A C   1 
ATOM   482  O O   A GLN A 1 71  ? 18.169  10.312  5.755   0.50 43.53 ? 71  GLN A O   1 
ATOM   483  O O   B GLN A 1 71  ? 18.167  10.324  5.744   0.50 42.72 ? 71  GLN A O   1 
ATOM   484  C CB  A GLN A 1 71  ? 17.937  6.979   5.744   0.50 41.78 ? 71  GLN A CB  1 
ATOM   485  C CB  B GLN A 1 71  ? 17.914  6.996   5.750   0.50 39.51 ? 71  GLN A CB  1 
ATOM   486  C CG  A GLN A 1 71  ? 18.413  7.262   7.166   0.50 42.91 ? 71  GLN A CG  1 
ATOM   487  C CG  B GLN A 1 71  ? 18.510  7.301   7.119   0.50 39.85 ? 71  GLN A CG  1 
ATOM   488  C CD  A GLN A 1 71  ? 19.921  7.427   7.259   0.50 42.28 ? 71  GLN A CD  1 
ATOM   489  C CD  B GLN A 1 71  ? 17.469  7.619   8.176   0.50 39.52 ? 71  GLN A CD  1 
ATOM   490  O OE1 A GLN A 1 71  ? 20.424  8.532   7.453   0.50 47.87 ? 71  GLN A OE1 1 
ATOM   491  O OE1 B GLN A 1 71  ? 17.810  7.805   9.343   0.50 42.41 ? 71  GLN A OE1 1 
ATOM   492  N NE2 A GLN A 1 71  ? 20.649  6.336   7.095   0.50 41.37 ? 71  GLN A NE2 1 
ATOM   493  N NE2 B GLN A 1 71  ? 16.200  7.676   7.776   0.50 33.64 ? 71  GLN A NE2 1 
ATOM   494  N N   . GLU A 1 72  ? 19.548  9.300   4.304   1.00 49.64 ? 72  GLU A N   1 
ATOM   495  C CA  . GLU A 1 72  ? 20.537  10.437  4.357   1.00 57.00 ? 72  GLU A CA  1 
ATOM   496  C C   . GLU A 1 72  ? 20.099  11.676  3.516   1.00 55.02 ? 72  GLU A C   1 
ATOM   497  O O   . GLU A 1 72  ? 20.514  12.780  3.813   1.00 57.49 ? 72  GLU A O   1 
ATOM   498  C CB  . GLU A 1 72  ? 22.001  9.985   4.208   1.00 58.57 ? 72  GLU A CB  1 
ATOM   499  C CG  . GLU A 1 72  ? 22.437  9.422   2.876   1.00 58.90 ? 72  GLU A CG  1 
ATOM   500  C CD  . GLU A 1 72  ? 23.495  8.325   3.005   1.00 61.16 ? 72  GLU A CD  1 
ATOM   501  O OE1 . GLU A 1 72  ? 23.900  7.945   4.128   1.00 66.21 ? 72  GLU A OE1 1 
ATOM   502  O OE2 . GLU A 1 72  ? 23.905  7.803   1.960   1.00 65.23 ? 72  GLU A OE2 1 
ATOM   503  N N   . ALA A 1 73  ? 19.153  11.485  2.587   1.00 53.61 ? 73  ALA A N   1 
ATOM   504  C CA  . ALA A 1 73  ? 18.265  12.572  2.099   1.00 48.97 ? 73  ALA A CA  1 
ATOM   505  C C   . ALA A 1 73  ? 17.209  13.074  3.116   1.00 51.05 ? 73  ALA A C   1 
ATOM   506  O O   . ALA A 1 73  ? 16.307  13.858  2.767   1.00 55.92 ? 73  ALA A O   1 
ATOM   507  C CB  . ALA A 1 73  ? 17.566  12.136  0.828   1.00 45.17 ? 73  ALA A CB  1 
ATOM   508  N N   . GLU A 1 74  ? 17.308  12.606  4.354   1.00 51.80 ? 74  GLU A N   1 
ATOM   509  C CA  . GLU A 1 74  ? 16.614  13.167  5.522   1.00 57.23 ? 74  GLU A CA  1 
ATOM   510  C C   . GLU A 1 74  ? 15.095  13.160  5.387   1.00 53.29 ? 74  GLU A C   1 
ATOM   511  O O   . GLU A 1 74  ? 14.458  14.055  5.943   1.00 46.04 ? 74  GLU A O   1 
ATOM   512  C CB  . GLU A 1 74  ? 17.098  14.605  5.841   1.00 59.04 ? 74  GLU A CB  1 
ATOM   513  C CG  . GLU A 1 74  ? 18.582  14.854  5.591   1.00 66.70 ? 74  GLU A CG  1 
ATOM   514  C CD  . GLU A 1 74  ? 19.050  16.199  6.127   1.00 74.42 ? 74  GLU A CD  1 
ATOM   515  O OE1 . GLU A 1 74  ? 19.033  16.354  7.366   1.00 76.68 ? 74  GLU A OE1 1 
ATOM   516  O OE2 . GLU A 1 74  ? 19.448  17.085  5.325   1.00 73.54 ? 74  GLU A OE2 1 
ATOM   517  N N   . ILE A 1 75  ? 14.507  12.202  4.658   1.00 45.92 ? 75  ILE A N   1 
ATOM   518  C CA  . ILE A 1 75  ? 13.023  12.186  4.576   1.00 44.10 ? 75  ILE A CA  1 
ATOM   519  C C   . ILE A 1 75  ? 12.345  11.249  5.618   1.00 42.99 ? 75  ILE A C   1 
ATOM   520  O O   . ILE A 1 75  ? 11.131  11.079  5.524   1.00 43.12 ? 75  ILE A O   1 
ATOM   521  C CB  . ILE A 1 75  ? 12.482  11.980  3.108   1.00 49.25 ? 75  ILE A CB  1 
ATOM   522  C CG1 . ILE A 1 75  ? 12.632  10.547  2.583   1.00 47.46 ? 75  ILE A CG1 1 
ATOM   523  C CG2 . ILE A 1 75  ? 13.107  12.987  2.096   1.00 47.31 ? 75  ILE A CG2 1 
ATOM   524  C CD1 . ILE A 1 75  ? 11.734  10.269  1.383   1.00 47.57 ? 75  ILE A CD1 1 
ATOM   525  N N   . GLY A 1 76  ? 13.109  10.685  6.591   1.00 32.50 ? 76  GLY A N   1 
ATOM   526  C CA  . GLY A 1 76  ? 12.682  9.546   7.440   1.00 28.84 ? 76  GLY A CA  1 
ATOM   527  C C   . GLY A 1 76  ? 11.901  9.900   8.695   1.00 29.24 ? 76  GLY A C   1 
ATOM   528  O O   . GLY A 1 76  ? 12.307  10.759  9.471   1.00 29.87 ? 76  GLY A O   1 
ATOM   529  N N   . HIS A 1 77  ? 10.817  9.200   8.947   1.00 22.68 ? 77  HIS A N   1 
ATOM   530  C CA  . HIS A 1 77  ? 9.954   9.500   10.064  1.00 22.65 ? 77  HIS A CA  1 
ATOM   531  C C   . HIS A 1 77  ? 10.597  9.221   11.414  1.00 23.29 ? 77  HIS A C   1 
ATOM   532  O O   . HIS A 1 77  ? 11.124  8.199   11.608  1.00 23.19 ? 77  HIS A O   1 
ATOM   533  C CB  . HIS A 1 77  ? 8.649   8.746   9.923   1.00 20.17 ? 77  HIS A CB  1 
ATOM   534  C CG  . HIS A 1 77  ? 7.489   9.388   10.598  1.00 20.16 ? 77  HIS A CG  1 
ATOM   535  N ND1 . HIS A 1 77  ? 7.401   9.524   11.947  1.00 20.40 ? 77  HIS A ND1 1 
ATOM   536  C CD2 . HIS A 1 77  ? 6.338   9.884   10.107  1.00 19.66 ? 77  HIS A CD2 1 
ATOM   537  C CE1 . HIS A 1 77  ? 6.267   10.097  12.266  1.00 22.47 ? 77  HIS A CE1 1 
ATOM   538  N NE2 . HIS A 1 77  ? 5.603   10.329  11.162  1.00 20.23 ? 77  HIS A NE2 1 
ATOM   539  N N   . LYS A 1 78  ? 10.498  10.171  12.319  1.00 25.83 ? 78  LYS A N   1 
ATOM   540  C CA  . LYS A 1 78  ? 11.118  10.072  13.633  1.00 30.66 ? 78  LYS A CA  1 
ATOM   541  C C   . LYS A 1 78  ? 10.261  9.586   14.788  1.00 28.57 ? 78  LYS A C   1 
ATOM   542  O O   . LYS A 1 78  ? 10.743  9.480   15.874  1.00 30.70 ? 78  LYS A O   1 
ATOM   543  C CB  . LYS A 1 78  ? 11.743  11.400  14.007  1.00 35.70 ? 78  LYS A CB  1 
ATOM   544  C CG  . LYS A 1 78  ? 12.995  11.698  13.241  1.00 40.04 ? 78  LYS A CG  1 
ATOM   545  C CD  . LYS A 1 78  ? 13.675  12.934  13.765  1.00 49.52 ? 78  LYS A CD  1 
ATOM   546  C CE  . LYS A 1 78  ? 14.868  13.299  12.921  1.00 59.77 ? 78  LYS A CE  1 
ATOM   547  N NZ  . LYS A 1 78  ? 16.150  12.959  13.606  1.00 68.49 ? 78  LYS A NZ  1 
ATOM   548  N N   . GLY A 1 79  ? 8.989   9.344   14.556  1.00 22.59 ? 79  GLY A N   1 
ATOM   549  C CA  . GLY A 1 79  ? 8.074   8.876   15.558  1.00 20.85 ? 79  GLY A CA  1 
ATOM   550  C C   . GLY A 1 79  ? 7.416   7.527   15.358  1.00 19.29 ? 79  GLY A C   1 
ATOM   551  O O   . GLY A 1 79  ? 6.402   7.289   15.888  1.00 18.28 ? 79  GLY A O   1 
ATOM   552  N N   . LEU A 1 80  ? 8.039   6.630   14.617  1.00 20.17 ? 80  LEU A N   1 
ATOM   553  C CA  . LEU A 1 80  ? 7.442   5.332   14.358  1.00 20.24 ? 80  LEU A CA  1 
ATOM   554  C C   . LEU A 1 80  ? 7.742   4.321   15.438  1.00 23.36 ? 80  LEU A C   1 
ATOM   555  O O   . LEU A 1 80  ? 8.516   4.570   16.290  1.00 23.42 ? 80  LEU A O   1 
ATOM   556  C CB  . LEU A 1 80  ? 7.966   4.756   13.056  1.00 19.20 ? 80  LEU A CB  1 
ATOM   557  C CG  . LEU A 1 80  ? 8.024   5.658   11.847  1.00 19.85 ? 80  LEU A CG  1 
ATOM   558  C CD1 . LEU A 1 80  ? 8.583   4.895   10.693  1.00 20.75 ? 80  LEU A CD1 1 
ATOM   559  C CD2 . LEU A 1 80  ? 6.667   6.260   11.537  1.00 20.86 ? 80  LEU A CD2 1 
ATOM   560  N N   . THR A 1 81  ? 7.101   3.170   15.353  1.00 20.01 ? 81  THR A N   1 
ATOM   561  C CA  . THR A 1 81  ? 7.365   2.100   16.259  1.00 19.37 ? 81  THR A CA  1 
ATOM   562  C C   . THR A 1 81  ? 8.804   1.659   15.948  1.00 21.55 ? 81  THR A C   1 
ATOM   563  O O   . THR A 1 81  ? 9.559   1.492   16.824  1.00 21.64 ? 81  THR A O   1 
ATOM   564  C CB  . THR A 1 81  ? 6.375   0.961   16.140  1.00 18.00 ? 81  THR A CB  1 
ATOM   565  O OG1 . THR A 1 81  ? 5.055   1.459   16.222  1.00 16.23 ? 81  THR A OG1 1 
ATOM   566  C CG2 . THR A 1 81  ? 6.589   -0.012  17.225  1.00 20.48 ? 81  THR A CG2 1 
ATOM   567  N N   . ARG A 1 82  ? 9.123   1.487   14.671  1.00 18.65 ? 82  ARG A N   1 
ATOM   568  C CA  . ARG A 1 82  ? 10.477  1.206   14.243  1.00 19.87 ? 82  ARG A CA  1 
ATOM   569  C C   . ARG A 1 82  ? 10.678  1.738   12.861  1.00 19.91 ? 82  ARG A C   1 
ATOM   570  O O   . ARG A 1 82  ? 9.814   1.633   12.052  1.00 17.07 ? 82  ARG A O   1 
ATOM   571  C CB  . ARG A 1 82  ? 10.876  -0.258  14.041  1.00 21.82 ? 82  ARG A CB  1 
ATOM   572  C CG  . ARG A 1 82  ? 10.328  -1.377  14.813  1.00 27.39 ? 82  ARG A CG  1 
ATOM   573  C CD  . ARG A 1 82  ? 11.246  -2.588  14.600  1.00 23.91 ? 82  ARG A CD  1 
ATOM   574  N NE  . ARG A 1 82  ? 10.939  -3.381  13.435  1.00 23.60 ? 82  ARG A NE  1 
ATOM   575  C CZ  . ARG A 1 82  ? 10.005  -4.312  13.375  1.00 23.03 ? 82  ARG A CZ  1 
ATOM   576  N NH1 . ARG A 1 82  ? 9.276   -4.573  14.419  1.00 22.66 ? 82  ARG A NH1 1 
ATOM   577  N NH2 . ARG A 1 82  ? 9.786   -4.972  12.272  1.00 23.39 ? 82  ARG A NH2 1 
ATOM   578  N N   . LEU A 1 83  ? 11.874  2.225   12.612  1.00 18.01 ? 83  LEU A N   1 
ATOM   579  C CA  . LEU A 1 83  ? 12.259  2.664   11.306  1.00 19.08 ? 83  LEU A CA  1 
ATOM   580  C C   . LEU A 1 83  ? 13.457  1.821   10.914  1.00 19.23 ? 83  LEU A C   1 
ATOM   581  O O   . LEU A 1 83  ? 14.475  1.941   11.496  1.00 19.71 ? 83  LEU A O   1 
ATOM   582  C CB  . LEU A 1 83  ? 12.595  4.131   11.274  1.00 19.28 ? 83  LEU A CB  1 
ATOM   583  C CG  . LEU A 1 83  ? 13.164  4.616   9.963   1.00 20.92 ? 83  LEU A CG  1 
ATOM   584  C CD1 . LEU A 1 83  ? 12.086  4.729   8.910   1.00 22.04 ? 83  LEU A CD1 1 
ATOM   585  C CD2 . LEU A 1 83  ? 13.845  5.947   10.134  1.00 22.66 ? 83  LEU A CD2 1 
ATOM   586  N N   . GLU A 1 84  ? 13.269  0.940   9.957   1.00 18.93 ? 84  GLU A N   1 
ATOM   587  C CA  . GLU A 1 84  ? 14.308  0.068   9.472   1.00 19.32 ? 84  GLU A CA  1 
ATOM   588  C C   . GLU A 1 84  ? 15.028  0.667   8.244   1.00 20.13 ? 84  GLU A C   1 
ATOM   589  O O   . GLU A 1 84  ? 14.416  0.920   7.263   1.00 18.65 ? 84  GLU A O   1 
ATOM   590  C CB  . GLU A 1 84  ? 13.759  -1.310  9.129   1.00 20.85 ? 84  GLU A CB  1 
ATOM   591  C CG  . GLU A 1 84  ? 12.788  -1.934  10.117  1.00 23.87 ? 84  GLU A CG  1 
ATOM   592  C CD  . GLU A 1 84  ? 12.445  -3.385  9.824   1.00 27.91 ? 84  GLU A CD  1 
ATOM   593  O OE1 . GLU A 1 84  ? 12.771  -3.877  8.764   1.00 29.63 ? 84  GLU A OE1 1 
ATOM   594  O OE2 . GLU A 1 84  ? 11.836  -4.023  10.670  1.00 28.50 ? 84  GLU A OE2 1 
ATOM   595  N N   . VAL A 1 85  ? 16.330  0.872   8.366   1.00 17.08 ? 85  VAL A N   1 
ATOM   596  C CA  . VAL A 1 85  ? 17.184  1.400   7.321   1.00 18.38 ? 85  VAL A CA  1 
ATOM   597  C C   . VAL A 1 85  ? 17.889  0.237   6.649   1.00 18.53 ? 85  VAL A C   1 
ATOM   598  O O   . VAL A 1 85  ? 18.560  -0.501  7.274   1.00 19.43 ? 85  VAL A O   1 
ATOM   599  C CB  . VAL A 1 85  ? 18.199  2.412   7.850   1.00 17.41 ? 85  VAL A CB  1 
ATOM   600  C CG1 . VAL A 1 85  ? 18.820  3.140   6.712   1.00 19.77 ? 85  VAL A CG1 1 
ATOM   601  C CG2 . VAL A 1 85  ? 17.546  3.402   8.765   1.00 18.82 ? 85  VAL A CG2 1 
ATOM   602  N N   . VAL A 1 86  ? 17.678  0.090   5.363   1.00 18.11 ? 86  VAL A N   1 
ATOM   603  C CA  . VAL A 1 86  ? 18.175  -1.059  4.621   1.00 19.50 ? 86  VAL A CA  1 
ATOM   604  C C   . VAL A 1 86  ? 19.085  -0.570  3.444   1.00 21.72 ? 86  VAL A C   1 
ATOM   605  O O   . VAL A 1 86  ? 19.219  0.625   3.170   1.00 22.98 ? 86  VAL A O   1 
ATOM   606  C CB  . VAL A 1 86  ? 17.028  -1.984  4.095   1.00 21.40 ? 86  VAL A CB  1 
ATOM   607  C CG1 . VAL A 1 86  ? 16.161  -2.458  5.229   1.00 22.22 ? 86  VAL A CG1 1 
ATOM   608  C CG2 . VAL A 1 86  ? 16.166  -1.266  3.099   1.00 20.04 ? 86  VAL A CG2 1 
ATOM   609  N N   . ASP A 1 87  ? 19.678  -1.530  2.787   1.00 24.63 ? 87  ASP A N   1 
ATOM   610  C CA  . ASP A 1 87  ? 20.616  -1.348  1.712   1.00 27.55 ? 87  ASP A CA  1 
ATOM   611  C C   . ASP A 1 87  ? 20.006  -1.413  0.326   1.00 26.22 ? 87  ASP A C   1 
ATOM   612  O O   . ASP A 1 87  ? 20.040  -2.412  -0.301  1.00 28.52 ? 87  ASP A O   1 
ATOM   613  C CB  . ASP A 1 87  ? 21.689  -2.422  1.830   1.00 29.67 ? 87  ASP A CB  1 
ATOM   614  C CG  . ASP A 1 87  ? 22.839  -2.188  0.919   1.00 36.04 ? 87  ASP A CG  1 
ATOM   615  O OD1 . ASP A 1 87  ? 23.000  -1.093  0.429   1.00 35.96 ? 87  ASP A OD1 1 
ATOM   616  O OD2 . ASP A 1 87  ? 23.587  -3.124  0.675   1.00 42.48 ? 87  ASP A OD2 1 
ATOM   617  N N   . GLY A 1 88  ? 19.462  -0.314  -0.125  1.00 27.35 ? 88  GLY A N   1 
ATOM   618  C CA  . GLY A 1 88  ? 18.880  -0.257  -1.437  1.00 29.71 ? 88  GLY A CA  1 
ATOM   619  C C   . GLY A 1 88  ? 17.382  -0.409  -1.545  1.00 27.00 ? 88  GLY A C   1 
ATOM   620  O O   . GLY A 1 88  ? 16.748  -0.886  -0.682  1.00 18.20 ? 88  GLY A O   1 
ATOM   621  N N   . MET A 1 89  ? 16.869  0.072   -2.665  1.00 26.27 ? 89  MET A N   1 
ATOM   622  C CA  . MET A 1 89  ? 15.469  0.013   -3.005  1.00 26.68 ? 89  MET A CA  1 
ATOM   623  C C   . MET A 1 89  ? 14.928  -1.398  -3.135  1.00 22.34 ? 89  MET A C   1 
ATOM   624  O O   . MET A 1 89  ? 13.815  -1.674  -2.763  1.00 20.73 ? 89  MET A O   1 
ATOM   625  C CB  . MET A 1 89  ? 15.257  0.720   -4.323  1.00 30.96 ? 89  MET A CB  1 
ATOM   626  C CG  . MET A 1 89  ? 15.596  2.168   -4.296  1.00 37.40 ? 89  MET A CG  1 
ATOM   627  S SD  . MET A 1 89  ? 14.305  3.033   -3.462  1.00 45.69 ? 89  MET A SD  1 
ATOM   628  C CE  . MET A 1 89  ? 14.314  4.460   -4.504  1.00 50.72 ? 89  MET A CE  1 
ATOM   629  N N   . HIS A 1 90  ? 15.730  -2.288  -3.694  1.00 21.45 ? 90  HIS A N   1 
ATOM   630  C CA  . HIS A 1 90  ? 15.298  -3.654  -3.840  1.00 21.06 ? 90  HIS A CA  1 
ATOM   631  C C   . HIS A 1 90  ? 15.111  -4.334  -2.486  1.00 22.19 ? 90  HIS A C   1 
ATOM   632  O O   . HIS A 1 90  ? 14.152  -4.974  -2.257  1.00 18.77 ? 90  HIS A O   1 
ATOM   633  C CB  . HIS A 1 90  ? 16.207  -4.484  -4.727  1.00 24.34 ? 90  HIS A CB  1 
ATOM   634  C CG  . HIS A 1 90  ? 15.763  -5.899  -4.854  1.00 25.89 ? 90  HIS A CG  1 
ATOM   635  N ND1 . HIS A 1 90  ? 14.634  -6.259  -5.535  1.00 29.92 ? 90  HIS A ND1 1 
ATOM   636  C CD2 . HIS A 1 90  ? 16.270  -7.042  -4.356  1.00 30.80 ? 90  HIS A CD2 1 
ATOM   637  C CE1 . HIS A 1 90  ? 14.467  -7.558  -5.461  1.00 29.60 ? 90  HIS A CE1 1 
ATOM   638  N NE2 . HIS A 1 90  ? 15.447  -8.058  -4.751  1.00 32.02 ? 90  HIS A NE2 1 
ATOM   639  N N   . ALA A 1 91  ? 16.066  -4.139  -1.582  1.00 19.74 ? 91  ALA A N   1 
ATOM   640  C CA  . ALA A 1 91  ? 15.980  -4.687  -0.233  1.00 19.37 ? 91  ALA A CA  1 
ATOM   641  C C   . ALA A 1 91  ? 14.759  -4.102  0.479   1.00 17.04 ? 91  ALA A C   1 
ATOM   642  O O   . ALA A 1 91  ? 14.057  -4.791  1.133   1.00 15.47 ? 91  ALA A O   1 
ATOM   643  C CB  . ALA A 1 91  ? 17.250  -4.406  0.543   1.00 21.21 ? 91  ALA A CB  1 
ATOM   644  N N   . ARG A 1 92  ? 14.543  -2.814  0.299   1.00 17.34 ? 92  ARG A N   1 
ATOM   645  C CA  . ARG A 1 92  ? 13.405  -2.124  0.869   1.00 18.18 ? 92  ARG A CA  1 
ATOM   646  C C   . ARG A 1 92  ? 12.091  -2.792  0.502   1.00 21.37 ? 92  ARG A C   1 
ATOM   647  O O   . ARG A 1 92  ? 11.344  -3.141  1.345   1.00 18.97 ? 92  ARG A O   1 
ATOM   648  C CB  . ARG A 1 92  ? 13.396  -0.664  0.458   1.00 18.69 ? 92  ARG A CB  1 
ATOM   649  C CG  . ARG A 1 92  ? 12.426  0.215   1.197   1.00 20.15 ? 92  ARG A CG  1 
ATOM   650  C CD  . ARG A 1 92  ? 11.748  1.215   0.281   1.00 19.72 ? 92  ARG A CD  1 
ATOM   651  N NE  . ARG A 1 92  ? 11.316  2.380   0.988   1.00 19.43 ? 92  ARG A NE  1 
ATOM   652  C CZ  . ARG A 1 92  ? 11.096  3.556   0.447   1.00 21.25 ? 92  ARG A CZ  1 
ATOM   653  N NH1 . ARG A 1 92  ? 11.206  3.733   -0.837  1.00 22.76 ? 92  ARG A NH1 1 
ATOM   654  N NH2 . ARG A 1 92  ? 10.743  4.541   1.202   1.00 21.50 ? 92  ARG A NH2 1 
ATOM   655  N N   . LYS A 1 93  ? 11.841  -2.939  -0.788  1.00 19.90 ? 93  LYS A N   1 
ATOM   656  C CA  . LYS A 1 93  ? 10.624  -3.544  -1.278  1.00 20.35 ? 93  LYS A CA  1 
ATOM   657  C C   . LYS A 1 93  ? 10.475  -4.983  -0.787  1.00 19.70 ? 93  LYS A C   1 
ATOM   658  O O   . LYS A 1 93  ? 9.442   -5.359  -0.387  1.00 17.63 ? 93  LYS A O   1 
ATOM   659  C CB  . LYS A 1 93  ? 10.553  -3.487  -2.805  1.00 23.40 ? 93  LYS A CB  1 
ATOM   660  C CG  . LYS A 1 93  ? 10.337  -2.104  -3.366  1.00 28.59 ? 93  LYS A CG  1 
ATOM   661  C CD  . LYS A 1 93  ? 10.081  -2.107  -4.888  1.00 31.47 ? 93  LYS A CD  1 
ATOM   662  C CE  . LYS A 1 93  ? 11.423  -2.235  -5.587  1.00 36.80 ? 93  LYS A CE  1 
ATOM   663  N NZ  . LYS A 1 93  ? 11.537  -1.734  -6.974  1.00 38.13 ? 93  LYS A NZ  1 
ATOM   664  N N   . ALA A 1 94  ? 11.546  -5.750  -0.820  1.00 16.74 ? 94  ALA A N   1 
ATOM   665  C CA  . ALA A 1 94  ? 11.484  -7.113  -0.342  1.00 18.59 ? 94  ALA A CA  1 
ATOM   666  C C   . ALA A 1 94  ? 11.125  -7.180  1.164   1.00 15.60 ? 94  ALA A C   1 
ATOM   667  O O   . ALA A 1 94  ? 10.380  -7.991  1.527   1.00 16.33 ? 94  ALA A O   1 
ATOM   668  C CB  . ALA A 1 94  ? 12.760  -7.875  -0.636  1.00 18.68 ? 94  ALA A CB  1 
ATOM   669  N N   . ARG A 1 95  ? 11.678  -6.292  1.976   1.00 17.19 ? 95  ARG A N   1 
ATOM   670  C CA  . ARG A 1 95  ? 11.418  -6.241  3.411   1.00 17.99 ? 95  ARG A CA  1 
ATOM   671  C C   . ARG A 1 95  ? 9.963   -5.850  3.681   1.00 17.16 ? 95  ARG A C   1 
ATOM   672  O O   . ARG A 1 95  ? 9.294   -6.448  4.438   1.00 16.35 ? 95  ARG A O   1 
ATOM   673  C CB  . ARG A 1 95  ? 12.381  -5.294  4.105   1.00 19.42 ? 95  ARG A CB  1 
ATOM   674  C CG  . ARG A 1 95  ? 12.225  -5.215  5.602   1.00 19.26 ? 95  ARG A CG  1 
ATOM   675  C CD  . ARG A 1 95  ? 12.528  -6.507  6.321   1.00 21.13 ? 95  ARG A CD  1 
ATOM   676  N NE  . ARG A 1 95  ? 12.459  -6.303  7.746   1.00 21.93 ? 95  ARG A NE  1 
ATOM   677  C CZ  . ARG A 1 95  ? 12.213  -7.239  8.635   1.00 21.52 ? 95  ARG A CZ  1 
ATOM   678  N NH1 . ARG A 1 95  ? 12.031  -8.469  8.245   1.00 22.62 ? 95  ARG A NH1 1 
ATOM   679  N NH2 . ARG A 1 95  ? 12.127  -6.921  9.906   1.00 20.52 ? 95  ARG A NH2 1 
ATOM   680  N N   . MET A 1 96  ? 9.498   -4.846  2.966   1.00 17.59 ? 96  MET A N   1 
ATOM   681  C CA  . MET A 1 96  ? 8.124   -4.416  3.049   1.00 17.67 ? 96  MET A CA  1 
ATOM   682  C C   . MET A 1 96  ? 7.203   -5.587  2.741   1.00 19.10 ? 96  MET A C   1 
ATOM   683  O O   . MET A 1 96  ? 6.308   -5.829  3.463   1.00 18.56 ? 96  MET A O   1 
ATOM   684  C CB  . MET A 1 96  ? 7.864   -3.260  2.099   1.00 19.41 ? 96  MET A CB  1 
ATOM   685  C CG  . MET A 1 96  ? 8.458   -1.965  2.574   1.00 22.01 ? 96  MET A CG  1 
ATOM   686  S SD  . MET A 1 96  ? 8.251   -0.600  1.431   1.00 28.78 ? 96  MET A SD  1 
ATOM   687  C CE  . MET A 1 96  ? 6.546   -0.255  1.633   1.00 36.08 ? 96  MET A CE  1 
ATOM   688  N N   . ALA A 1 97  ? 7.470   -6.332  1.679   1.00 18.22 ? 97  ALA A N   1 
ATOM   689  C CA  . ALA A 1 97  ? 6.652   -7.465  1.345   1.00 18.19 ? 97  ALA A CA  1 
ATOM   690  C C   . ALA A 1 97  ? 6.747   -8.569  2.405   1.00 19.54 ? 97  ALA A C   1 
ATOM   691  O O   . ALA A 1 97  ? 5.797   -9.130  2.770   1.00 19.31 ? 97  ALA A O   1 
ATOM   692  C CB  . ALA A 1 97  ? 7.028   -7.999  0.016   1.00 17.54 ? 97  ALA A CB  1 
ATOM   693  N N   . GLU A 1 98  ? 7.935   -8.810  2.891   1.00 20.12 ? 98  GLU A N   1 
ATOM   694  C CA  . GLU A 1 98  ? 8.155   -9.816  3.899   1.00 20.92 ? 98  GLU A CA  1 
ATOM   695  C C   . GLU A 1 98  ? 7.281   -9.602  5.149   1.00 21.64 ? 98  GLU A C   1 
ATOM   696  O O   . GLU A 1 98  ? 6.761   -10.512 5.662   1.00 21.07 ? 98  GLU A O   1 
ATOM   697  C CB  . GLU A 1 98  ? 9.633   -9.841  4.278   1.00 23.76 ? 98  GLU A CB  1 
ATOM   698  C CG  . GLU A 1 98  ? 10.022  -10.804 5.366   1.00 28.28 ? 98  GLU A CG  1 
ATOM   699  C CD  . GLU A 1 98  ? 11.510  -10.755 5.770   1.00 36.72 ? 98  GLU A CD  1 
ATOM   700  O OE1 . GLU A 1 98  ? 12.272  -9.873  5.421   1.00 29.76 ? 98  GLU A OE1 1 
ATOM   701  O OE2 . GLU A 1 98  ? 11.927  -11.665 6.472   1.00 47.11 ? 98  GLU A OE2 1 
ATOM   702  N N   . LEU A 1 99  ? 7.152   -8.371  5.613   1.00 19.53 ? 99  LEU A N   1 
ATOM   703  C CA  . LEU A 1 99  ? 6.366   -8.053  6.777   1.00 17.60 ? 99  LEU A CA  1 
ATOM   704  C C   . LEU A 1 99  ? 4.863   -7.873  6.585   1.00 18.62 ? 99  LEU A C   1 
ATOM   705  O O   . LEU A 1 99  ? 4.142   -7.741  7.527   1.00 20.82 ? 99  LEU A O   1 
ATOM   706  C CB  . LEU A 1 99  ? 6.868   -6.756  7.345   1.00 18.67 ? 99  LEU A CB  1 
ATOM   707  C CG  . LEU A 1 99  ? 8.306   -6.705  7.773   1.00 18.46 ? 99  LEU A CG  1 
ATOM   708  C CD1 . LEU A 1 99  ? 8.681   -5.306  8.122   1.00 18.97 ? 99  LEU A CD1 1 
ATOM   709  C CD2 . LEU A 1 99  ? 8.459   -7.611  8.957   1.00 21.06 ? 99  LEU A CD2 1 
ATOM   710  N N   . ALA A 1 100 ? 4.427   -7.846  5.356   1.00 17.81 ? 100 ALA A N   1 
ATOM   711  C CA  . ALA A 1 100 ? 3.046   -7.562  5.057   1.00 18.44 ? 100 ALA A CA  1 
ATOM   712  C C   . ALA A 1 100 ? 2.205   -8.790  4.784   1.00 16.15 ? 100 ALA A C   1 
ATOM   713  O O   . ALA A 1 100 ? 2.699   -9.726  4.263   1.00 17.08 ? 100 ALA A O   1 
ATOM   714  C CB  . ALA A 1 100 ? 2.978   -6.636  3.852   1.00 19.51 ? 100 ALA A CB  1 
ATOM   715  N N   . ASP A 1 101 ? 0.942   -8.748  5.160   1.00 16.05 ? 101 ASP A N   1 
ATOM   716  C CA  . ASP A 1 101 ? -0.009  -9.810  4.847   1.00 15.80 ? 101 ASP A CA  1 
ATOM   717  C C   . ASP A 1 101 ? -0.883  -9.450  3.622   1.00 15.63 ? 101 ASP A C   1 
ATOM   718  O O   . ASP A 1 101 ? -1.536  -10.261 3.035   1.00 14.49 ? 101 ASP A O   1 
ATOM   719  C CB  . ASP A 1 101 ? -0.929  -10.119 6.011   1.00 17.26 ? 101 ASP A CB  1 
ATOM   720  C CG  . ASP A 1 101 ? -0.184  -10.686 7.207   1.00 20.72 ? 101 ASP A CG  1 
ATOM   721  O OD1 . ASP A 1 101 ? 0.645   -11.549 7.018   1.00 22.46 ? 101 ASP A OD1 1 
ATOM   722  O OD2 . ASP A 1 101 ? -0.435  -10.240 8.296   1.00 21.17 ? 101 ASP A OD2 1 
ATOM   723  N N   . ALA A 1 102 ? -0.889  -8.173  3.322   1.00 15.41 ? 102 ALA A N   1 
ATOM   724  C CA  . ALA A 1 102 ? -1.636  -7.594  2.225   1.00 14.33 ? 102 ALA A CA  1 
ATOM   725  C C   . ALA A 1 102 ? -1.040  -6.212  1.871   1.00 13.69 ? 102 ALA A C   1 
ATOM   726  O O   . ALA A 1 102 ? -0.239  -5.643  2.638   1.00 11.59 ? 102 ALA A O   1 
ATOM   727  C CB  . ALA A 1 102 ? -3.107  -7.504  2.595   1.00 15.09 ? 102 ALA A CB  1 
ATOM   728  N N   . PHE A 1 103 ? -1.413  -5.683  0.704   1.00 12.82 ? 103 PHE A N   1 
ATOM   729  C CA  . PHE A 1 103 ? -0.890  -4.433  0.202   1.00 12.31 ? 103 PHE A CA  1 
ATOM   730  C C   . PHE A 1 103 ? -2.035  -3.501  -0.273  1.00 13.39 ? 103 PHE A C   1 
ATOM   731  O O   . PHE A 1 103 ? -3.024  -4.001  -0.836  1.00 12.76 ? 103 PHE A O   1 
ATOM   732  C CB  . PHE A 1 103 ? 0.003   -4.700  -1.006  1.00 13.50 ? 103 PHE A CB  1 
ATOM   733  C CG  . PHE A 1 103 ? 1.165   -5.597  -0.707  1.00 14.63 ? 103 PHE A CG  1 
ATOM   734  C CD1 . PHE A 1 103 ? 2.333   -5.084  -0.207  1.00 14.92 ? 103 PHE A CD1 1 
ATOM   735  C CD2 . PHE A 1 103 ? 1.022   -6.957  -0.823  1.00 16.77 ? 103 PHE A CD2 1 
ATOM   736  C CE1 . PHE A 1 103 ? 3.403   -5.921  0.096   1.00 16.24 ? 103 PHE A CE1 1 
ATOM   737  C CE2 . PHE A 1 103 ? 2.060   -7.829  -0.511  1.00 17.71 ? 103 PHE A CE2 1 
ATOM   738  C CZ  . PHE A 1 103 ? 3.261   -7.316  -0.050  1.00 17.48 ? 103 PHE A CZ  1 
ATOM   739  N N   . ILE A 1 104 ? -1.905  -2.221  0.035   1.00 11.80 ? 104 ILE A N   1 
ATOM   740  C CA  . ILE A 1 104 ? -2.869  -1.187  -0.358  1.00 14.09 ? 104 ILE A CA  1 
ATOM   741  C C   . ILE A 1 104 ? -2.066  -0.063  -1.023  1.00 14.90 ? 104 ILE A C   1 
ATOM   742  O O   . ILE A 1 104 ? -1.074  0.422   -0.423  1.00 15.26 ? 104 ILE A O   1 
ATOM   743  C CB  . ILE A 1 104 ? -3.708  -0.609  0.761   1.00 14.08 ? 104 ILE A CB  1 
ATOM   744  C CG1 . ILE A 1 104 ? -4.698  -1.675  1.281   1.00 16.24 ? 104 ILE A CG1 1 
ATOM   745  C CG2 . ILE A 1 104 ? -4.544  0.600   0.275   1.00 13.67 ? 104 ILE A CG2 1 
ATOM   746  C CD1 . ILE A 1 104 ? -5.385  -1.377  2.594   1.00 17.79 ? 104 ILE A CD1 1 
ATOM   747  N N   . ALA A 1 105 ? -2.503  0.344   -2.224  1.00 13.99 ? 105 ALA A N   1 
ATOM   748  C CA  . ALA A 1 105 ? -2.023  1.576   -2.859  1.00 14.60 ? 105 ALA A CA  1 
ATOM   749  C C   . ALA A 1 105 ? -3.020  2.674   -2.666  1.00 14.41 ? 105 ALA A C   1 
ATOM   750  O O   . ALA A 1 105 ? -4.147  2.540   -3.111  1.00 12.28 ? 105 ALA A O   1 
ATOM   751  C CB  . ALA A 1 105 ? -1.777  1.374   -4.336  1.00 14.33 ? 105 ALA A CB  1 
ATOM   752  N N   . LEU A 1 106 ? -2.627  3.738   -1.978  1.00 13.94 ? 106 LEU A N   1 
ATOM   753  C CA  . LEU A 1 106 ? -3.336  5.009   -2.033  1.00 13.78 ? 106 LEU A CA  1 
ATOM   754  C C   . LEU A 1 106 ? -2.876  5.701   -3.305  1.00 14.72 ? 106 LEU A C   1 
ATOM   755  O O   . LEU A 1 106 ? -1.944  5.236   -3.969  1.00 13.86 ? 106 LEU A O   1 
ATOM   756  C CB  . LEU A 1 106 ? -2.926  5.911   -0.838  1.00 15.37 ? 106 LEU A CB  1 
ATOM   757  C CG  . LEU A 1 106 ? -3.551  5.667   0.526   1.00 16.68 ? 106 LEU A CG  1 
ATOM   758  C CD1 . LEU A 1 106 ? -2.660  6.317   1.615   1.00 18.41 ? 106 LEU A CD1 1 
ATOM   759  C CD2 . LEU A 1 106 ? -4.931  6.298   0.513   1.00 17.69 ? 106 LEU A CD2 1 
ATOM   760  N N   . PRO A 1 107 ? -3.466  6.849   -3.654  1.00 14.78 ? 107 PRO A N   1 
ATOM   761  C CA  . PRO A 1 107 ? -2.870  7.630   -4.753  1.00 14.71 ? 107 PRO A CA  1 
ATOM   762  C C   . PRO A 1 107 ? -1.382  7.965   -4.541  1.00 15.85 ? 107 PRO A C   1 
ATOM   763  O O   . PRO A 1 107 ? -0.924  8.108   -3.405  1.00 15.70 ? 107 PRO A O   1 
ATOM   764  C CB  . PRO A 1 107 ? -3.738  8.912   -4.762  1.00 15.27 ? 107 PRO A CB  1 
ATOM   765  C CG  . PRO A 1 107 ? -5.100  8.379   -4.355  1.00 15.07 ? 107 PRO A CG  1 
ATOM   766  C CD  . PRO A 1 107 ? -4.761  7.397   -3.227  1.00 14.63 ? 107 PRO A CD  1 
ATOM   767  N N   . GLY A 1 108 ? -0.653  8.052   -5.654  1.00 14.04 ? 108 GLY A N   1 
ATOM   768  C CA  . GLY A 1 108 ? 0.724   8.452   -5.650  1.00 14.64 ? 108 GLY A CA  1 
ATOM   769  C C   . GLY A 1 108 ? 1.203   8.589   -7.086  1.00 14.89 ? 108 GLY A C   1 
ATOM   770  O O   . GLY A 1 108 ? 0.392   8.638   -8.029  1.00 13.60 ? 108 GLY A O   1 
ATOM   771  N N   . GLY A 1 109 ? 2.527   8.644   -7.252  1.00 15.33 ? 109 GLY A N   1 
ATOM   772  C CA  . GLY A 1 109 ? 3.109   8.834   -8.537  1.00 15.39 ? 109 GLY A CA  1 
ATOM   773  C C   . GLY A 1 109 ? 3.829   7.594   -9.039  1.00 15.66 ? 109 GLY A C   1 
ATOM   774  O O   . GLY A 1 109 ? 3.430   6.451   -8.780  1.00 13.65 ? 109 GLY A O   1 
ATOM   775  N N   . LEU A 1 110 ? 4.956   7.832   -9.707  1.00 14.85 ? 110 LEU A N   1 
ATOM   776  C CA  . LEU A 1 110 ? 5.700   6.763   -10.364 1.00 14.67 ? 110 LEU A CA  1 
ATOM   777  C C   . LEU A 1 110 ? 6.243   5.735   -9.381  1.00 12.77 ? 110 LEU A C   1 
ATOM   778  O O   . LEU A 1 110 ? 6.315   4.550   -9.666  1.00 14.49 ? 110 LEU A O   1 
ATOM   779  C CB  . LEU A 1 110 ? 6.850   7.383   -11.182 1.00 14.59 ? 110 LEU A CB  1 
ATOM   780  C CG  . LEU A 1 110 ? 6.455   8.383   -12.251 1.00 15.94 ? 110 LEU A CG  1 
ATOM   781  C CD1 . LEU A 1 110 ? 7.716   8.776   -13.013 1.00 16.96 ? 110 LEU A CD1 1 
ATOM   782  C CD2 . LEU A 1 110 ? 5.439   7.851   -13.220 1.00 18.63 ? 110 LEU A CD2 1 
ATOM   783  N N   . GLY A 1 111 ? 6.664   6.175   -8.231  1.00 13.12 ? 111 GLY A N   1 
ATOM   784  C CA  . GLY A 1 111 ? 7.238   5.261   -7.224  1.00 14.30 ? 111 GLY A CA  1 
ATOM   785  C C   . GLY A 1 111 ? 6.182   4.335   -6.601  1.00 13.46 ? 111 GLY A C   1 
ATOM   786  O O   . GLY A 1 111 ? 6.368   3.154   -6.424  1.00 15.61 ? 111 GLY A O   1 
ATOM   787  N N   . THR A 1 112 ? 5.052   4.913   -6.300  1.00 14.37 ? 112 THR A N   1 
ATOM   788  C CA  . THR A 1 112 ? 3.865   4.170   -5.849  1.00 14.87 ? 112 THR A CA  1 
ATOM   789  C C   . THR A 1 112 ? 3.476   3.113   -6.860  1.00 14.85 ? 112 THR A C   1 
ATOM   790  O O   . THR A 1 112 ? 3.328   1.953   -6.520  1.00 14.72 ? 112 THR A O   1 
ATOM   791  C CB  . THR A 1 112 ? 2.696   5.128   -5.601  1.00 13.82 ? 112 THR A CB  1 
ATOM   792  O OG1 . THR A 1 112 ? 3.085   6.040   -4.564  1.00 14.08 ? 112 THR A OG1 1 
ATOM   793  C CG2 . THR A 1 112 ? 1.406   4.380   -5.158  1.00 15.04 ? 112 THR A CG2 1 
ATOM   794  N N   . LEU A 1 113 ? 3.414   3.500   -8.106  1.00 15.69 ? 113 LEU A N   1 
ATOM   795  C CA  . LEU A 1 113 ? 3.086   2.532   -9.166  1.00 15.81 ? 113 LEU A CA  1 
ATOM   796  C C   . LEU A 1 113 ? 4.157   1.464   -9.391  1.00 14.95 ? 113 LEU A C   1 
ATOM   797  O O   . LEU A 1 113 ? 3.803   0.318   -9.610  1.00 13.75 ? 113 LEU A O   1 
ATOM   798  C CB  . LEU A 1 113 ? 2.877   3.262   -10.449 1.00 18.21 ? 113 LEU A CB  1 
ATOM   799  C CG  . LEU A 1 113 ? 1.673   4.186   -10.473 1.00 18.03 ? 113 LEU A CG  1 
ATOM   800  C CD1 . LEU A 1 113 ? 1.791   5.011   -11.733 1.00 21.46 ? 113 LEU A CD1 1 
ATOM   801  C CD2 . LEU A 1 113 ? 0.415   3.369   -10.546 1.00 19.26 ? 113 LEU A CD2 1 
ATOM   802  N N   . GLU A 1 114 ? 5.438   1.811   -9.344  1.00 13.86 ? 114 GLU A N   1 
ATOM   803  C CA  . GLU A 1 114 ? 6.432   0.768   -9.508  1.00 15.45 ? 114 GLU A CA  1 
ATOM   804  C C   . GLU A 1 114 ? 6.445   -0.238  -8.348  1.00 14.42 ? 114 GLU A C   1 
ATOM   805  O O   . GLU A 1 114 ? 6.681   -1.410  -8.569  1.00 16.32 ? 114 GLU A O   1 
ATOM   806  C CB  . GLU A 1 114 ? 7.834   1.298   -9.850  1.00 16.33 ? 114 GLU A CB  1 
ATOM   807  C CG  . GLU A 1 114 ? 8.562   1.946   -8.789  1.00 18.95 ? 114 GLU A CG  1 
ATOM   808  C CD  . GLU A 1 114 ? 9.514   1.004   -8.017  1.00 23.97 ? 114 GLU A CD  1 
ATOM   809  O OE1 . GLU A 1 114 ? 9.737   -0.093  -8.529  1.00 28.09 ? 114 GLU A OE1 1 
ATOM   810  O OE2 . GLU A 1 114 ? 9.960   1.425   -6.921  1.00 29.18 ? 114 GLU A OE2 1 
ATOM   811  N N   . GLU A 1 115 ? 6.131   0.218   -7.156  1.00 13.85 ? 115 GLU A N   1 
ATOM   812  C CA  . GLU A 1 115 ? 6.026   -0.630  -5.990  1.00 16.04 ? 115 GLU A CA  1 
ATOM   813  C C   . GLU A 1 115 ? 4.856   -1.592  -6.142  1.00 15.38 ? 115 GLU A C   1 
ATOM   814  O O   . GLU A 1 115 ? 5.007   -2.832  -5.993  1.00 14.15 ? 115 GLU A O   1 
ATOM   815  C CB  . GLU A 1 115 ? 5.875   0.207   -4.691  1.00 19.48 ? 115 GLU A CB  1 
ATOM   816  C CG  . GLU A 1 115 ? 7.136   0.973   -4.321  1.00 21.82 ? 115 GLU A CG  1 
ATOM   817  C CD  . GLU A 1 115 ? 6.934   2.115   -3.326  1.00 27.38 ? 115 GLU A CD  1 
ATOM   818  O OE1 . GLU A 1 115 ? 5.769   2.578   -3.050  1.00 26.54 ? 115 GLU A OE1 1 
ATOM   819  O OE2 . GLU A 1 115 ? 8.022   2.590   -2.824  1.00 28.22 ? 115 GLU A OE2 1 
ATOM   820  N N   . LEU A 1 116 ? 3.716   -1.042  -6.475  1.00 14.21 ? 116 LEU A N   1 
ATOM   821  C CA  . LEU A 1 116 ? 2.536   -1.859  -6.682  1.00 15.27 ? 116 LEU A CA  1 
ATOM   822  C C   . LEU A 1 116 ? 2.683   -2.933  -7.770  1.00 14.65 ? 116 LEU A C   1 
ATOM   823  O O   . LEU A 1 116 ? 2.317   -4.085  -7.542  1.00 14.55 ? 116 LEU A O   1 
ATOM   824  C CB  . LEU A 1 116 ? 1.383   -0.967  -7.071  1.00 16.68 ? 116 LEU A CB  1 
ATOM   825  C CG  . LEU A 1 116 ? 0.076   -1.618  -7.592  1.00 20.38 ? 116 LEU A CG  1 
ATOM   826  C CD1 . LEU A 1 116 ? -0.685  -2.201  -6.432  1.00 21.67 ? 116 LEU A CD1 1 
ATOM   827  C CD2 . LEU A 1 116 ? -0.742  -0.566  -8.298  1.00 21.95 ? 116 LEU A CD2 1 
ATOM   828  N N   . PHE A 1 117 ? 3.130   -2.535  -8.963  1.00 14.55 ? 117 PHE A N   1 
ATOM   829  C CA  . PHE A 1 117 ? 3.300   -3.457  -10.033 1.00 15.04 ? 117 PHE A CA  1 
ATOM   830  C C   . PHE A 1 117 ? 4.364   -4.494  -9.756  1.00 15.27 ? 117 PHE A C   1 
ATOM   831  O O   . PHE A 1 117 ? 4.168   -5.635  -10.136 1.00 15.06 ? 117 PHE A O   1 
ATOM   832  C CB  . PHE A 1 117 ? 3.542   -2.727  -11.360 1.00 18.76 ? 117 PHE A CB  1 
ATOM   833  C CG  . PHE A 1 117 ? 2.303   -2.145  -11.910 1.00 21.18 ? 117 PHE A CG  1 
ATOM   834  C CD1 . PHE A 1 117 ? 1.284   -2.982  -12.320 1.00 22.96 ? 117 PHE A CD1 1 
ATOM   835  C CD2 . PHE A 1 117 ? 2.160   -0.791  -12.076 1.00 27.46 ? 117 PHE A CD2 1 
ATOM   836  C CE1 . PHE A 1 117 ? 0.087   -2.467  -12.805 1.00 27.01 ? 117 PHE A CE1 1 
ATOM   837  C CE2 . PHE A 1 117 ? 0.969   -0.261  -12.541 1.00 28.65 ? 117 PHE A CE2 1 
ATOM   838  C CZ  . PHE A 1 117 ? -0.064  -1.099  -12.890 1.00 29.10 ? 117 PHE A CZ  1 
ATOM   839  N N   . GLU A 1 118 ? 5.421   -4.134  -9.038  1.00 13.77 ? 118 GLU A N   1 
ATOM   840  C CA  . GLU A 1 118 ? 6.395   -5.133  -8.693  1.00 15.64 ? 118 GLU A CA  1 
ATOM   841  C C   . GLU A 1 118 ? 5.848   -6.216  -7.728  1.00 16.44 ? 118 GLU A C   1 
ATOM   842  O O   . GLU A 1 118 ? 6.040   -7.455  -7.922  1.00 16.18 ? 118 GLU A O   1 
ATOM   843  C CB  . GLU A 1 118 ? 7.736   -4.539  -8.192  1.00 17.90 ? 118 GLU A CB  1 
ATOM   844  C CG  . GLU A 1 118 ? 8.789   -5.687  -8.257  1.00 20.31 ? 118 GLU A CG  1 
ATOM   845  C CD  . GLU A 1 118 ? 10.234  -5.246  -8.098  1.00 27.56 ? 118 GLU A CD  1 
ATOM   846  O OE1 . GLU A 1 118 ? 10.396  -4.037  -7.867  1.00 28.89 ? 118 GLU A OE1 1 
ATOM   847  O OE2 . GLU A 1 118 ? 11.179  -6.137  -8.217  1.00 27.37 ? 118 GLU A OE2 1 
ATOM   848  N N   . VAL A 1 119 ? 5.155   -5.760  -6.679  1.00 15.31 ? 119 VAL A N   1 
ATOM   849  C CA  . VAL A 1 119 ? 4.630   -6.706  -5.692  1.00 16.75 ? 119 VAL A CA  1 
ATOM   850  C C   . VAL A 1 119 ? 3.579   -7.549  -6.373  1.00 14.23 ? 119 VAL A C   1 
ATOM   851  O O   . VAL A 1 119 ? 3.484   -8.750  -6.138  1.00 13.79 ? 119 VAL A O   1 
ATOM   852  C CB  . VAL A 1 119 ? 4.165   -5.998  -4.410  1.00 18.04 ? 119 VAL A CB  1 
ATOM   853  C CG1 . VAL A 1 119 ? 3.516   -6.992  -3.477  1.00 23.15 ? 119 VAL A CG1 1 
ATOM   854  C CG2 . VAL A 1 119 ? 5.337   -5.360  -3.733  1.00 21.40 ? 119 VAL A CG2 1 
ATOM   855  N N   . TRP A 1 120 ? 2.813   -6.959  -7.264  1.00 13.95 ? 120 TRP A N   1 
ATOM   856  C CA  . TRP A 1 120 ? 1.795   -7.692  -8.014  1.00 14.46 ? 120 TRP A CA  1 
ATOM   857  C C   . TRP A 1 120 ? 2.421   -8.797  -8.877  1.00 14.80 ? 120 TRP A C   1 
ATOM   858  O O   . TRP A 1 120 ? 1.986   -9.884  -8.896  1.00 15.99 ? 120 TRP A O   1 
ATOM   859  C CB  . TRP A 1 120 ? 0.983   -6.748  -8.900  1.00 12.84 ? 120 TRP A CB  1 
ATOM   860  C CG  . TRP A 1 120 ? -0.321  -7.241  -9.372  1.00 14.44 ? 120 TRP A CG  1 
ATOM   861  C CD1 . TRP A 1 120 ? -0.823  -8.487  -9.275  1.00 15.09 ? 120 TRP A CD1 1 
ATOM   862  C CD2 . TRP A 1 120 ? -1.313  -6.466  -10.022 1.00 14.48 ? 120 TRP A CD2 1 
ATOM   863  N NE1 . TRP A 1 120 ? -2.074  -8.548  -9.825  1.00 15.04 ? 120 TRP A NE1 1 
ATOM   864  C CE2 . TRP A 1 120 ? -2.398  -7.313  -10.289 1.00 15.32 ? 120 TRP A CE2 1 
ATOM   865  C CE3 . TRP A 1 120 ? -1.392  -5.130  -10.407 1.00 15.21 ? 120 TRP A CE3 1 
ATOM   866  C CZ2 . TRP A 1 120 ? -3.523  -6.870  -10.940 1.00 15.73 ? 120 TRP A CZ2 1 
ATOM   867  C CZ3 . TRP A 1 120 ? -2.509  -4.703  -11.039 1.00 16.77 ? 120 TRP A CZ3 1 
ATOM   868  C CH2 . TRP A 1 120 ? -3.562  -5.577  -11.303 1.00 16.50 ? 120 TRP A CH2 1 
ATOM   869  N N   . THR A 1 121 ? 3.498   -8.456  -9.559  1.00 15.22 ? 121 THR A N   1 
ATOM   870  C CA  . THR A 1 121 ? 4.221   -9.385  -10.391 1.00 17.33 ? 121 THR A CA  1 
ATOM   871  C C   . THR A 1 121 ? 4.789   -10.530 -9.524  1.00 16.62 ? 121 THR A C   1 
ATOM   872  O O   . THR A 1 121 ? 4.792   -11.617 -9.931  1.00 17.79 ? 121 THR A O   1 
ATOM   873  C CB  . THR A 1 121 ? 5.319   -8.675  -11.231 1.00 20.06 ? 121 THR A CB  1 
ATOM   874  O OG1 . THR A 1 121 ? 4.739   -7.754  -12.165 1.00 30.29 ? 121 THR A OG1 1 
ATOM   875  C CG2 . THR A 1 121 ? 6.003   -9.637  -11.988 1.00 17.20 ? 121 THR A CG2 1 
ATOM   876  N N   . TRP A 1 122 ? 5.260   -10.237 -8.323  1.00 18.60 ? 122 TRP A N   1 
ATOM   877  C CA  . TRP A 1 122 ? 5.739   -11.270 -7.425  1.00 19.64 ? 122 TRP A CA  1 
ATOM   878  C C   . TRP A 1 122 ? 4.612   -12.280 -7.146  1.00 22.06 ? 122 TRP A C   1 
ATOM   879  O O   . TRP A 1 122 ? 4.846   -13.449 -7.064  1.00 23.68 ? 122 TRP A O   1 
ATOM   880  C CB  . TRP A 1 122 ? 6.301   -10.679 -6.134  1.00 19.93 ? 122 TRP A CB  1 
ATOM   881  C CG  . TRP A 1 122 ? 7.543   -9.900  -6.313  1.00 18.20 ? 122 TRP A CG  1 
ATOM   882  C CD1 . TRP A 1 122 ? 8.313   -9.863  -7.393  1.00 20.99 ? 122 TRP A CD1 1 
ATOM   883  C CD2 . TRP A 1 122 ? 8.151   -9.045  -5.363  1.00 19.59 ? 122 TRP A CD2 1 
ATOM   884  N NE1 . TRP A 1 122 ? 9.367   -9.040  -7.205  1.00 20.01 ? 122 TRP A NE1 1 
ATOM   885  C CE2 . TRP A 1 122 ? 9.295   -8.528  -5.951  1.00 19.70 ? 122 TRP A CE2 1 
ATOM   886  C CE3 . TRP A 1 122 ? 7.849   -8.673  -4.063  1.00 18.66 ? 122 TRP A CE3 1 
ATOM   887  C CZ2 . TRP A 1 122 ? 10.111  -7.660  -5.297  1.00 20.28 ? 122 TRP A CZ2 1 
ATOM   888  C CZ3 . TRP A 1 122 ? 8.648   -7.806  -3.434  1.00 18.45 ? 122 TRP A CZ3 1 
ATOM   889  C CH2 . TRP A 1 122 ? 9.764   -7.310  -4.040  1.00 20.96 ? 122 TRP A CH2 1 
ATOM   890  N N   . GLY A 1 123 ? 3.398   -11.786 -6.973  1.00 19.89 ? 123 GLY A N   1 
ATOM   891  C CA  . GLY A 1 123 ? 2.242   -12.617 -6.781  1.00 20.90 ? 123 GLY A CA  1 
ATOM   892  C C   . GLY A 1 123 ? 1.925   -13.470 -7.972  1.00 21.17 ? 123 GLY A C   1 
ATOM   893  O O   . GLY A 1 123 ? 1.681   -14.670 -7.840  1.00 22.90 ? 123 GLY A O   1 
ATOM   894  N N   . GLN A 1 124 ? 1.946   -12.853 -9.150  1.00 19.82 ? 124 GLN A N   1 
ATOM   895  C CA  . GLN A 1 124 ? 1.728   -13.548 -10.367 1.00 21.93 ? 124 GLN A CA  1 
ATOM   896  C C   . GLN A 1 124 ? 2.719   -14.688 -10.568 1.00 23.59 ? 124 GLN A C   1 
ATOM   897  O O   . GLN A 1 124 ? 2.363   -15.711 -11.084 1.00 24.78 ? 124 GLN A O   1 
ATOM   898  C CB  . GLN A 1 124 ? 1.816   -12.541 -11.501 1.00 23.66 ? 124 GLN A CB  1 
ATOM   899  C CG  . GLN A 1 124 ? 1.738   -13.030 -12.889 1.00 24.54 ? 124 GLN A CG  1 
ATOM   900  C CD  . GLN A 1 124 ? 1.784   -11.831 -13.794 1.00 29.31 ? 124 GLN A CD  1 
ATOM   901  O OE1 . GLN A 1 124 ? 0.918   -11.641 -14.651 1.00 23.13 ? 124 GLN A OE1 1 
ATOM   902  N NE2 . GLN A 1 124 ? 2.776   -10.957 -13.540 1.00 26.18 ? 124 GLN A NE2 1 
ATOM   903  N N   . LEU A 1 125 ? 3.957   -14.458 -10.196 1.00 22.22 ? 125 LEU A N   1 
ATOM   904  C CA  . LEU A 1 125 ? 4.981   -15.426 -10.407 1.00 25.53 ? 125 LEU A CA  1 
ATOM   905  C C   . LEU A 1 125 ? 4.970   -16.483 -9.314  1.00 28.26 ? 125 LEU A C   1 
ATOM   906  O O   . LEU A 1 125 ? 5.826   -17.344 -9.347  1.00 32.92 ? 125 LEU A O   1 
ATOM   907  C CB  . LEU A 1 125 ? 6.330   -14.723 -10.490 1.00 23.51 ? 125 LEU A CB  1 
ATOM   908  C CG  . LEU A 1 125 ? 6.586   -13.814 -11.702 1.00 26.96 ? 125 LEU A CG  1 
ATOM   909  C CD1 . LEU A 1 125 ? 7.859   -12.994 -11.450 1.00 26.68 ? 125 LEU A CD1 1 
ATOM   910  C CD2 . LEU A 1 125 ? 6.669   -14.604 -13.009 1.00 30.49 ? 125 LEU A CD2 1 
ATOM   911  N N   . GLY A 1 126 ? 4.077   -16.415 -8.325  1.00 27.16 ? 126 GLY A N   1 
ATOM   912  C CA  . GLY A 1 126 ? 3.995   -17.436 -7.270  1.00 26.45 ? 126 GLY A CA  1 
ATOM   913  C C   . GLY A 1 126 ? 4.969   -17.212 -6.139  1.00 27.09 ? 126 GLY A C   1 
ATOM   914  O O   . GLY A 1 126 ? 5.137   -18.095 -5.297  1.00 26.74 ? 126 GLY A O   1 
ATOM   915  N N   . TYR A 1 127 ? 5.591   -16.048 -6.032  1.00 25.44 ? 127 TYR A N   1 
ATOM   916  C CA  . TYR A 1 127 ? 6.391   -15.787 -4.828  1.00 28.03 ? 127 TYR A CA  1 
ATOM   917  C C   . TYR A 1 127 ? 5.603   -15.509 -3.527  1.00 28.04 ? 127 TYR A C   1 
ATOM   918  O O   . TYR A 1 127 ? 6.164   -15.645 -2.460  1.00 28.25 ? 127 TYR A O   1 
ATOM   919  C CB  . TYR A 1 127 ? 7.413   -14.693 -5.033  1.00 30.10 ? 127 TYR A CB  1 
ATOM   920  C CG  . TYR A 1 127 ? 8.281   -14.853 -6.252  1.00 38.86 ? 127 TYR A CG  1 
ATOM   921  C CD1 . TYR A 1 127 ? 8.631   -16.100 -6.763  1.00 46.93 ? 127 TYR A CD1 1 
ATOM   922  C CD2 . TYR A 1 127 ? 8.796   -13.733 -6.876  1.00 46.35 ? 127 TYR A CD2 1 
ATOM   923  C CE1 . TYR A 1 127 ? 9.459   -16.206 -7.882  1.00 51.49 ? 127 TYR A CE1 1 
ATOM   924  C CE2 . TYR A 1 127 ? 9.609   -13.827 -7.988  1.00 50.73 ? 127 TYR A CE2 1 
ATOM   925  C CZ  . TYR A 1 127 ? 9.944   -15.059 -8.486  1.00 53.11 ? 127 TYR A CZ  1 
ATOM   926  O OH  . TYR A 1 127 ? 10.743  -15.091 -9.617  1.00 62.41 ? 127 TYR A OH  1 
ATOM   927  N N   . HIS A 1 128 ? 4.344   -15.104 -3.621  1.00 24.47 ? 128 HIS A N   1 
ATOM   928  C CA  . HIS A 1 128 ? 3.508   -14.860 -2.455  1.00 24.15 ? 128 HIS A CA  1 
ATOM   929  C C   . HIS A 1 128 ? 2.112   -15.003 -2.954  1.00 22.84 ? 128 HIS A C   1 
ATOM   930  O O   . HIS A 1 128 ? 1.844   -15.010 -4.177  1.00 26.23 ? 128 HIS A O   1 
ATOM   931  C CB  . HIS A 1 128 ? 3.726   -13.466 -1.791  1.00 22.17 ? 128 HIS A CB  1 
ATOM   932  C CG  . HIS A 1 128 ? 3.282   -12.306 -2.644  1.00 23.23 ? 128 HIS A CG  1 
ATOM   933  N ND1 . HIS A 1 128 ? 1.951   -11.978 -2.842  1.00 21.31 ? 128 HIS A ND1 1 
ATOM   934  C CD2 . HIS A 1 128 ? 3.997   -11.399 -3.346  1.00 22.66 ? 128 HIS A CD2 1 
ATOM   935  C CE1 . HIS A 1 128 ? 1.871   -10.932 -3.645  1.00 19.76 ? 128 HIS A CE1 1 
ATOM   936  N NE2 . HIS A 1 128 ? 3.095   -10.569 -3.978  1.00 20.12 ? 128 HIS A NE2 1 
ATOM   937  N N   . ALA A 1 129 ? 1.213   -15.147 -2.017  1.00 21.48 ? 129 ALA A N   1 
ATOM   938  C CA  . ALA A 1 129 ? -0.196  -15.255 -2.378  1.00 23.43 ? 129 ALA A CA  1 
ATOM   939  C C   . ALA A 1 129 ? -0.954  -14.215 -1.543  1.00 23.95 ? 129 ALA A C   1 
ATOM   940  O O   . ALA A 1 129 ? -1.994  -14.503 -0.989  1.00 24.06 ? 129 ALA A O   1 
ATOM   941  C CB  . ALA A 1 129 ? -0.701  -16.647 -2.076  1.00 25.57 ? 129 ALA A CB  1 
ATOM   942  N N   . LYS A 1 130 ? -0.417  -13.002 -1.471  1.00 20.02 ? 130 LYS A N   1 
ATOM   943  C CA  . LYS A 1 130 ? -1.012  -11.933 -0.663  1.00 20.00 ? 130 LYS A CA  1 
ATOM   944  C C   . LYS A 1 130 ? -1.814  -11.005 -1.583  1.00 19.82 ? 130 LYS A C   1 
ATOM   945  O O   . LYS A 1 130 ? -1.347  -10.650 -2.677  1.00 22.93 ? 130 LYS A O   1 
ATOM   946  C CB  . LYS A 1 130 ? 0.050   -11.123 0.037   1.00 18.29 ? 130 LYS A CB  1 
ATOM   947  C CG  . LYS A 1 130 ? 0.886   -11.943 0.988   1.00 18.39 ? 130 LYS A CG  1 
ATOM   948  C CD  . LYS A 1 130 ? 2.216   -11.328 1.325   1.00 18.24 ? 130 LYS A CD  1 
ATOM   949  C CE  . LYS A 1 130 ? 3.015   -12.216 2.260   1.00 18.96 ? 130 LYS A CE  1 
ATOM   950  N NZ  . LYS A 1 130 ? 4.221   -11.562 2.770   1.00 18.85 ? 130 LYS A NZ  1 
ATOM   951  N N   . PRO A 1 131 ? -2.997  -10.573 -1.122  1.00 16.88 ? 131 PRO A N   1 
ATOM   952  C CA  . PRO A 1 131 ? -3.808  -9.721  -1.945  1.00 16.89 ? 131 PRO A CA  1 
ATOM   953  C C   . PRO A 1 131 ? -3.320  -8.288  -1.963  1.00 14.88 ? 131 PRO A C   1 
ATOM   954  O O   . PRO A 1 131 ? -2.625  -7.834  -1.032  1.00 14.78 ? 131 PRO A O   1 
ATOM   955  C CB  . PRO A 1 131 ? -5.186  -9.842  -1.295  1.00 17.69 ? 131 PRO A CB  1 
ATOM   956  C CG  . PRO A 1 131 ? -4.912  -10.044 0.124   1.00 17.70 ? 131 PRO A CG  1 
ATOM   957  C CD  . PRO A 1 131 ? -3.645  -10.879 0.163   1.00 16.86 ? 131 PRO A CD  1 
ATOM   958  N N   . LEU A 1 132 ? -3.703  -7.586  -3.012  1.00 14.33 ? 132 LEU A N   1 
ATOM   959  C CA  . LEU A 1 132 ? -3.415  -6.176  -3.210  1.00 15.12 ? 132 LEU A CA  1 
ATOM   960  C C   . LEU A 1 132 ? -4.697  -5.477  -3.402  1.00 14.90 ? 132 LEU A C   1 
ATOM   961  O O   . LEU A 1 132 ? -5.658  -6.095  -3.832  1.00 14.39 ? 132 LEU A O   1 
ATOM   962  C CB  . LEU A 1 132 ? -2.572  -5.912  -4.457  1.00 17.12 ? 132 LEU A CB  1 
ATOM   963  C CG  . LEU A 1 132 ? -1.224  -6.650  -4.403  1.00 19.68 ? 132 LEU A CG  1 
ATOM   964  C CD1 . LEU A 1 132 ? -1.383  -7.925  -5.177  1.00 22.25 ? 132 LEU A CD1 1 
ATOM   965  C CD2 . LEU A 1 132 ? -0.101  -5.827  -4.981  1.00 22.57 ? 132 LEU A CD2 1 
ATOM   966  N N   . GLY A 1 133 ? -4.703  -4.188  -3.108  1.00 14.26 ? 133 GLY A N   1 
ATOM   967  C CA  . GLY A 1 133 ? -5.888  -3.328  -3.340  1.00 15.01 ? 133 GLY A CA  1 
ATOM   968  C C   . GLY A 1 133 ? -5.601  -1.870  -3.573  1.00 14.04 ? 133 GLY A C   1 
ATOM   969  O O   . GLY A 1 133 ? -4.587  -1.319  -3.094  1.00 14.83 ? 133 GLY A O   1 
ATOM   970  N N   . LEU A 1 134 ? -6.499  -1.219  -4.324  1.00 14.49 ? 134 LEU A N   1 
ATOM   971  C CA  . LEU A 1 134 ? -6.449  0.215   -4.579  1.00 15.47 ? 134 LEU A CA  1 
ATOM   972  C C   . LEU A 1 134 ? -7.505  0.897   -3.674  1.00 16.95 ? 134 LEU A C   1 
ATOM   973  O O   . LEU A 1 134 ? -8.686  0.491   -3.672  1.00 16.93 ? 134 LEU A O   1 
ATOM   974  C CB  . LEU A 1 134 ? -6.800  0.551   -6.003  1.00 16.77 ? 134 LEU A CB  1 
ATOM   975  C CG  . LEU A 1 134 ? -5.953  0.020   -7.113  1.00 18.25 ? 134 LEU A CG  1 
ATOM   976  C CD1 . LEU A 1 134 ? -6.524  0.633   -8.408  1.00 19.30 ? 134 LEU A CD1 1 
ATOM   977  C CD2 . LEU A 1 134 ? -4.466  0.371   -6.865  1.00 19.49 ? 134 LEU A CD2 1 
ATOM   978  N N   . LEU A 1 135 ? -7.064  1.885   -2.916  1.00 15.56 ? 135 LEU A N   1 
ATOM   979  C CA  . LEU A 1 135 ? -7.965  2.751   -2.196  1.00 16.92 ? 135 LEU A CA  1 
ATOM   980  C C   . LEU A 1 135 ? -8.351  3.869   -3.167  1.00 16.78 ? 135 LEU A C   1 
ATOM   981  O O   . LEU A 1 135 ? -7.539  4.728   -3.509  1.00 17.25 ? 135 LEU A O   1 
ATOM   982  C CB  . LEU A 1 135 ? -7.366  3.285   -0.881  1.00 20.77 ? 135 LEU A CB  1 
ATOM   983  C CG  . LEU A 1 135 ? -8.537  4.031   -0.159  1.00 21.66 ? 135 LEU A CG  1 
ATOM   984  C CD1 . LEU A 1 135 ? -9.468  3.101   0.604   1.00 23.55 ? 135 LEU A CD1 1 
ATOM   985  C CD2 . LEU A 1 135 ? -8.025  5.052   0.715   1.00 25.56 ? 135 LEU A CD2 1 
ATOM   986  N N   . GLU A 1 136 ? -9.565  3.783   -3.647  1.00 15.61 ? 136 GLU A N   1 
ATOM   987  C CA  . GLU A 1 136 ? -10.049 4.731   -4.613  1.00 17.33 ? 136 GLU A CA  1 
ATOM   988  C C   . GLU A 1 136 ? -10.362 6.079   -3.992  1.00 17.92 ? 136 GLU A C   1 
ATOM   989  O O   . GLU A 1 136 ? -10.900 6.134   -2.948  1.00 18.89 ? 136 GLU A O   1 
ATOM   990  C CB  . GLU A 1 136 ? -11.229 4.190   -5.400  1.00 18.38 ? 136 GLU A CB  1 
ATOM   991  C CG  . GLU A 1 136 ? -11.021 2.809   -5.983  1.00 21.88 ? 136 GLU A CG  1 
ATOM   992  C CD  . GLU A 1 136 ? -12.289 2.220   -6.518  1.00 25.07 ? 136 GLU A CD  1 
ATOM   993  O OE1 . GLU A 1 136 ? -12.983 1.554   -5.791  1.00 30.87 ? 136 GLU A OE1 1 
ATOM   994  O OE2 . GLU A 1 136 ? -12.609 2.467   -7.643  1.00 30.42 ? 136 GLU A OE2 1 
ATOM   995  N N   . VAL A 1 137 ? -9.965  7.152   -4.657  1.00 17.14 ? 137 VAL A N   1 
ATOM   996  C CA  . VAL A 1 137 ? -10.195 8.492   -4.154  1.00 18.26 ? 137 VAL A CA  1 
ATOM   997  C C   . VAL A 1 137 ? -10.767 9.250   -5.323  1.00 20.99 ? 137 VAL A C   1 
ATOM   998  O O   . VAL A 1 137 ? -10.124 9.479   -6.279  1.00 18.42 ? 137 VAL A O   1 
ATOM   999  C CB  . VAL A 1 137 ? -8.953  9.159   -3.617  1.00 18.47 ? 137 VAL A CB  1 
ATOM   1000 C CG1 . VAL A 1 137 ? -9.280  10.550  -3.115  1.00 20.46 ? 137 VAL A CG1 1 
ATOM   1001 C CG2 . VAL A 1 137 ? -8.320  8.339   -2.526  1.00 18.36 ? 137 VAL A CG2 1 
ATOM   1002 N N   . ASN A 1 138 ? -12.042 9.563   -5.201  1.00 24.82 ? 138 ASN A N   1 
ATOM   1003 C CA  . ASN A 1 138 ? -12.846 10.127  -6.291  1.00 29.51 ? 138 ASN A CA  1 
ATOM   1004 C C   . ASN A 1 138 ? -12.626 9.233   -7.570  1.00 26.45 ? 138 ASN A C   1 
ATOM   1005 O O   . ASN A 1 138 ? -12.759 8.042   -7.500  1.00 29.11 ? 138 ASN A O   1 
ATOM   1006 C CB  . ASN A 1 138 ? -12.533 11.564  -6.541  1.00 34.50 ? 138 ASN A CB  1 
ATOM   1007 C CG  . ASN A 1 138 ? -12.925 12.477  -5.403  1.00 39.06 ? 138 ASN A CG  1 
ATOM   1008 O OD1 . ASN A 1 138 ? -12.591 13.623  -5.446  1.00 51.18 ? 138 ASN A OD1 1 
ATOM   1009 N ND2 . ASN A 1 138 ? -13.629 11.992  -4.431  1.00 35.23 ? 138 ASN A ND2 1 
ATOM   1010 N N   . GLY A 1 139 ? -12.247 9.816   -8.679  1.00 24.33 ? 139 GLY A N   1 
ATOM   1011 C CA  . GLY A 1 139 ? -12.012 9.038   -9.868  1.00 22.92 ? 139 GLY A CA  1 
ATOM   1012 C C   . GLY A 1 139 ? -10.535 8.877   -10.236 1.00 20.17 ? 139 GLY A C   1 
ATOM   1013 O O   . GLY A 1 139 ? -10.227 8.571   -11.326 1.00 18.67 ? 139 GLY A O   1 
ATOM   1014 N N   . PHE A 1 140 ? -9.671  9.095   -9.280  1.00 17.07 ? 140 PHE A N   1 
ATOM   1015 C CA  . PHE A 1 140 ? -8.244  9.031   -9.467  1.00 17.46 ? 140 PHE A CA  1 
ATOM   1016 C C   . PHE A 1 140 ? -7.743  7.790   -10.227 1.00 17.82 ? 140 PHE A C   1 
ATOM   1017 O O   . PHE A 1 140 ? -7.086  7.905   -11.178 1.00 17.40 ? 140 PHE A O   1 
ATOM   1018 C CB  . PHE A 1 140 ? -7.524  9.167   -8.139  1.00 17.58 ? 140 PHE A CB  1 
ATOM   1019 C CG  . PHE A 1 140 ? -6.042  9.224   -8.270  1.00 17.14 ? 140 PHE A CG  1 
ATOM   1020 C CD1 . PHE A 1 140 ? -5.402  10.409  -8.490  1.00 17.45 ? 140 PHE A CD1 1 
ATOM   1021 C CD2 . PHE A 1 140 ? -5.306  8.103   -8.220  1.00 16.71 ? 140 PHE A CD2 1 
ATOM   1022 C CE1 . PHE A 1 140 ? -4.038  10.455  -8.616  1.00 17.21 ? 140 PHE A CE1 1 
ATOM   1023 C CE2 . PHE A 1 140 ? -3.954  8.135   -8.363  1.00 16.96 ? 140 PHE A CE2 1 
ATOM   1024 C CZ  . PHE A 1 140 ? -3.320  9.316   -8.565  1.00 17.56 ? 140 PHE A CZ  1 
ATOM   1025 N N   . TYR A 1 141 ? -8.124  6.624   -9.755  1.00 17.68 ? 141 TYR A N   1 
ATOM   1026 C CA  . TYR A 1 141 ? -7.719  5.338   -10.312 1.00 16.90 ? 141 TYR A CA  1 
ATOM   1027 C C   . TYR A 1 141 ? -8.589  4.823   -11.498 1.00 17.30 ? 141 TYR A C   1 
ATOM   1028 O O   . TYR A 1 141 ? -8.291  3.816   -12.072 1.00 16.12 ? 141 TYR A O   1 
ATOM   1029 C CB  . TYR A 1 141 ? -7.607  4.316   -9.165  1.00 18.20 ? 141 TYR A CB  1 
ATOM   1030 C CG  . TYR A 1 141 ? -6.280  4.362   -8.439  1.00 17.53 ? 141 TYR A CG  1 
ATOM   1031 C CD1 . TYR A 1 141 ? -5.130  4.253   -9.132  1.00 18.38 ? 141 TYR A CD1 1 
ATOM   1032 C CD2 . TYR A 1 141 ? -6.186  4.520   -7.060  1.00 17.75 ? 141 TYR A CD2 1 
ATOM   1033 C CE1 . TYR A 1 141 ? -3.914  4.296   -8.525  1.00 18.37 ? 141 TYR A CE1 1 
ATOM   1034 C CE2 . TYR A 1 141 ? -4.957  4.571   -6.440  1.00 17.61 ? 141 TYR A CE2 1 
ATOM   1035 C CZ  . TYR A 1 141 ? -3.812  4.446   -7.182  1.00 19.38 ? 141 TYR A CZ  1 
ATOM   1036 O OH  . TYR A 1 141 ? -2.555  4.513   -6.636  1.00 21.12 ? 141 TYR A OH  1 
ATOM   1037 N N   . ASP A 1 142 ? -9.655  5.548   -11.829 1.00 17.09 ? 142 ASP A N   1 
ATOM   1038 C CA  . ASP A 1 142 ? -10.552 5.176   -12.897 1.00 18.72 ? 142 ASP A CA  1 
ATOM   1039 C C   . ASP A 1 142 ? -9.879  4.758   -14.241 1.00 18.89 ? 142 ASP A C   1 
ATOM   1040 O O   . ASP A 1 142 ? -10.152 3.727   -14.751 1.00 17.42 ? 142 ASP A O   1 
ATOM   1041 C CB  . ASP A 1 142 ? -11.621 6.253   -13.131 1.00 20.62 ? 142 ASP A CB  1 
ATOM   1042 C CG  . ASP A 1 142 ? -12.762 6.219   -12.087 1.00 25.33 ? 142 ASP A CG  1 
ATOM   1043 O OD1 . ASP A 1 142 ? -12.772 5.378   -11.208 1.00 23.68 ? 142 ASP A OD1 1 
ATOM   1044 O OD2 . ASP A 1 142 ? -13.668 7.035   -12.209 1.00 25.48 ? 142 ASP A OD2 1 
ATOM   1045 N N   . PRO A 1 143 ? -9.029  5.595   -14.795 1.00 18.19 ? 143 PRO A N   1 
ATOM   1046 C CA  . PRO A 1 143 ? -8.377  5.265   -16.061 1.00 18.56 ? 143 PRO A CA  1 
ATOM   1047 C C   . PRO A 1 143 ? -7.389  4.112   -15.901 1.00 16.95 ? 143 PRO A C   1 
ATOM   1048 O O   . PRO A 1 143 ? -7.242  3.352   -16.806 1.00 15.37 ? 143 PRO A O   1 
ATOM   1049 C CB  . PRO A 1 143 ? -7.715  6.561   -16.497 1.00 19.92 ? 143 PRO A CB  1 
ATOM   1050 C CG  . PRO A 1 143 ? -7.705  7.424   -15.307 1.00 21.11 ? 143 PRO A CG  1 
ATOM   1051 C CD  . PRO A 1 143 ? -8.808  6.975   -14.407 1.00 19.66 ? 143 PRO A CD  1 
ATOM   1052 N N   . LEU A 1 144 ? -6.766  3.981   -14.747 1.00 16.59 ? 144 LEU A N   1 
ATOM   1053 C CA  . LEU A 1 144 ? -5.851  2.873   -14.523 1.00 15.69 ? 144 LEU A CA  1 
ATOM   1054 C C   . LEU A 1 144 ? -6.643  1.577   -14.533 1.00 17.27 ? 144 LEU A C   1 
ATOM   1055 O O   . LEU A 1 144 ? -6.232  0.615   -15.074 1.00 15.92 ? 144 LEU A O   1 
ATOM   1056 C CB  . LEU A 1 144 ? -5.140  2.975   -13.187 1.00 16.73 ? 144 LEU A CB  1 
ATOM   1057 C CG  . LEU A 1 144 ? -4.146  1.856   -12.924 1.00 16.80 ? 144 LEU A CG  1 
ATOM   1058 C CD1 . LEU A 1 144 ? -3.121  1.762   -14.013 1.00 18.09 ? 144 LEU A CD1 1 
ATOM   1059 C CD2 . LEU A 1 144 ? -3.493  1.893   -11.568 1.00 18.50 ? 144 LEU A CD2 1 
ATOM   1060 N N   . LEU A 1 145 ? -7.786  1.595   -13.881 1.00 16.49 ? 145 LEU A N   1 
ATOM   1061 C CA  . LEU A 1 145 ? -8.663  0.444   -13.838 1.00 19.17 ? 145 LEU A CA  1 
ATOM   1062 C C   . LEU A 1 145 ? -9.144  0.042   -15.244 1.00 16.61 ? 145 LEU A C   1 
ATOM   1063 O O   . LEU A 1 145 ? -9.113  -1.078  -15.597 1.00 16.85 ? 145 LEU A O   1 
ATOM   1064 C CB  . LEU A 1 145 ? -9.826  0.704   -12.896 1.00 20.55 ? 145 LEU A CB  1 
ATOM   1065 C CG  . LEU A 1 145 ? -9.469  0.610   -11.429 1.00 21.83 ? 145 LEU A CG  1 
ATOM   1066 C CD1 . LEU A 1 145 ? -10.614 1.129   -10.604 1.00 26.46 ? 145 LEU A CD1 1 
ATOM   1067 C CD2 . LEU A 1 145 ? -9.153  -0.808  -11.042 1.00 23.38 ? 145 LEU A CD2 1 
ATOM   1068 N N   . THR A 1 146 ? -9.533  1.012   -16.038 1.00 18.18 ? 146 THR A N   1 
ATOM   1069 C CA  . THR A 1 146 ? -9.936  0.768   -17.414 1.00 18.74 ? 146 THR A CA  1 
ATOM   1070 C C   . THR A 1 146 ? -8.765  0.091   -18.186 1.00 16.92 ? 146 THR A C   1 
ATOM   1071 O O   . THR A 1 146 ? -8.949  -0.857  -18.882 1.00 13.73 ? 146 THR A O   1 
ATOM   1072 C CB  . THR A 1 146 ? -10.350 2.079   -18.088 1.00 21.10 ? 146 THR A CB  1 
ATOM   1073 O OG1 . THR A 1 146 ? -11.465 2.657   -17.414 1.00 19.98 ? 146 THR A OG1 1 
ATOM   1074 C CG2 . THR A 1 146 ? -10.647 1.869   -19.545 1.00 22.19 ? 146 THR A CG2 1 
ATOM   1075 N N   . PHE A 1 147 ? -7.573  0.622   -18.015 1.00 13.93 ? 147 PHE A N   1 
ATOM   1076 C CA  . PHE A 1 147 ? -6.399  0.065   -18.630 1.00 14.88 ? 147 PHE A CA  1 
ATOM   1077 C C   . PHE A 1 147 ? -6.167  -1.370  -18.168 1.00 14.38 ? 147 PHE A C   1 
ATOM   1078 O O   . PHE A 1 147 ? -5.919  -2.221  -18.946 1.00 14.20 ? 147 PHE A O   1 
ATOM   1079 C CB  . PHE A 1 147 ? -5.161  0.883   -18.276 1.00 14.86 ? 147 PHE A CB  1 
ATOM   1080 C CG  . PHE A 1 147 ? -3.906  0.377   -18.894 1.00 15.95 ? 147 PHE A CG  1 
ATOM   1081 C CD1 . PHE A 1 147 ? -3.802  0.268   -20.245 1.00 16.36 ? 147 PHE A CD1 1 
ATOM   1082 C CD2 . PHE A 1 147 ? -2.820  0.013   -18.126 1.00 16.47 ? 147 PHE A CD2 1 
ATOM   1083 C CE1 . PHE A 1 147 ? -2.668  -0.184  -20.837 1.00 17.28 ? 147 PHE A CE1 1 
ATOM   1084 C CE2 . PHE A 1 147 ? -1.678  -0.450  -18.725 1.00 18.93 ? 147 PHE A CE2 1 
ATOM   1085 C CZ  . PHE A 1 147 ? -1.597  -0.551  -20.082 1.00 17.17 ? 147 PHE A CZ  1 
ATOM   1086 N N   . LEU A 1 148 ? -6.261  -1.594  -16.873 1.00 15.11 ? 148 LEU A N   1 
ATOM   1087 C CA  . LEU A 1 148 ? -6.021  -2.943  -16.295 1.00 16.59 ? 148 LEU A CA  1 
ATOM   1088 C C   . LEU A 1 148 ? -7.032  -3.976  -16.792 1.00 20.19 ? 148 LEU A C   1 
ATOM   1089 O O   . LEU A 1 148 ? -6.695  -5.135  -17.099 1.00 17.59 ? 148 LEU A O   1 
ATOM   1090 C CB  . LEU A 1 148 ? -6.002  -2.919  -14.767 1.00 19.03 ? 148 LEU A CB  1 
ATOM   1091 C CG  . LEU A 1 148 ? -4.827  -2.120  -14.148 1.00 19.66 ? 148 LEU A CG  1 
ATOM   1092 C CD1 . LEU A 1 148 ? -5.039  -2.092  -12.666 1.00 21.40 ? 148 LEU A CD1 1 
ATOM   1093 C CD2 . LEU A 1 148 ? -3.537  -2.780  -14.492 1.00 21.60 ? 148 LEU A CD2 1 
ATOM   1094 N N   . ASP A 1 149 ? -8.272  -3.565  -16.947 1.00 20.08 ? 149 ASP A N   1 
ATOM   1095 C CA  . ASP A 1 149 ? -9.265  -4.468  -17.560 1.00 24.39 ? 149 ASP A CA  1 
ATOM   1096 C C   . ASP A 1 149 ? -9.006  -4.714  -19.071 1.00 24.07 ? 149 ASP A C   1 
ATOM   1097 O O   . ASP A 1 149 ? -9.244  -5.818  -19.519 1.00 24.22 ? 149 ASP A O   1 
ATOM   1098 C CB  . ASP A 1 149 ? -10.684 -3.944  -17.277 1.00 25.36 ? 149 ASP A CB  1 
ATOM   1099 C CG  . ASP A 1 149 ? -11.049 -4.059  -15.806 1.00 29.62 ? 149 ASP A CG  1 
ATOM   1100 O OD1 . ASP A 1 149 ? -10.355 -4.792  -14.987 1.00 30.37 ? 149 ASP A OD1 1 
ATOM   1101 O OD2 . ASP A 1 149 ? -12.013 -3.385  -15.435 1.00 35.02 ? 149 ASP A OD2 1 
ATOM   1102 N N   . HIS A 1 150 ? -8.483  -3.720  -19.811 1.00 23.20 ? 150 HIS A N   1 
ATOM   1103 C CA  . HIS A 1 150 ? -8.027  -3.925  -21.167 1.00 23.15 ? 150 HIS A CA  1 
ATOM   1104 C C   . HIS A 1 150 ? -6.906  -4.996  -21.275 1.00 22.32 ? 150 HIS A C   1 
ATOM   1105 O O   . HIS A 1 150 ? -6.901  -5.836  -22.198 1.00 20.12 ? 150 HIS A O   1 
ATOM   1106 C CB  . HIS A 1 150 ? -7.605  -2.597  -21.793 1.00 24.43 ? 150 HIS A CB  1 
ATOM   1107 C CG  . HIS A 1 150 ? -7.571  -2.605  -23.284 1.00 31.03 ? 150 HIS A CG  1 
ATOM   1108 N ND1 . HIS A 1 150 ? -8.617  -3.077  -24.059 1.00 34.06 ? 150 HIS A ND1 1 
ATOM   1109 C CD2 . HIS A 1 150 ? -6.607  -2.219  -24.159 1.00 31.27 ? 150 HIS A CD2 1 
ATOM   1110 C CE1 . HIS A 1 150 ? -8.298  -2.981  -25.339 1.00 32.09 ? 150 HIS A CE1 1 
ATOM   1111 N NE2 . HIS A 1 150 ? -7.079  -2.479  -25.429 1.00 29.87 ? 150 HIS A NE2 1 
ATOM   1112 N N   . LEU A 1 151 ? -5.987  -5.006  -20.302 1.00 18.09 ? 151 LEU A N   1 
ATOM   1113 C CA  . LEU A 1 151 ? -4.977  -6.049  -20.260 1.00 18.85 ? 151 LEU A CA  1 
ATOM   1114 C C   . LEU A 1 151 ? -5.562  -7.418  -20.210 1.00 17.38 ? 151 LEU A C   1 
ATOM   1115 O O   . LEU A 1 151 ? -5.015  -8.308  -20.840 1.00 16.64 ? 151 LEU A O   1 
ATOM   1116 C CB  . LEU A 1 151 ? -4.025  -5.888  -19.093 1.00 17.74 ? 151 LEU A CB  1 
ATOM   1117 C CG  . LEU A 1 151 ? -3.312  -4.523  -19.042 1.00 21.03 ? 151 LEU A CG  1 
ATOM   1118 C CD1 . LEU A 1 151 ? -2.330  -4.552  -17.884 1.00 20.63 ? 151 LEU A CD1 1 
ATOM   1119 C CD2 . LEU A 1 151 ? -2.619  -4.149  -20.318 1.00 23.54 ? 151 LEU A CD2 1 
ATOM   1120 N N   . VAL A 1 152 ? -6.678  -7.588  -19.494 1.00 17.00 ? 152 VAL A N   1 
ATOM   1121 C CA  . VAL A 1 152 ? -7.287  -8.901  -19.419 1.00 18.44 ? 152 VAL A CA  1 
ATOM   1122 C C   . VAL A 1 152 ? -8.003  -9.244  -20.729 1.00 17.33 ? 152 VAL A C   1 
ATOM   1123 O O   . VAL A 1 152 ? -7.814  -10.337 -21.260 1.00 16.05 ? 152 VAL A O   1 
ATOM   1124 C CB  . VAL A 1 152 ? -8.278  -9.022  -18.224 1.00 20.67 ? 152 VAL A CB  1 
ATOM   1125 C CG1 . VAL A 1 152 ? -8.931  -10.416 -18.175 1.00 20.61 ? 152 VAL A CG1 1 
ATOM   1126 C CG2 . VAL A 1 152 ? -7.557  -8.772  -16.921 1.00 20.06 ? 152 VAL A CG2 1 
ATOM   1127 N N   . ASP A 1 153 ? -8.792  -8.316  -21.235 1.00 16.76 ? 153 ASP A N   1 
ATOM   1128 C CA  . ASP A 1 153 ? -9.478  -8.471  -22.533 1.00 19.03 ? 153 ASP A CA  1 
ATOM   1129 C C   . ASP A 1 153 ? -8.516  -8.793  -23.643 1.00 20.88 ? 153 ASP A C   1 
ATOM   1130 O O   . ASP A 1 153 ? -8.773  -9.647  -24.476 1.00 21.21 ? 153 ASP A O   1 
ATOM   1131 C CB  . ASP A 1 153 ? -10.217 -7.206  -22.939 1.00 19.03 ? 153 ASP A CB  1 
ATOM   1132 C CG  . ASP A 1 153 ? -11.410 -6.887  -22.032 1.00 23.23 ? 153 ASP A CG  1 
ATOM   1133 O OD1 . ASP A 1 153 ? -11.834 -7.789  -21.327 1.00 25.00 ? 153 ASP A OD1 1 
ATOM   1134 O OD2 . ASP A 1 153 ? -11.905 -5.710  -21.993 1.00 27.85 ? 153 ASP A OD2 1 
ATOM   1135 N N   . GLU A 1 154 ? -7.380  -8.135  -23.653 1.00 19.18 ? 154 GLU A N   1 
ATOM   1136 C CA  . GLU A 1 154 ? -6.385  -8.357  -24.710 1.00 20.83 ? 154 GLU A CA  1 
ATOM   1137 C C   . GLU A 1 154 ? -5.442  -9.509  -24.400 1.00 18.75 ? 154 GLU A C   1 
ATOM   1138 O O   . GLU A 1 154 ? -4.531  -9.794  -25.197 1.00 16.36 ? 154 GLU A O   1 
ATOM   1139 C CB  . GLU A 1 154 ? -5.631  -7.041  -25.019 1.00 21.39 ? 154 GLU A CB  1 
ATOM   1140 C CG  . GLU A 1 154 ? -6.530  -5.934  -25.529 1.00 25.18 ? 154 GLU A CG  1 
ATOM   1141 C CD  . GLU A 1 154 ? -7.242  -6.327  -26.837 1.00 28.51 ? 154 GLU A CD  1 
ATOM   1142 O OE1 . GLU A 1 154 ? -8.472  -6.475  -26.816 1.00 28.49 ? 154 GLU A OE1 1 
ATOM   1143 O OE2 . GLU A 1 154 ? -6.561  -6.522  -27.840 1.00 26.15 ? 154 GLU A OE2 1 
ATOM   1144 N N   . ARG A 1 155 ? -5.659  -10.201 -23.270 1.00 18.17 ? 155 ARG A N   1 
ATOM   1145 C CA  . ARG A 1 155 ? -4.942  -11.436 -22.959 1.00 17.96 ? 155 ARG A CA  1 
ATOM   1146 C C   . ARG A 1 155 ? -3.444  -11.261 -22.689 1.00 18.31 ? 155 ARG A C   1 
ATOM   1147 O O   . ARG A 1 155 ? -2.655  -12.154 -22.931 1.00 18.00 ? 155 ARG A O   1 
ATOM   1148 C CB  . ARG A 1 155 ? -5.227  -12.554 -23.966 1.00 22.70 ? 155 ARG A CB  1 
ATOM   1149 C CG  . ARG A 1 155 ? -6.742  -12.853 -24.009 1.00 26.68 ? 155 ARG A CG  1 
ATOM   1150 C CD  . ARG A 1 155 ? -7.067  -14.090 -24.813 1.00 29.81 ? 155 ARG A CD  1 
ATOM   1151 N NE  . ARG A 1 155 ? -6.455  -15.259 -24.174 1.00 33.56 ? 155 ARG A NE  1 
ATOM   1152 C CZ  . ARG A 1 155 ? -7.030  -16.022 -23.236 1.00 33.25 ? 155 ARG A CZ  1 
ATOM   1153 N NH1 . ARG A 1 155 ? -8.256  -15.770 -22.804 1.00 29.92 ? 155 ARG A NH1 1 
ATOM   1154 N NH2 . ARG A 1 155 ? -6.377  -17.058 -22.741 1.00 32.80 ? 155 ARG A NH2 1 
ATOM   1155 N N   . PHE A 1 156 ? -3.086  -10.151 -22.076 1.00 15.14 ? 156 PHE A N   1 
ATOM   1156 C CA  . PHE A 1 156 ? -1.745  -10.006 -21.534 1.00 16.22 ? 156 PHE A CA  1 
ATOM   1157 C C   . PHE A 1 156 ? -1.685  -10.286 -20.042 1.00 16.78 ? 156 PHE A C   1 
ATOM   1158 O O   . PHE A 1 156 ? -0.599  -10.423 -19.467 1.00 16.83 ? 156 PHE A O   1 
ATOM   1159 C CB  . PHE A 1 156 ? -1.277  -8.578  -21.818 1.00 15.68 ? 156 PHE A CB  1 
ATOM   1160 C CG  . PHE A 1 156 ? -0.944  -8.303  -23.239 1.00 15.17 ? 156 PHE A CG  1 
ATOM   1161 C CD1 . PHE A 1 156 ? 0.151   -8.909  -23.839 1.00 16.01 ? 156 PHE A CD1 1 
ATOM   1162 C CD2 . PHE A 1 156 ? -1.706  -7.461  -23.991 1.00 16.33 ? 156 PHE A CD2 1 
ATOM   1163 C CE1 . PHE A 1 156 ? 0.480   -8.644  -25.170 1.00 15.92 ? 156 PHE A CE1 1 
ATOM   1164 C CE2 . PHE A 1 156 ? -1.418  -7.199  -25.346 1.00 14.96 ? 156 PHE A CE2 1 
ATOM   1165 C CZ  . PHE A 1 156 ? -0.323  -7.793  -25.957 1.00 14.88 ? 156 PHE A CZ  1 
ATOM   1166 N N   . VAL A 1 157 ? -2.835  -10.291 -19.386 1.00 16.01 ? 157 VAL A N   1 
ATOM   1167 C CA  . VAL A 1 157 ? -2.954  -10.611 -18.000 1.00 16.84 ? 157 VAL A CA  1 
ATOM   1168 C C   . VAL A 1 157 ? -4.050  -11.664 -17.789 1.00 15.29 ? 157 VAL A C   1 
ATOM   1169 O O   . VAL A 1 157 ? -5.112  -11.497 -18.277 1.00 16.09 ? 157 VAL A O   1 
ATOM   1170 C CB  . VAL A 1 157 ? -3.279  -9.336  -17.156 1.00 16.92 ? 157 VAL A CB  1 
ATOM   1171 C CG1 . VAL A 1 157 ? -3.473  -9.684  -15.696 1.00 17.74 ? 157 VAL A CG1 1 
ATOM   1172 C CG2 . VAL A 1 157 ? -2.060  -8.394  -17.265 1.00 20.09 ? 157 VAL A CG2 1 
ATOM   1173 N N   . ARG A 1 158 ? -3.771  -12.737 -17.094 1.00 15.20 ? 158 ARG A N   1 
ATOM   1174 C CA  . ARG A 1 158 ? -4.803  -13.730 -16.794 1.00 15.99 ? 158 ARG A CA  1 
ATOM   1175 C C   . ARG A 1 158 ? -5.827  -13.202 -15.812 1.00 18.49 ? 158 ARG A C   1 
ATOM   1176 O O   . ARG A 1 158 ? -5.485  -12.448 -14.900 1.00 15.40 ? 158 ARG A O   1 
ATOM   1177 C CB  . ARG A 1 158 ? -4.206  -14.976 -16.194 1.00 17.47 ? 158 ARG A CB  1 
ATOM   1178 C CG  . ARG A 1 158 ? -3.223  -15.702 -17.133 1.00 18.37 ? 158 ARG A CG  1 
ATOM   1179 C CD  . ARG A 1 158 ? -2.681  -16.940 -16.479 1.00 19.98 ? 158 ARG A CD  1 
ATOM   1180 N NE  . ARG A 1 158 ? -1.835  -17.660 -17.413 1.00 24.01 ? 158 ARG A NE  1 
ATOM   1181 C CZ  . ARG A 1 158 ? -2.292  -18.519 -18.372 1.00 26.67 ? 158 ARG A CZ  1 
ATOM   1182 N NH1 . ARG A 1 158 ? -3.585  -18.785 -18.513 1.00 22.98 ? 158 ARG A NH1 1 
ATOM   1183 N NH2 . ARG A 1 158 ? -1.442  -19.102 -19.204 1.00 24.78 ? 158 ARG A NH2 1 
ATOM   1184 N N   . ALA A 1 159 ? -7.078  -13.630 -15.976 1.00 18.57 ? 159 ALA A N   1 
ATOM   1185 C CA  . ALA A 1 159 ? -8.158  -13.215 -15.068 1.00 21.46 ? 159 ALA A CA  1 
ATOM   1186 C C   . ALA A 1 159 ? -7.819  -13.494 -13.604 1.00 21.04 ? 159 ALA A C   1 
ATOM   1187 O O   . ALA A 1 159 ? -8.057  -12.647 -12.750 1.00 18.89 ? 159 ALA A O   1 
ATOM   1188 C CB  . ALA A 1 159 ? -9.473  -13.882 -15.488 1.00 21.81 ? 159 ALA A CB  1 
ATOM   1189 N N   . GLU A 1 160 ? -7.203  -14.631 -13.303 1.00 19.09 ? 160 GLU A N   1 
ATOM   1190 C CA  . GLU A 1 160 ? -6.854  -14.903 -11.931 1.00 21.40 ? 160 GLU A CA  1 
ATOM   1191 C C   . GLU A 1 160 ? -5.791  -13.983 -11.376 1.00 19.63 ? 160 GLU A C   1 
ATOM   1192 O O   . GLU A 1 160 ? -5.735  -13.781 -10.147 1.00 18.76 ? 160 GLU A O   1 
ATOM   1193 C CB  . GLU A 1 160 ? -6.441  -16.345 -11.654 1.00 24.83 ? 160 GLU A CB  1 
ATOM   1194 C CG  . GLU A 1 160 ? -5.260  -16.851 -12.426 1.00 28.04 ? 160 GLU A CG  1 
ATOM   1195 C CD  . GLU A 1 160 ? -5.626  -17.539 -13.750 1.00 35.59 ? 160 GLU A CD  1 
ATOM   1196 O OE1 . GLU A 1 160 ? -6.629  -17.139 -14.496 1.00 32.32 ? 160 GLU A OE1 1 
ATOM   1197 O OE2 . GLU A 1 160 ? -4.831  -18.474 -14.033 1.00 38.65 ? 160 GLU A OE2 1 
ATOM   1198 N N   . HIS A 1 161 ? -4.906  -13.469 -12.212 1.00 15.64 ? 161 HIS A N   1 
ATOM   1199 C CA  . HIS A 1 161 ? -3.933  -12.492 -11.700 1.00 16.81 ? 161 HIS A CA  1 
ATOM   1200 C C   . HIS A 1 161 ? -4.542  -11.093 -11.567 1.00 15.98 ? 161 HIS A C   1 
ATOM   1201 O O   . HIS A 1 161 ? -4.258  -10.370 -10.604 1.00 15.05 ? 161 HIS A O   1 
ATOM   1202 C CB  . HIS A 1 161 ? -2.692  -12.529 -12.555 1.00 17.68 ? 161 HIS A CB  1 
ATOM   1203 C CG  . HIS A 1 161 ? -2.025  -13.875 -12.530 1.00 21.29 ? 161 HIS A CG  1 
ATOM   1204 N ND1 . HIS A 1 161 ? -1.460  -14.448 -13.646 1.00 21.45 ? 161 HIS A ND1 1 
ATOM   1205 C CD2 . HIS A 1 161 ? -1.781  -14.739 -11.490 1.00 24.10 ? 161 HIS A CD2 1 
ATOM   1206 C CE1 . HIS A 1 161 ? -0.948  -15.633 -13.310 1.00 22.82 ? 161 HIS A CE1 1 
ATOM   1207 N NE2 . HIS A 1 161 ? -1.130  -15.830 -12.015 1.00 24.09 ? 161 HIS A NE2 1 
ATOM   1208 N N   . ARG A 1 162 ? -5.357  -10.701 -12.532 1.00 14.82 ? 162 ARG A N   1 
ATOM   1209 C CA  . ARG A 1 162 ? -6.158  -9.490  -12.401 1.00 16.12 ? 162 ARG A CA  1 
ATOM   1210 C C   . ARG A 1 162 ? -6.959  -9.500  -11.079 1.00 18.40 ? 162 ARG A C   1 
ATOM   1211 O O   . ARG A 1 162 ? -7.084  -8.444  -10.428 1.00 16.30 ? 162 ARG A O   1 
ATOM   1212 C CB  . ARG A 1 162 ? -7.058  -9.312  -13.590 1.00 16.54 ? 162 ARG A CB  1 
ATOM   1213 C CG  . ARG A 1 162 ? -8.095  -8.185  -13.437 1.00 16.23 ? 162 ARG A CG  1 
ATOM   1214 C CD  . ARG A 1 162 ? -7.364  -6.830  -13.388 1.00 18.03 ? 162 ARG A CD  1 
ATOM   1215 N NE  . ARG A 1 162 ? -8.276  -5.731  -13.149 1.00 17.75 ? 162 ARG A NE  1 
ATOM   1216 C CZ  . ARG A 1 162 ? -8.634  -5.360  -11.928 1.00 20.04 ? 162 ARG A CZ  1 
ATOM   1217 N NH1 . ARG A 1 162 ? -8.172  -5.983  -10.849 1.00 20.16 ? 162 ARG A NH1 1 
ATOM   1218 N NH2 . ARG A 1 162 ? -9.472  -4.370  -11.792 1.00 22.87 ? 162 ARG A NH2 1 
ATOM   1219 N N   . GLY A 1 163 ? -7.457  -10.685 -10.680 1.00 16.00 ? 163 GLY A N   1 
ATOM   1220 C CA  . GLY A 1 163 ? -8.280  -10.767 -9.487  1.00 18.24 ? 163 GLY A CA  1 
ATOM   1221 C C   . GLY A 1 163 ? -7.525  -10.651 -8.152  1.00 17.76 ? 163 GLY A C   1 
ATOM   1222 O O   . GLY A 1 163 ? -8.152  -10.562 -7.106  1.00 21.31 ? 163 GLY A O   1 
ATOM   1223 N N   . MET A 1 164 ? -6.197  -10.593 -8.171  1.00 18.45 ? 164 MET A N   1 
ATOM   1224 C CA  . MET A 1 164 ? -5.443  -10.319 -6.955  1.00 19.33 ? 164 MET A CA  1 
ATOM   1225 C C   . MET A 1 164 ? -5.585  -8.877  -6.515  1.00 19.58 ? 164 MET A C   1 
ATOM   1226 O O   . MET A 1 164 ? -5.272  -8.595  -5.379  1.00 20.09 ? 164 MET A O   1 
ATOM   1227 C CB  . MET A 1 164 ? -3.952  -10.617 -7.137  1.00 20.83 ? 164 MET A CB  1 
ATOM   1228 C CG  . MET A 1 164 ? -3.662  -12.077 -7.466  1.00 25.56 ? 164 MET A CG  1 
ATOM   1229 S SD  . MET A 1 164 ? -1.900  -12.406 -7.727  1.00 29.99 ? 164 MET A SD  1 
ATOM   1230 C CE  . MET A 1 164 ? -1.384  -12.576 -6.000  1.00 31.40 ? 164 MET A CE  1 
ATOM   1231 N N   . LEU A 1 165 ? -6.007  -7.991  -7.418  1.00 17.25 ? 165 LEU A N   1 
ATOM   1232 C CA  . LEU A 1 165 ? -6.182  -6.624  -7.114  1.00 17.54 ? 165 LEU A CA  1 
ATOM   1233 C C   . LEU A 1 165 ? -7.623  -6.276  -6.812  1.00 19.63 ? 165 LEU A C   1 
ATOM   1234 O O   . LEU A 1 165 ? -8.455  -6.239  -7.685  1.00 19.81 ? 165 LEU A O   1 
ATOM   1235 C CB  . LEU A 1 165 ? -5.634  -5.692  -8.227  1.00 18.28 ? 165 LEU A CB  1 
ATOM   1236 C CG  . LEU A 1 165 ? -5.681  -4.199  -7.917  1.00 16.83 ? 165 LEU A CG  1 
ATOM   1237 C CD1 . LEU A 1 165 ? -4.572  -3.830  -6.935  1.00 16.44 ? 165 LEU A CD1 1 
ATOM   1238 C CD2 . LEU A 1 165 ? -5.491  -3.369  -9.183  1.00 18.97 ? 165 LEU A CD2 1 
ATOM   1239 N N   . GLN A 1 166 ? -7.878  -5.925  -5.557  1.00 17.82 ? 166 GLN A N   1 
ATOM   1240 C CA  . GLN A 1 166 ? -9.195  -5.463  -5.099  1.00 17.92 ? 166 GLN A CA  1 
ATOM   1241 C C   . GLN A 1 166 ? -9.249  -3.958  -5.179  1.00 17.71 ? 166 GLN A C   1 
ATOM   1242 O O   . GLN A 1 166 ? -8.247  -3.293  -5.448  1.00 17.57 ? 166 GLN A O   1 
ATOM   1243 C CB  . GLN A 1 166 ? -9.423  -5.911  -3.684  1.00 19.47 ? 166 GLN A CB  1 
ATOM   1244 C CG  . GLN A 1 166 ? -9.050  -7.358  -3.417  1.00 21.82 ? 166 GLN A CG  1 
ATOM   1245 C CD  . GLN A 1 166 ? -9.986  -8.249  -4.188  1.00 24.88 ? 166 GLN A CD  1 
ATOM   1246 O OE1 . GLN A 1 166 ? -11.184 -8.128  -4.051  1.00 28.21 ? 166 GLN A OE1 1 
ATOM   1247 N NE2 . GLN A 1 166 ? -9.432  -9.105  -5.027  1.00 28.15 ? 166 GLN A NE2 1 
ATOM   1248 N N   . ARG A 1 167 ? -10.433 -3.411  -4.990  1.00 16.75 ? 167 ARG A N   1 
ATOM   1249 C CA  . ARG A 1 167 ? -10.595 -1.970  -4.955  1.00 18.72 ? 167 ARG A CA  1 
ATOM   1250 C C   . ARG A 1 167 ? -11.770 -1.540  -4.088  1.00 19.92 ? 167 ARG A C   1 
ATOM   1251 O O   . ARG A 1 167 ? -12.722 -2.291  -3.897  1.00 19.05 ? 167 ARG A O   1 
ATOM   1252 C CB  . ARG A 1 167 ? -10.738 -1.429  -6.361  1.00 20.36 ? 167 ARG A CB  1 
ATOM   1253 C CG  . ARG A 1 167 ? -11.980 -1.940  -7.067  1.00 24.03 ? 167 ARG A CG  1 
ATOM   1254 C CD  . ARG A 1 167 ? -12.121 -1.226  -8.367  1.00 28.74 ? 167 ARG A CD  1 
ATOM   1255 N NE  . ARG A 1 167 ? -13.461 -1.491  -8.856  1.00 31.99 ? 167 ARG A NE  1 
ATOM   1256 C CZ  . ARG A 1 167 ? -14.369 -0.574  -9.199  1.00 40.16 ? 167 ARG A CZ  1 
ATOM   1257 N NH1 . ARG A 1 167 ? -15.580 -0.992  -9.567  1.00 43.07 ? 167 ARG A NH1 1 
ATOM   1258 N NH2 . ARG A 1 167 ? -14.110 0.737   -9.205  1.00 41.24 ? 167 ARG A NH2 1 
ATOM   1259 N N   . GLY A 1 168 ? -11.737 -0.330  -3.581  1.00 19.64 ? 168 GLY A N   1 
ATOM   1260 C CA  . GLY A 1 168 ? -12.850 0.185   -2.763  1.00 20.58 ? 168 GLY A CA  1 
ATOM   1261 C C   . GLY A 1 168 ? -12.572 1.647   -2.412  1.00 20.72 ? 168 GLY A C   1 
ATOM   1262 O O   . GLY A 1 168 ? -11.417 2.027   -2.316  1.00 21.54 ? 168 GLY A O   1 
ATOM   1263 N N   . ALA A 1 169 ? -13.605 2.466   -2.213  1.00 21.57 ? 169 ALA A N   1 
ATOM   1264 C CA  . ALA A 1 169 ? -13.424 3.851   -1.679  1.00 24.41 ? 169 ALA A CA  1 
ATOM   1265 C C   . ALA A 1 169 ? -13.408 3.900   -0.147  1.00 24.17 ? 169 ALA A C   1 
ATOM   1266 O O   . ALA A 1 169 ? -12.968 4.882   0.433   1.00 29.05 ? 169 ALA A O   1 
ATOM   1267 C CB  . ALA A 1 169 ? -14.514 4.800   -2.189  1.00 29.71 ? 169 ALA A CB  1 
ATOM   1268 N N   . SER A 1 170 ? -13.819 2.821   0.519   1.00 20.93 ? 170 SER A N   1 
ATOM   1269 C CA  . SER A 1 170 ? -13.940 2.785   1.959   1.00 20.36 ? 170 SER A CA  1 
ATOM   1270 C C   . SER A 1 170 ? -12.778 1.952   2.451   1.00 18.76 ? 170 SER A C   1 
ATOM   1271 O O   . SER A 1 170 ? -12.620 0.835   1.986   1.00 16.43 ? 170 SER A O   1 
ATOM   1272 C CB  . SER A 1 170 ? -15.318 2.129   2.295   1.00 19.62 ? 170 SER A CB  1 
ATOM   1273 O OG  . SER A 1 170 ? -15.294 1.509   3.532   1.00 22.27 ? 170 SER A OG  1 
ATOM   1274 N N   . PRO A 1 171 ? -11.958 2.476   3.373   1.00 17.28 ? 171 PRO A N   1 
ATOM   1275 C CA  . PRO A 1 171 ? -10.928 1.630   3.997   1.00 16.95 ? 171 PRO A CA  1 
ATOM   1276 C C   . PRO A 1 171 ? -11.492 0.326   4.625   1.00 17.14 ? 171 PRO A C   1 
ATOM   1277 O O   . PRO A 1 171 ? -10.910 -0.756  4.456   1.00 14.91 ? 171 PRO A O   1 
ATOM   1278 C CB  . PRO A 1 171 ? -10.339 2.551   5.073   1.00 18.03 ? 171 PRO A CB  1 
ATOM   1279 C CG  . PRO A 1 171 ? -10.577 3.922   4.544   1.00 18.41 ? 171 PRO A CG  1 
ATOM   1280 C CD  . PRO A 1 171 ? -11.886 3.864   3.863   1.00 18.18 ? 171 PRO A CD  1 
ATOM   1281 N N   . GLU A 1 172 ? -12.639 0.435   5.312   1.00 17.48 ? 172 GLU A N   1 
ATOM   1282 C CA  . GLU A 1 172 ? -13.225 -0.737  5.926   1.00 18.34 ? 172 GLU A CA  1 
ATOM   1283 C C   . GLU A 1 172 ? -13.587 -1.800  4.854   1.00 17.22 ? 172 GLU A C   1 
ATOM   1284 O O   . GLU A 1 172 ? -13.233 -2.979  5.001   1.00 14.34 ? 172 GLU A O   1 
ATOM   1285 C CB  . GLU A 1 172 ? -14.432 -0.386  6.798   1.00 20.52 ? 172 GLU A CB  1 
ATOM   1286 C CG  . GLU A 1 172 ? -15.015 -1.613  7.520   1.00 22.60 ? 172 GLU A CG  1 
ATOM   1287 C CD  . GLU A 1 172 ? -16.272 -1.279  8.294   1.00 24.12 ? 172 GLU A CD  1 
ATOM   1288 O OE1 . GLU A 1 172 ? -17.369 -1.108  7.717   1.00 26.92 ? 172 GLU A OE1 1 
ATOM   1289 O OE2 . GLU A 1 172 ? -16.122 -1.115  9.469   1.00 25.38 ? 172 GLU A OE2 1 
ATOM   1290 N N   . ALA A 1 173 ? -14.292 -1.408  3.823   1.00 16.08 ? 173 ALA A N   1 
ATOM   1291 C CA  . ALA A 1 173 ? -14.728 -2.353  2.790   1.00 19.17 ? 173 ALA A CA  1 
ATOM   1292 C C   . ALA A 1 173 ? -13.500 -2.921  2.009   1.00 18.13 ? 173 ALA A C   1 
ATOM   1293 O O   . ALA A 1 173 ? -13.433 -4.130  1.744   1.00 15.89 ? 173 ALA A O   1 
ATOM   1294 C CB  . ALA A 1 173 ? -15.708 -1.683  1.825   1.00 20.50 ? 173 ALA A CB  1 
ATOM   1295 N N   . LEU A 1 174 ? -12.502 -2.095  1.714   1.00 16.88 ? 174 LEU A N   1 
ATOM   1296 C CA  . LEU A 1 174 ? -11.324 -2.623  1.027   1.00 15.72 ? 174 LEU A CA  1 
ATOM   1297 C C   . LEU A 1 174 ? -10.558 -3.647  1.897   1.00 16.80 ? 174 LEU A C   1 
ATOM   1298 O O   . LEU A 1 174 ? -10.168 -4.737  1.393   1.00 15.06 ? 174 LEU A O   1 
ATOM   1299 C CB  . LEU A 1 174 ? -10.392 -1.481  0.641   1.00 16.72 ? 174 LEU A CB  1 
ATOM   1300 C CG  . LEU A 1 174 ? -9.037  -1.881  0.032   1.00 16.29 ? 174 LEU A CG  1 
ATOM   1301 C CD1 . LEU A 1 174 ? -9.302  -2.710  -1.204  1.00 16.50 ? 174 LEU A CD1 1 
ATOM   1302 C CD2 . LEU A 1 174 ? -8.213  -0.662  -0.347  1.00 19.11 ? 174 LEU A CD2 1 
ATOM   1303 N N   A LEU A 1 175 ? -10.397 -3.340  3.188   0.50 15.47 ? 175 LEU A N   1 
ATOM   1304 N N   B LEU A 1 175 ? -10.406 -3.357  3.183   0.50 14.84 ? 175 LEU A N   1 
ATOM   1305 C CA  A LEU A 1 175 ? -9.691  -4.252  4.107   0.50 17.24 ? 175 LEU A CA  1 
ATOM   1306 C CA  B LEU A 1 175 ? -9.677  -4.282  4.044   0.50 16.10 ? 175 LEU A CA  1 
ATOM   1307 C C   A LEU A 1 175 ? -10.455 -5.572  4.281   0.50 17.22 ? 175 LEU A C   1 
ATOM   1308 C C   B LEU A 1 175 ? -10.455 -5.582  4.278   0.50 16.57 ? 175 LEU A C   1 
ATOM   1309 O O   A LEU A 1 175 ? -9.845  -6.648  4.340   0.50 16.17 ? 175 LEU A O   1 
ATOM   1310 O O   B LEU A 1 175 ? -9.853  -6.660  4.350   0.50 15.68 ? 175 LEU A O   1 
ATOM   1311 C CB  A LEU A 1 175 ? -9.473  -3.618  5.474   0.50 19.15 ? 175 LEU A CB  1 
ATOM   1312 C CB  B LEU A 1 175 ? -9.313  -3.619  5.341   0.50 16.75 ? 175 LEU A CB  1 
ATOM   1313 C CG  A LEU A 1 175 ? -8.133  -2.969  5.826   0.50 21.23 ? 175 LEU A CG  1 
ATOM   1314 C CG  B LEU A 1 175 ? -8.099  -2.702  5.235   0.50 17.67 ? 175 LEU A CG  1 
ATOM   1315 C CD1 A LEU A 1 175 ? -7.011  -3.985  5.704   0.50 21.91 ? 175 LEU A CD1 1 
ATOM   1316 C CD1 B LEU A 1 175 ? -8.172  -1.706  6.368   0.50 17.88 ? 175 LEU A CD1 1 
ATOM   1317 C CD2 A LEU A 1 175 ? -7.870  -1.784  4.922   0.50 21.72 ? 175 LEU A CD2 1 
ATOM   1318 C CD2 B LEU A 1 175 ? -6.800  -3.483  5.288   0.50 17.69 ? 175 LEU A CD2 1 
ATOM   1319 N N   . ASP A 1 176 ? -11.783 -5.480  4.353   1.00 17.87 ? 176 ASP A N   1 
ATOM   1320 C CA  . ASP A 1 176 ? -12.649 -6.668  4.340   1.00 19.61 ? 176 ASP A CA  1 
ATOM   1321 C C   . ASP A 1 176 ? -12.391 -7.541  3.106   1.00 19.31 ? 176 ASP A C   1 
ATOM   1322 O O   . ASP A 1 176 ? -12.276 -8.752  3.239   1.00 18.23 ? 176 ASP A O   1 
ATOM   1323 C CB  . ASP A 1 176 ? -14.144 -6.314  4.427   1.00 23.72 ? 176 ASP A CB  1 
ATOM   1324 C CG  . ASP A 1 176 ? -14.578 -5.766  5.804   1.00 26.24 ? 176 ASP A CG  1 
ATOM   1325 O OD1 . ASP A 1 176 ? -13.875 -5.806  6.838   1.00 26.60 ? 176 ASP A OD1 1 
ATOM   1326 O OD2 . ASP A 1 176 ? -15.703 -5.251  5.816   1.00 32.59 ? 176 ASP A OD2 1 
ATOM   1327 N N   . ALA A 1 177 ? -12.324 -6.941  1.895   1.00 19.88 ? 177 ALA A N   1 
ATOM   1328 C CA  . ALA A 1 177 ? -12.080 -7.666  0.691   1.00 16.79 ? 177 ALA A CA  1 
ATOM   1329 C C   . ALA A 1 177 ? -10.679 -8.329  0.703   1.00 16.43 ? 177 ALA A C   1 
ATOM   1330 O O   . ALA A 1 177 ? -10.541 -9.514  0.303   1.00 17.00 ? 177 ALA A O   1 
ATOM   1331 C CB  . ALA A 1 177 ? -12.227 -6.763  -0.548  1.00 18.47 ? 177 ALA A CB  1 
ATOM   1332 N N   A LEU A 1 178 ? -9.670  -7.603  1.180   0.50 14.14 ? 178 LEU A N   1 
ATOM   1333 N N   B LEU A 1 178 ? -9.673  -7.601  1.173   0.50 15.32 ? 178 LEU A N   1 
ATOM   1334 C CA  A LEU A 1 178 ? -8.326  -8.146  1.291   0.50 13.40 ? 178 LEU A CA  1 
ATOM   1335 C CA  B LEU A 1 178 ? -8.331  -8.138  1.283   0.50 15.31 ? 178 LEU A CA  1 
ATOM   1336 C C   A LEU A 1 178 ? -8.250  -9.314  2.278   0.50 15.18 ? 178 LEU A C   1 
ATOM   1337 C C   B LEU A 1 178 ? -8.254  -9.311  2.272   0.50 16.37 ? 178 LEU A C   1 
ATOM   1338 O O   A LEU A 1 178 ? -7.612  -10.347 1.987   0.50 14.21 ? 178 LEU A O   1 
ATOM   1339 O O   B LEU A 1 178 ? -7.634  -10.351 1.969   0.50 15.16 ? 178 LEU A O   1 
ATOM   1340 C CB  A LEU A 1 178 ? -7.350  -7.059  1.698   0.50 12.19 ? 178 LEU A CB  1 
ATOM   1341 C CB  B LEU A 1 178 ? -7.374  -7.030  1.673   0.50 15.38 ? 178 LEU A CB  1 
ATOM   1342 C CG  A LEU A 1 178 ? -7.090  -5.902  0.745   0.50 11.44 ? 178 LEU A CG  1 
ATOM   1343 C CG  B LEU A 1 178 ? -6.661  -6.220  0.585   0.50 16.40 ? 178 LEU A CG  1 
ATOM   1344 C CD1 A LEU A 1 178 ? -6.345  -4.830  1.541   0.50 11.55 ? 178 LEU A CD1 1 
ATOM   1345 C CD1 B LEU A 1 178 ? -7.373  -6.094  -0.764  0.50 16.16 ? 178 LEU A CD1 1 
ATOM   1346 C CD2 A LEU A 1 178 ? -6.240  -6.360  -0.471  0.50 10.87 ? 178 LEU A CD2 1 
ATOM   1347 C CD2 B LEU A 1 178 ? -6.352  -4.853  1.188   0.50 16.46 ? 178 LEU A CD2 1 
ATOM   1348 N N   . ALA A 1 179 ? -8.908  -9.157  3.431   1.00 16.07 ? 179 ALA A N   1 
ATOM   1349 C CA  . ALA A 1 179 ? -8.858  -10.189 4.485   1.00 18.87 ? 179 ALA A CA  1 
ATOM   1350 C C   . ALA A 1 179 ? -9.509  -11.500 4.046   1.00 18.00 ? 179 ALA A C   1 
ATOM   1351 O O   . ALA A 1 179 ? -9.104  -12.622 4.465   1.00 19.49 ? 179 ALA A O   1 
ATOM   1352 C CB  . ALA A 1 179 ? -9.495  -9.663  5.774   1.00 20.13 ? 179 ALA A CB  1 
ATOM   1353 N N   . ALA A 1 180 ? -10.532 -11.377 3.241   1.00 17.19 ? 180 ALA A N   1 
ATOM   1354 C CA  . ALA A 1 180 ? -11.264 -12.507 2.765   1.00 18.92 ? 180 ALA A CA  1 
ATOM   1355 C C   . ALA A 1 180 ? -10.783 -13.112 1.435   1.00 19.92 ? 180 ALA A C   1 
ATOM   1356 O O   . ALA A 1 180 ? -11.223 -14.200 1.085   1.00 19.10 ? 180 ALA A O   1 
ATOM   1357 C CB  . ALA A 1 180 ? -12.752 -12.107 2.593   1.00 18.91 ? 180 ALA A CB  1 
ATOM   1358 N N   . TRP A 1 181 ? -9.961  -12.369 0.702   1.00 18.96 ? 181 TRP A N   1 
ATOM   1359 C CA  . TRP A 1 181 ? -9.501  -12.757 -0.606  1.00 18.70 ? 181 TRP A CA  1 
ATOM   1360 C C   . TRP A 1 181 ? -8.919  -14.161 -0.719  1.00 19.58 ? 181 TRP A C   1 
ATOM   1361 O O   . TRP A 1 181 ? -8.095  -14.550 0.014   1.00 17.97 ? 181 TRP A O   1 
ATOM   1362 C CB  . TRP A 1 181 ? -8.527  -11.735 -1.250  1.00 19.23 ? 181 TRP A CB  1 
ATOM   1363 C CG  . TRP A 1 181 ? -8.112  -12.129 -2.621  1.00 20.05 ? 181 TRP A CG  1 
ATOM   1364 C CD1 . TRP A 1 181 ? -8.821  -11.978 -3.742  1.00 21.82 ? 181 TRP A CD1 1 
ATOM   1365 C CD2 . TRP A 1 181 ? -6.970  -12.898 -2.983  1.00 19.61 ? 181 TRP A CD2 1 
ATOM   1366 N NE1 . TRP A 1 181 ? -8.189  -12.528 -4.784  1.00 23.86 ? 181 TRP A NE1 1 
ATOM   1367 C CE2 . TRP A 1 181 ? -7.039  -13.106 -4.350  1.00 22.88 ? 181 TRP A CE2 1 
ATOM   1368 C CE3 . TRP A 1 181 ? -5.884  -13.392 -2.293  1.00 22.02 ? 181 TRP A CE3 1 
ATOM   1369 C CZ2 . TRP A 1 181 ? -6.070  -13.794 -5.029  1.00 23.14 ? 181 TRP A CZ2 1 
ATOM   1370 C CZ3 . TRP A 1 181 ? -4.924  -14.063 -2.965  1.00 25.29 ? 181 TRP A CZ3 1 
ATOM   1371 C CH2 . TRP A 1 181 ? -5.016  -14.255 -4.317  1.00 23.96 ? 181 TRP A CH2 1 
ATOM   1372 N N   . THR A 1 182 ? -9.392  -14.845 -1.724  1.00 19.02 ? 182 THR A N   1 
ATOM   1373 C CA  . THR A 1 182 ? -8.954  -16.154 -2.046  1.00 21.89 ? 182 THR A CA  1 
ATOM   1374 C C   . THR A 1 182 ? -9.085  -16.283 -3.561  1.00 24.38 ? 182 THR A C   1 
ATOM   1375 O O   . THR A 1 182 ? -10.039 -15.809 -4.158  1.00 22.47 ? 182 THR A O   1 
ATOM   1376 C CB  . THR A 1 182 ? -9.806  -17.263 -1.346  1.00 23.85 ? 182 THR A CB  1 
ATOM   1377 O OG1 . THR A 1 182 ? -9.527  -18.536 -1.885  1.00 26.36 ? 182 THR A OG1 1 
ATOM   1378 C CG2 . THR A 1 182 ? -11.273 -17.016 -1.471  1.00 25.39 ? 182 THR A CG2 1 
ATOM   1379 N N   . PRO A 1 183 ? -8.164  -17.018 -4.156  1.00 23.12 ? 183 PRO A N   1 
ATOM   1380 C CA  . PRO A 1 183 ? -8.219  -17.378 -5.582  1.00 31.65 ? 183 PRO A CA  1 
ATOM   1381 C C   . PRO A 1 183 ? -9.555  -18.129 -6.011  1.00 33.62 ? 183 PRO A C   1 
ATOM   1382 O O   . PRO A 1 183 ? -9.948  -18.092 -7.135  1.00 33.53 ? 183 PRO A O   1 
ATOM   1383 C CB  . PRO A 1 183 ? -7.024  -18.331 -5.744  1.00 31.27 ? 183 PRO A CB  1 
ATOM   1384 C CG  . PRO A 1 183 ? -6.144  -18.103 -4.580  1.00 31.11 ? 183 PRO A CG  1 
ATOM   1385 C CD  . PRO A 1 183 ? -6.876  -17.335 -3.535  1.00 27.24 ? 183 PRO A CD  1 
ATOM   1386 N N   . SER A 1 184 ? -10.217 -18.824 -5.091  1.00 34.91 ? 184 SER A N   1 
ATOM   1387 C CA  . SER A 1 184 ? -11.475 -19.515 -5.301  1.00 35.85 ? 184 SER A CA  1 
ATOM   1388 C C   . SER A 1 184 ? -12.596 -18.659 -5.796  1.00 39.03 ? 184 SER A C   1 
ATOM   1389 O O   . SER A 1 184 ? -13.436 -19.165 -6.470  1.00 46.54 ? 184 SER A O   1 
ATOM   1390 C CB  . SER A 1 184 ? -11.878 -20.242 -4.057  1.00 33.30 ? 184 SER A CB  1 
ATOM   1391 O OG  . SER A 1 184 ? -10.875 -21.164 -3.838  1.00 39.05 ? 184 SER A OG  1 
ATOM   1392 N N   . VAL A 1 185 ? -12.645 -17.386 -5.455  1.00 37.51 ? 185 VAL A N   1 
ATOM   1393 C CA  . VAL A 1 185 ? -13.643 -16.516 -6.014  1.00 43.63 ? 185 VAL A CA  1 
ATOM   1394 C C   . VAL A 1 185 ? -12.943 -16.054 -7.285  1.00 54.03 ? 185 VAL A C   1 
ATOM   1395 O O   . VAL A 1 185 ? -12.183 -15.091 -7.280  1.00 47.07 ? 185 VAL A O   1 
ATOM   1396 C CB  . VAL A 1 185 ? -13.890 -15.287 -5.177  1.00 45.38 ? 185 VAL A CB  1 
ATOM   1397 C CG1 . VAL A 1 185 ? -14.613 -14.250 -6.012  1.00 50.60 ? 185 VAL A CG1 1 
ATOM   1398 C CG2 . VAL A 1 185 ? -14.606 -15.607 -3.889  1.00 40.96 ? 185 VAL A CG2 1 
ATOM   1399 N N   . ALA A 1 186 ? -13.166 -16.783 -8.368  1.00 30.00 ? 186 ALA A N   1 
ATOM   1400 C CA  . ALA A 1 186 ? -12.483 -16.472 -9.604  1.00 30.00 ? 186 ALA A CA  1 
ATOM   1401 C C   . ALA A 1 186 ? -13.163 -15.325 -10.315 1.00 30.00 ? 186 ALA A C   1 
ATOM   1402 O O   . ALA A 1 186 ? -12.825 -14.171 -10.102 1.00 30.00 ? 186 ALA A O   1 
ATOM   1403 C CB  . ALA A 1 186 ? -12.395 -17.713 -10.476 1.00 30.00 ? 186 ALA A CB  1 
HETATM 1404 C C1  . GOL B 2 .   ? 7.143   4.336   -0.240  1.00 22.46 ? 301 GOL A C1  1 
HETATM 1405 O O1  . GOL B 2 .   ? 7.645   4.661   -1.498  1.00 23.56 ? 301 GOL A O1  1 
HETATM 1406 C C2  . GOL B 2 .   ? 5.660   4.698   -0.116  1.00 23.79 ? 301 GOL A C2  1 
HETATM 1407 O O2  . GOL B 2 .   ? 4.936   4.092   -1.132  1.00 19.27 ? 301 GOL A O2  1 
HETATM 1408 C C3  . GOL B 2 .   ? 5.105   4.433   1.283   1.00 21.37 ? 301 GOL A C3  1 
HETATM 1409 O O3  . GOL B 2 .   ? 5.123   3.078   1.556   1.00 22.06 ? 301 GOL A O3  1 
HETATM 1410 C C1  . GOL C 2 .   ? 11.921  5.829   14.107  1.00 41.77 ? 302 GOL A C1  1 
HETATM 1411 O O1  . GOL C 2 .   ? 10.821  6.642   13.826  1.00 29.43 ? 302 GOL A O1  1 
HETATM 1412 C C2  . GOL C 2 .   ? 12.379  6.027   15.531  1.00 44.09 ? 302 GOL A C2  1 
HETATM 1413 O O2  . GOL C 2 .   ? 12.662  7.411   15.660  1.00 45.23 ? 302 GOL A O2  1 
HETATM 1414 C C3  . GOL C 2 .   ? 11.250  5.615   16.446  1.00 44.62 ? 302 GOL A C3  1 
HETATM 1415 O O3  . GOL C 2 .   ? 11.314  6.274   17.683  1.00 44.68 ? 302 GOL A O3  1 
HETATM 1416 C C1  . GOL D 2 .   ? -3.051  -15.033 -20.991 1.00 20.00 ? 303 GOL A C1  1 
HETATM 1417 O O1  . GOL D 2 .   ? -2.017  -14.145 -20.476 1.00 20.00 ? 303 GOL A O1  1 
HETATM 1418 C C2  . GOL D 2 .   ? -2.329  -16.217 -21.620 1.00 20.00 ? 303 GOL A C2  1 
HETATM 1419 O O2  . GOL D 2 .   ? -1.405  -15.843 -22.634 1.00 20.00 ? 303 GOL A O2  1 
HETATM 1420 C C3  . GOL D 2 .   ? -3.238  -17.305 -22.147 1.00 20.00 ? 303 GOL A C3  1 
HETATM 1421 O O3  . GOL D 2 .   ? -3.790  -16.895 -23.332 1.00 20.00 ? 303 GOL A O3  1 
HETATM 1422 P P   . PO4 E 3 .   ? 5.939   8.613   -5.524  1.00 16.25 ? 304 PO4 A P   1 
HETATM 1423 O O1  . PO4 E 3 .   ? 5.703   9.855   -4.909  1.00 15.85 ? 304 PO4 A O1  1 
HETATM 1424 O O2  . PO4 E 3 .   ? 6.878   7.841   -4.735  1.00 14.28 ? 304 PO4 A O2  1 
HETATM 1425 O O3  . PO4 E 3 .   ? 4.743   7.878   -5.744  1.00 14.93 ? 304 PO4 A O3  1 
HETATM 1426 O O4  . PO4 E 3 .   ? 6.587   8.834   -6.749  1.00 14.01 ? 304 PO4 A O4  1 
HETATM 1427 N N1  . IMD F 4 .   ? 19.364  -0.032  -5.146  1.00 44.61 ? 305 IMD A N1  1 
HETATM 1428 C C2  . IMD F 4 .   ? 18.251  -0.740  -5.270  1.00 45.33 ? 305 IMD A C2  1 
HETATM 1429 N N3  . IMD F 4 .   ? 18.535  -2.009  -5.190  1.00 45.94 ? 305 IMD A N3  1 
HETATM 1430 C C4  . IMD F 4 .   ? 19.843  -2.112  -5.034  1.00 47.58 ? 305 IMD A C4  1 
HETATM 1431 C C5  . IMD F 4 .   ? 20.361  -0.867  -4.998  1.00 46.77 ? 305 IMD A C5  1 
HETATM 1432 C C1  . EDO G 5 .   ? -7.929  -18.887 -19.808 1.00 20.00 ? 306 EDO A C1  1 
HETATM 1433 O O1  . EDO G 5 .   ? -7.153  -18.872 -20.994 1.00 20.00 ? 306 EDO A O1  1 
HETATM 1434 C C2  . EDO G 5 .   ? -9.393  -19.023 -20.163 1.00 20.00 ? 306 EDO A C2  1 
HETATM 1435 O O2  . EDO G 5 .   ? -9.861  -17.803 -20.709 1.00 20.00 ? 306 EDO A O2  1 
HETATM 1436 O O   . HOH H 6 .   ? 0.706   15.002  2.809   1.00 39.65 ? 401 HOH A O   1 
HETATM 1437 O O   . HOH H 6 .   ? -12.694 13.314  1.465   1.00 31.68 ? 402 HOH A O   1 
HETATM 1438 O O   . HOH H 6 .   ? 11.481  -8.273  -9.162  1.00 36.22 ? 403 HOH A O   1 
HETATM 1439 O O   . HOH H 6 .   ? 13.251  -4.677  -6.753  1.00 39.06 ? 404 HOH A O   1 
HETATM 1440 O O   . HOH H 6 .   ? 21.282  5.615   9.462   1.00 50.20 ? 405 HOH A O   1 
HETATM 1441 O O   . HOH H 6 .   ? -10.670 9.944   9.010   1.00 42.67 ? 406 HOH A O   1 
HETATM 1442 O O   . HOH H 6 .   ? -4.206  15.908  -0.249  1.00 20.92 ? 407 HOH A O   1 
HETATM 1443 O O   . HOH H 6 .   ? -6.001  -18.131 -16.798 1.00 42.60 ? 408 HOH A O   1 
HETATM 1444 O O   . HOH H 6 .   ? -12.769 -1.750  -17.298 1.00 43.23 ? 409 HOH A O   1 
HETATM 1445 O O   . HOH H 6 .   ? 9.982   0.981   19.339  1.00 23.23 ? 410 HOH A O   1 
HETATM 1446 O O   . HOH H 6 .   ? -15.509 0.891   -5.805  1.00 37.58 ? 411 HOH A O   1 
HETATM 1447 O O   . HOH H 6 .   ? 9.695   3.417   -5.250  1.00 30.03 ? 412 HOH A O   1 
HETATM 1448 O O   . HOH H 6 .   ? -6.771  -12.902 5.966   1.00 22.96 ? 413 HOH A O   1 
HETATM 1449 O O   . HOH H 6 .   ? -6.661  -12.534 -20.114 1.00 24.11 ? 414 HOH A O   1 
HETATM 1450 O O   . HOH H 6 .   ? -0.562  19.971  -2.852  1.00 33.15 ? 415 HOH A O   1 
HETATM 1451 O O   . HOH H 6 .   ? -14.315 -2.576  -1.820  1.00 41.06 ? 416 HOH A O   1 
HETATM 1452 O O   . HOH H 6 .   ? -10.688 14.722  -6.899  1.00 42.74 ? 417 HOH A O   1 
HETATM 1453 O O   . HOH H 6 .   ? -3.763  -0.798  16.679  1.00 33.50 ? 418 HOH A O   1 
HETATM 1454 O O   . HOH H 6 .   ? -7.384  -14.453 -8.182  1.00 36.35 ? 419 HOH A O   1 
HETATM 1455 O O   . HOH H 6 .   ? -15.620 -5.381  0.908   1.00 34.47 ? 420 HOH A O   1 
HETATM 1456 O O   . HOH H 6 .   ? 14.533  8.277   13.982  1.00 49.85 ? 421 HOH A O   1 
HETATM 1457 O O   . HOH H 6 .   ? -1.213  -13.131 -15.947 1.00 20.08 ? 422 HOH A O   1 
HETATM 1458 O O   . HOH H 6 .   ? 13.486  -9.014  3.212   1.00 37.48 ? 423 HOH A O   1 
HETATM 1459 O O   . HOH H 6 .   ? 0.389   -16.406 -5.935  1.00 32.03 ? 424 HOH A O   1 
HETATM 1460 O O   . HOH H 6 .   ? -16.069 1.771   -2.999  1.00 36.28 ? 425 HOH A O   1 
HETATM 1461 O O   . HOH H 6 .   ? -10.812 -10.704 -6.759  1.00 36.70 ? 426 HOH A O   1 
HETATM 1462 O O   . HOH H 6 .   ? 9.233   8.621   -7.192  1.00 24.03 ? 427 HOH A O   1 
HETATM 1463 O O   . HOH H 6 .   ? 15.744  10.641  7.169   1.00 43.90 ? 428 HOH A O   1 
HETATM 1464 O O   . HOH H 6 .   ? 5.807   5.570   -3.270  1.00 33.77 ? 429 HOH A O   1 
HETATM 1465 O O   . HOH H 6 .   ? -5.960  9.105   13.652  1.00 27.20 ? 430 HOH A O   1 
HETATM 1466 O O   . HOH H 6 .   ? 6.126   10.429  -8.893  1.00 13.85 ? 431 HOH A O   1 
HETATM 1467 O O   . HOH H 6 .   ? -11.594 7.072   -0.497  1.00 24.50 ? 432 HOH A O   1 
HETATM 1468 O O   . HOH H 6 .   ? 18.739  -3.362  -2.488  1.00 24.84 ? 433 HOH A O   1 
HETATM 1469 O O   . HOH H 6 .   ? 4.016   11.889  -5.542  1.00 19.25 ? 434 HOH A O   1 
HETATM 1470 O O   . HOH H 6 .   ? -6.547  -12.841 1.743   1.00 22.43 ? 435 HOH A O   1 
HETATM 1471 O O   . HOH H 6 .   ? -10.982 5.707   9.415   1.00 32.52 ? 436 HOH A O   1 
HETATM 1472 O O   . HOH H 6 .   ? -11.178 4.337   -9.027  1.00 27.66 ? 437 HOH A O   1 
HETATM 1473 O O   . HOH H 6 .   ? 5.035   9.185   17.313  1.00 34.85 ? 438 HOH A O   1 
HETATM 1474 O O   . HOH H 6 .   ? 15.207  -7.055  2.179   1.00 25.59 ? 439 HOH A O   1 
HETATM 1475 O O   . HOH H 6 .   ? -5.749  -2.357  -27.830 1.00 29.82 ? 440 HOH A O   1 
HETATM 1476 O O   . HOH H 6 .   ? -11.813 5.376   -17.647 1.00 41.51 ? 441 HOH A O   1 
HETATM 1477 O O   . HOH H 6 .   ? 10.230  -10.373 0.152   1.00 35.20 ? 442 HOH A O   1 
HETATM 1478 O O   . HOH H 6 .   ? -13.712 -8.471  7.612   1.00 28.60 ? 443 HOH A O   1 
HETATM 1479 O O   . HOH H 6 .   ? -0.018  14.422  9.307   1.00 32.17 ? 444 HOH A O   1 
HETATM 1480 O O   . HOH H 6 .   ? -12.434 -10.831 -1.261  1.00 27.89 ? 445 HOH A O   1 
HETATM 1481 O O   . HOH H 6 .   ? 4.648   3.139   18.413  1.00 32.89 ? 446 HOH A O   1 
HETATM 1482 O O   . HOH H 6 .   ? 10.682  1.716   -2.900  1.00 34.53 ? 447 HOH A O   1 
HETATM 1483 O O   . HOH H 6 .   ? -11.190 -1.559  -20.411 1.00 39.48 ? 448 HOH A O   1 
HETATM 1484 O O   . HOH H 6 .   ? 5.555   -13.136 4.669   1.00 38.48 ? 449 HOH A O   1 
HETATM 1485 O O   . HOH H 6 .   ? 0.513   11.295  15.014  1.00 29.60 ? 450 HOH A O   1 
HETATM 1486 O O   . HOH H 6 .   ? -2.218  -12.945 3.550   1.00 21.71 ? 451 HOH A O   1 
HETATM 1487 O O   . HOH H 6 .   ? -10.042 -4.224  -8.868  1.00 26.51 ? 452 HOH A O   1 
HETATM 1488 O O   . HOH H 6 .   ? -0.699  -12.784 9.494   1.00 44.93 ? 453 HOH A O   1 
HETATM 1489 O O   . HOH H 6 .   ? 0.387   4.637   18.201  1.00 42.18 ? 454 HOH A O   1 
HETATM 1490 O O   . HOH H 6 .   ? -1.328  0.825   12.803  1.00 19.80 ? 455 HOH A O   1 
HETATM 1491 O O   . HOH H 6 .   ? 21.342  -4.913  -0.595  1.00 56.55 ? 456 HOH A O   1 
HETATM 1492 O O   . HOH H 6 .   ? 2.023   -15.601 0.663   1.00 27.72 ? 457 HOH A O   1 
HETATM 1493 O O   . HOH H 6 .   ? -17.647 -2.056  5.053   1.00 39.38 ? 458 HOH A O   1 
HETATM 1494 O O   . HOH H 6 .   ? -2.310  12.507  9.340   1.00 27.53 ? 459 HOH A O   1 
HETATM 1495 O O   . HOH H 6 .   ? -10.551 11.685  6.727   1.00 29.94 ? 460 HOH A O   1 
HETATM 1496 O O   . HOH H 6 .   ? -2.029  -13.495 -25.374 1.00 20.74 ? 461 HOH A O   1 
HETATM 1497 O O   . HOH H 6 .   ? -11.071 11.474  0.539   1.00 26.36 ? 462 HOH A O   1 
HETATM 1498 O O   . HOH H 6 .   ? -7.691  -15.182 -18.313 1.00 29.26 ? 463 HOH A O   1 
HETATM 1499 O O   . HOH H 6 .   ? -1.110  -6.577  14.393  1.00 35.40 ? 464 HOH A O   1 
HETATM 1500 O O   . HOH H 6 .   ? -4.242  22.786  -6.324  1.00 30.04 ? 465 HOH A O   1 
HETATM 1501 O O   . HOH H 6 .   ? -6.180  -16.693 0.195   1.00 34.95 ? 466 HOH A O   1 
HETATM 1502 O O   . HOH H 6 .   ? 1.350   6.279   18.971  1.00 38.40 ? 467 HOH A O   1 
HETATM 1503 O O   . HOH H 6 .   ? -10.601 -7.865  -8.722  1.00 34.72 ? 468 HOH A O   1 
HETATM 1504 O O   . HOH H 6 .   ? -1.544  -1.572  15.261  1.00 23.26 ? 469 HOH A O   1 
HETATM 1505 O O   . HOH H 6 .   ? -15.508 0.626   -0.967  1.00 33.68 ? 470 HOH A O   1 
HETATM 1506 O O   . HOH H 6 .   ? 4.931   13.217  9.356   1.00 46.05 ? 471 HOH A O   1 
HETATM 1507 O O   . HOH H 6 .   ? -13.820 2.820   6.573   1.00 22.99 ? 472 HOH A O   1 
HETATM 1508 O O   . HOH H 6 .   ? -10.237 6.378   -7.716  1.00 16.52 ? 473 HOH A O   1 
HETATM 1509 O O   . HOH H 6 .   ? 7.826   11.810  -5.504  1.00 27.55 ? 474 HOH A O   1 
HETATM 1510 O O   . HOH H 6 .   ? 9.868   6.543   -1.008  1.00 31.34 ? 475 HOH A O   1 
HETATM 1511 O O   . HOH H 6 .   ? 10.420  7.479   1.272   1.00 30.00 ? 476 HOH A O   1 
HETATM 1512 O O   . HOH H 6 .   ? 9.189   12.770  11.798  1.00 32.73 ? 477 HOH A O   1 
HETATM 1513 O O   . HOH H 6 .   ? -10.619 10.531  -13.529 1.00 45.12 ? 478 HOH A O   1 
HETATM 1514 O O   . HOH H 6 .   ? 3.471   16.980  2.579   1.00 52.71 ? 479 HOH A O   1 
HETATM 1515 O O   . HOH H 6 .   ? 2.311   -10.433 9.437   1.00 49.35 ? 480 HOH A O   1 
HETATM 1516 O O   . HOH H 6 .   ? -18.167 0.716   3.731   1.00 44.93 ? 481 HOH A O   1 
HETATM 1517 O O   . HOH H 6 .   ? 4.932   -6.842  10.350  1.00 47.05 ? 482 HOH A O   1 
HETATM 1518 O O   . HOH H 6 .   ? -12.556 -5.521  -4.957  1.00 28.18 ? 483 HOH A O   1 
HETATM 1519 O O   . HOH H 6 .   ? -13.569 -5.006  -19.600 1.00 48.52 ? 484 HOH A O   1 
HETATM 1520 O O   . HOH H 6 .   ? 9.443   -3.257  17.129  1.00 36.67 ? 485 HOH A O   1 
HETATM 1521 O O   . HOH H 6 .   ? 7.320   -6.716  12.264  1.00 47.78 ? 486 HOH A O   1 
HETATM 1522 O O   . HOH H 6 .   ? 6.225   -12.008 0.526   1.00 32.08 ? 487 HOH A O   1 
HETATM 1523 O O   . HOH H 6 .   ? 20.216  2.715   -0.014  1.00 24.06 ? 488 HOH A O   1 
HETATM 1524 O O   . HOH H 6 .   ? -0.676  -4.293  15.755  1.00 45.28 ? 489 HOH A O   1 
HETATM 1525 O O   . HOH H 6 .   ? 3.707   -11.612 7.041   1.00 49.01 ? 490 HOH A O   1 
HETATM 1526 O O   . HOH H 6 .   ? -13.525 8.846   -2.590  1.00 51.07 ? 491 HOH A O   1 
HETATM 1527 O O   . HOH H 6 .   ? 0.280   -13.993 -18.222 1.00 30.31 ? 492 HOH A O   1 
HETATM 1528 O O   . HOH H 6 .   ? -9.051  -7.804  9.700   1.00 42.77 ? 493 HOH A O   1 
HETATM 1529 O O   . HOH H 6 .   ? -5.992  1.535   19.686  1.00 46.09 ? 494 HOH A O   1 
HETATM 1530 O O   . HOH H 6 .   ? -13.284 2.301   -14.093 1.00 49.33 ? 495 HOH A O   1 
HETATM 1531 O O   . HOH H 6 .   ? 7.013   13.618  11.583  1.00 43.19 ? 496 HOH A O   1 
HETATM 1532 O O   . HOH H 6 .   ? -11.794 9.862   2.902   1.00 46.63 ? 497 HOH A O   1 
HETATM 1533 O O   . HOH H 6 .   ? 7.202   -11.875 -2.033  1.00 39.68 ? 498 HOH A O   1 
HETATM 1534 O O   . HOH H 6 .   ? 4.875   -15.397 1.270   1.00 49.49 ? 499 HOH A O   1 
HETATM 1535 O O   . HOH H 6 .   ? -5.066  -13.659 3.660   1.00 37.20 ? 500 HOH A O   1 
# 
loop_
_pdbx_poly_seq_scheme.asym_id 
_pdbx_poly_seq_scheme.entity_id 
_pdbx_poly_seq_scheme.seq_id 
_pdbx_poly_seq_scheme.mon_id 
_pdbx_poly_seq_scheme.ndb_seq_num 
_pdbx_poly_seq_scheme.pdb_seq_num 
_pdbx_poly_seq_scheme.auth_seq_num 
_pdbx_poly_seq_scheme.pdb_mon_id 
_pdbx_poly_seq_scheme.auth_mon_id 
_pdbx_poly_seq_scheme.pdb_strand_id 
_pdbx_poly_seq_scheme.pdb_ins_code 
_pdbx_poly_seq_scheme.hetero 
A 1 1   MET 1   1   ?   ?   ?   A . n 
A 1 2   THR 2   2   2   THR THR A . n 
A 1 3   LEU 3   3   3   LEU LEU A . n 
A 1 4   ARG 4   4   4   ARG ARG A . n 
A 1 5   SER 5   5   5   SER SER A . n 
A 1 6   VAL 6   6   6   VAL VAL A . n 
A 1 7   CYS 7   7   7   CYS CYS A . n 
A 1 8   VAL 8   8   8   VAL VAL A . n 
A 1 9   PHE 9   9   9   PHE PHE A . n 
A 1 10  CYS 10  10  10  CYS CYS A . n 
A 1 11  GLY 11  11  11  GLY GLY A . n 
A 1 12  ALA 12  12  12  ALA ALA A . n 
A 1 13  SER 13  13  13  SER SER A . n 
A 1 14  PRO 14  14  14  PRO PRO A . n 
A 1 15  GLY 15  15  15  GLY GLY A . n 
A 1 16  ALA 16  16  16  ALA ALA A . n 
A 1 17  SER 17  17  17  SER SER A . n 
A 1 18  PRO 18  18  18  PRO PRO A . n 
A 1 19  VAL 19  19  19  VAL VAL A . n 
A 1 20  TYR 20  20  20  TYR TYR A . n 
A 1 21  GLN 21  21  21  GLN GLN A . n 
A 1 22  GLU 22  22  22  GLU GLU A . n 
A 1 23  ALA 23  23  23  ALA ALA A . n 
A 1 24  ALA 24  24  24  ALA ALA A . n 
A 1 25  VAL 25  25  25  VAL VAL A . n 
A 1 26  ALA 26  26  26  ALA ALA A . n 
A 1 27  LEU 27  27  27  LEU LEU A . n 
A 1 28  GLY 28  28  28  GLY GLY A . n 
A 1 29  ARG 29  29  29  ARG ARG A . n 
A 1 30  HIS 30  30  30  HIS HIS A . n 
A 1 31  LEU 31  31  31  LEU LEU A . n 
A 1 32  ALA 32  32  32  ALA ALA A . n 
A 1 33  GLU 33  33  33  GLU GLU A . n 
A 1 34  ARG 34  34  34  ARG ARG A . n 
A 1 35  GLY 35  35  35  GLY GLY A . n 
A 1 36  LEU 36  36  36  LEU LEU A . n 
A 1 37  THR 37  37  37  THR THR A . n 
A 1 38  LEU 38  38  38  LEU LEU A . n 
A 1 39  VAL 39  39  39  VAL VAL A . n 
A 1 40  TYR 40  40  40  TYR TYR A . n 
A 1 41  GLY 41  41  41  GLY GLY A . n 
A 1 42  GLY 42  42  42  GLY GLY A . n 
A 1 43  GLY 43  43  43  GLY GLY A . n 
A 1 44  ALA 44  44  44  ALA ALA A . n 
A 1 45  VAL 45  45  45  VAL VAL A . n 
A 1 46  GLY 46  46  46  GLY GLY A . n 
A 1 47  LEU 47  47  47  LEU LEU A . n 
A 1 48  MET 48  48  48  MET MET A . n 
A 1 49  GLY 49  49  49  GLY GLY A . n 
A 1 50  THR 50  50  50  THR THR A . n 
A 1 51  VAL 51  51  51  VAL VAL A . n 
A 1 52  ALA 52  52  52  ALA ALA A . n 
A 1 53  ASP 53  53  53  ASP ASP A . n 
A 1 54  ALA 54  54  54  ALA ALA A . n 
A 1 55  ALA 55  55  55  ALA ALA A . n 
A 1 56  LEU 56  56  56  LEU LEU A . n 
A 1 57  ALA 57  57  57  ALA ALA A . n 
A 1 58  ALA 58  58  58  ALA ALA A . n 
A 1 59  GLY 59  59  59  GLY GLY A . n 
A 1 60  GLY 60  60  60  GLY GLY A . n 
A 1 61  GLU 61  61  61  GLU GLU A . n 
A 1 62  VAL 62  62  62  VAL VAL A . n 
A 1 63  ILE 63  63  63  ILE ILE A . n 
A 1 64  GLY 64  64  64  GLY GLY A . n 
A 1 65  ILE 65  65  65  ILE ILE A . n 
A 1 66  ILE 66  66  66  ILE ILE A . n 
A 1 67  PRO 67  67  67  PRO PRO A . n 
A 1 68  GLN 68  68  68  GLN GLN A . n 
A 1 69  SER 69  69  69  SER SER A . n 
A 1 70  LEU 70  70  70  LEU LEU A . n 
A 1 71  GLN 71  71  71  GLN GLN A . n 
A 1 72  GLU 72  72  72  GLU GLU A . n 
A 1 73  ALA 73  73  73  ALA ALA A . n 
A 1 74  GLU 74  74  74  GLU GLU A . n 
A 1 75  ILE 75  75  75  ILE ILE A . n 
A 1 76  GLY 76  76  76  GLY GLY A . n 
A 1 77  HIS 77  77  77  HIS HIS A . n 
A 1 78  LYS 78  78  78  LYS LYS A . n 
A 1 79  GLY 79  79  79  GLY GLY A . n 
A 1 80  LEU 80  80  80  LEU LEU A . n 
A 1 81  THR 81  81  81  THR THR A . n 
A 1 82  ARG 82  82  82  ARG ARG A . n 
A 1 83  LEU 83  83  83  LEU LEU A . n 
A 1 84  GLU 84  84  84  GLU GLU A . n 
A 1 85  VAL 85  85  85  VAL VAL A . n 
A 1 86  VAL 86  86  86  VAL VAL A . n 
A 1 87  ASP 87  87  87  ASP ASP A . n 
A 1 88  GLY 88  88  88  GLY GLY A . n 
A 1 89  MET 89  89  89  MET MET A . n 
A 1 90  HIS 90  90  90  HIS HIS A . n 
A 1 91  ALA 91  91  91  ALA ALA A . n 
A 1 92  ARG 92  92  92  ARG ARG A . n 
A 1 93  LYS 93  93  93  LYS LYS A . n 
A 1 94  ALA 94  94  94  ALA ALA A . n 
A 1 95  ARG 95  95  95  ARG ARG A . n 
A 1 96  MET 96  96  96  MET MET A . n 
A 1 97  ALA 97  97  97  ALA ALA A . n 
A 1 98  GLU 98  98  98  GLU GLU A . n 
A 1 99  LEU 99  99  99  LEU LEU A . n 
A 1 100 ALA 100 100 100 ALA ALA A . n 
A 1 101 ASP 101 101 101 ASP ASP A . n 
A 1 102 ALA 102 102 102 ALA ALA A . n 
A 1 103 PHE 103 103 103 PHE PHE A . n 
A 1 104 ILE 104 104 104 ILE ILE A . n 
A 1 105 ALA 105 105 105 ALA ALA A . n 
A 1 106 LEU 106 106 106 LEU LEU A . n 
A 1 107 PRO 107 107 107 PRO PRO A . n 
A 1 108 GLY 108 108 108 GLY GLY A . n 
A 1 109 GLY 109 109 109 GLY GLY A . n 
A 1 110 LEU 110 110 110 LEU LEU A . n 
A 1 111 GLY 111 111 111 GLY GLY A . n 
A 1 112 THR 112 112 112 THR THR A . n 
A 1 113 LEU 113 113 113 LEU LEU A . n 
A 1 114 GLU 114 114 114 GLU GLU A . n 
A 1 115 GLU 115 115 115 GLU GLU A . n 
A 1 116 LEU 116 116 116 LEU LEU A . n 
A 1 117 PHE 117 117 117 PHE PHE A . n 
A 1 118 GLU 118 118 118 GLU GLU A . n 
A 1 119 VAL 119 119 119 VAL VAL A . n 
A 1 120 TRP 120 120 120 TRP TRP A . n 
A 1 121 THR 121 121 121 THR THR A . n 
A 1 122 TRP 122 122 122 TRP TRP A . n 
A 1 123 GLY 123 123 123 GLY GLY A . n 
A 1 124 GLN 124 124 124 GLN GLN A . n 
A 1 125 LEU 125 125 125 LEU LEU A . n 
A 1 126 GLY 126 126 126 GLY GLY A . n 
A 1 127 TYR 127 127 127 TYR TYR A . n 
A 1 128 HIS 128 128 128 HIS HIS A . n 
A 1 129 ALA 129 129 129 ALA ALA A . n 
A 1 130 LYS 130 130 130 LYS LYS A . n 
A 1 131 PRO 131 131 131 PRO PRO A . n 
A 1 132 LEU 132 132 132 LEU LEU A . n 
A 1 133 GLY 133 133 133 GLY GLY A . n 
A 1 134 LEU 134 134 134 LEU LEU A . n 
A 1 135 LEU 135 135 135 LEU LEU A . n 
A 1 136 GLU 136 136 136 GLU GLU A . n 
A 1 137 VAL 137 137 137 VAL VAL A . n 
A 1 138 ASN 138 138 138 ASN ASN A . n 
A 1 139 GLY 139 139 139 GLY GLY A . n 
A 1 140 PHE 140 140 140 PHE PHE A . n 
A 1 141 TYR 141 141 141 TYR TYR A . n 
A 1 142 ASP 142 142 142 ASP ASP A . n 
A 1 143 PRO 143 143 143 PRO PRO A . n 
A 1 144 LEU 144 144 144 LEU LEU A . n 
A 1 145 LEU 145 145 145 LEU LEU A . n 
A 1 146 THR 146 146 146 THR THR A . n 
A 1 147 PHE 147 147 147 PHE PHE A . n 
A 1 148 LEU 148 148 148 LEU LEU A . n 
A 1 149 ASP 149 149 149 ASP ASP A . n 
A 1 150 HIS 150 150 150 HIS HIS A . n 
A 1 151 LEU 151 151 151 LEU LEU A . n 
A 1 152 VAL 152 152 152 VAL VAL A . n 
A 1 153 ASP 153 153 153 ASP ASP A . n 
A 1 154 GLU 154 154 154 GLU GLU A . n 
A 1 155 ARG 155 155 155 ARG ARG A . n 
A 1 156 PHE 156 156 156 PHE PHE A . n 
A 1 157 VAL 157 157 157 VAL VAL A . n 
A 1 158 ARG 158 158 158 ARG ARG A . n 
A 1 159 ALA 159 159 159 ALA ALA A . n 
A 1 160 GLU 160 160 160 GLU GLU A . n 
A 1 161 HIS 161 161 161 HIS HIS A . n 
A 1 162 ARG 162 162 162 ARG ARG A . n 
A 1 163 GLY 163 163 163 GLY GLY A . n 
A 1 164 MET 164 164 164 MET MET A . n 
A 1 165 LEU 165 165 165 LEU LEU A . n 
A 1 166 GLN 166 166 166 GLN GLN A . n 
A 1 167 ARG 167 167 167 ARG ARG A . n 
A 1 168 GLY 168 168 168 GLY GLY A . n 
A 1 169 ALA 169 169 169 ALA ALA A . n 
A 1 170 SER 170 170 170 SER SER A . n 
A 1 171 PRO 171 171 171 PRO PRO A . n 
A 1 172 GLU 172 172 172 GLU GLU A . n 
A 1 173 ALA 173 173 173 ALA ALA A . n 
A 1 174 LEU 174 174 174 LEU LEU A . n 
A 1 175 LEU 175 175 175 LEU LEU A . n 
A 1 176 ASP 176 176 176 ASP ASP A . n 
A 1 177 ALA 177 177 177 ALA ALA A . n 
A 1 178 LEU 178 178 178 LEU LEU A . n 
A 1 179 ALA 179 179 179 ALA ALA A . n 
A 1 180 ALA 180 180 180 ALA ALA A . n 
A 1 181 TRP 181 181 181 TRP TRP A . n 
A 1 182 THR 182 182 182 THR THR A . n 
A 1 183 PRO 183 183 183 PRO PRO A . n 
A 1 184 SER 184 184 184 SER SER A . n 
A 1 185 VAL 185 185 185 VAL VAL A . n 
A 1 186 ALA 186 186 186 ALA ALA A . n 
A 1 187 PRO 187 187 ?   ?   ?   A . n 
A 1 188 LYS 188 188 ?   ?   ?   A . n 
A 1 189 TRP 189 189 ?   ?   ?   A . n 
A 1 190 VAL 190 190 ?   ?   ?   A . n 
A 1 191 ASP 191 191 ?   ?   ?   A . n 
A 1 192 ARG 192 192 ?   ?   ?   A . n 
A 1 193 THR 193 193 ?   ?   ?   A . n 
A 1 194 PRO 194 194 ?   ?   ?   A . n 
A 1 195 GLN 195 195 ?   ?   ?   A . n 
A 1 196 LEU 196 196 ?   ?   ?   A . n 
A 1 197 GLU 197 197 ?   ?   ?   A . n 
A 1 198 HIS 198 198 ?   ?   ?   A . n 
A 1 199 HIS 199 199 ?   ?   ?   A . n 
A 1 200 HIS 200 200 ?   ?   ?   A . n 
A 1 201 HIS 201 201 ?   ?   ?   A . n 
A 1 202 HIS 202 202 ?   ?   ?   A . n 
A 1 203 HIS 203 203 ?   ?   ?   A . n 
# 
loop_
_pdbx_nonpoly_scheme.asym_id 
_pdbx_nonpoly_scheme.entity_id 
_pdbx_nonpoly_scheme.mon_id 
_pdbx_nonpoly_scheme.ndb_seq_num 
_pdbx_nonpoly_scheme.pdb_seq_num 
_pdbx_nonpoly_scheme.auth_seq_num 
_pdbx_nonpoly_scheme.pdb_mon_id 
_pdbx_nonpoly_scheme.auth_mon_id 
_pdbx_nonpoly_scheme.pdb_strand_id 
_pdbx_nonpoly_scheme.pdb_ins_code 
B 2 GOL 1   301 1   GOL GOL A . 
C 2 GOL 1   302 3   GOL GOL A . 
D 2 GOL 1   303 4   GOL GOL A . 
E 3 PO4 1   304 1   PO4 PO4 A . 
F 4 IMD 1   305 1   IMD IMD A . 
G 5 EDO 1   306 1   EDO EDO A . 
H 6 HOH 1   401 92  HOH HOH A . 
H 6 HOH 2   402 42  HOH HOH A . 
H 6 HOH 3   403 95  HOH HOH A . 
H 6 HOH 4   404 54  HOH HOH A . 
H 6 HOH 5   405 59  HOH HOH A . 
H 6 HOH 6   406 64  HOH HOH A . 
H 6 HOH 7   407 22  HOH HOH A . 
H 6 HOH 8   408 65  HOH HOH A . 
H 6 HOH 9   409 79  HOH HOH A . 
H 6 HOH 10  410 15  HOH HOH A . 
H 6 HOH 11  411 66  HOH HOH A . 
H 6 HOH 12  412 55  HOH HOH A . 
H 6 HOH 13  413 2   HOH HOH A . 
H 6 HOH 14  414 11  HOH HOH A . 
H 6 HOH 15  415 45  HOH HOH A . 
H 6 HOH 16  416 61  HOH HOH A . 
H 6 HOH 17  417 48  HOH HOH A . 
H 6 HOH 18  418 62  HOH HOH A . 
H 6 HOH 19  419 69  HOH HOH A . 
H 6 HOH 20  420 74  HOH HOH A . 
H 6 HOH 21  421 96  HOH HOH A . 
H 6 HOH 22  422 3   HOH HOH A . 
H 6 HOH 23  423 82  HOH HOH A . 
H 6 HOH 24  424 56  HOH HOH A . 
H 6 HOH 25  425 60  HOH HOH A . 
H 6 HOH 26  426 78  HOH HOH A . 
H 6 HOH 27  427 17  HOH HOH A . 
H 6 HOH 28  428 93  HOH HOH A . 
H 6 HOH 29  429 43  HOH HOH A . 
H 6 HOH 30  430 53  HOH HOH A . 
H 6 HOH 31  431 1   HOH HOH A . 
H 6 HOH 32  432 13  HOH HOH A . 
H 6 HOH 33  433 23  HOH HOH A . 
H 6 HOH 34  434 5   HOH HOH A . 
H 6 HOH 35  435 7   HOH HOH A . 
H 6 HOH 36  436 33  HOH HOH A . 
H 6 HOH 37  437 36  HOH HOH A . 
H 6 HOH 38  438 47  HOH HOH A . 
H 6 HOH 39  439 21  HOH HOH A . 
H 6 HOH 40  440 35  HOH HOH A . 
H 6 HOH 41  441 57  HOH HOH A . 
H 6 HOH 42  442 67  HOH HOH A . 
H 6 HOH 43  443 38  HOH HOH A . 
H 6 HOH 44  444 37  HOH HOH A . 
H 6 HOH 45  445 18  HOH HOH A . 
H 6 HOH 46  446 34  HOH HOH A . 
H 6 HOH 47  447 31  HOH HOH A . 
H 6 HOH 48  448 105 HOH HOH A . 
H 6 HOH 49  449 40  HOH HOH A . 
H 6 HOH 50  450 30  HOH HOH A . 
H 6 HOH 51  451 4   HOH HOH A . 
H 6 HOH 52  452 39  HOH HOH A . 
H 6 HOH 53  453 70  HOH HOH A . 
H 6 HOH 54  454 97  HOH HOH A . 
H 6 HOH 55  455 12  HOH HOH A . 
H 6 HOH 56  456 76  HOH HOH A . 
H 6 HOH 57  457 9   HOH HOH A . 
H 6 HOH 58  458 46  HOH HOH A . 
H 6 HOH 59  459 28  HOH HOH A . 
H 6 HOH 60  460 29  HOH HOH A . 
H 6 HOH 61  461 8   HOH HOH A . 
H 6 HOH 62  462 52  HOH HOH A . 
H 6 HOH 63  463 32  HOH HOH A . 
H 6 HOH 64  464 100 HOH HOH A . 
H 6 HOH 65  465 86  HOH HOH A . 
H 6 HOH 66  466 68  HOH HOH A . 
H 6 HOH 67  467 81  HOH HOH A . 
H 6 HOH 68  468 58  HOH HOH A . 
H 6 HOH 69  469 10  HOH HOH A . 
H 6 HOH 70  470 16  HOH HOH A . 
H 6 HOH 71  471 106 HOH HOH A . 
H 6 HOH 72  472 20  HOH HOH A . 
H 6 HOH 73  473 6   HOH HOH A . 
H 6 HOH 74  474 14  HOH HOH A . 
H 6 HOH 75  475 50  HOH HOH A . 
H 6 HOH 76  476 108 HOH HOH A . 
H 6 HOH 77  477 26  HOH HOH A . 
H 6 HOH 78  478 24  HOH HOH A . 
H 6 HOH 79  479 104 HOH HOH A . 
H 6 HOH 80  480 80  HOH HOH A . 
H 6 HOH 81  481 103 HOH HOH A . 
H 6 HOH 82  482 83  HOH HOH A . 
H 6 HOH 83  483 25  HOH HOH A . 
H 6 HOH 84  484 98  HOH HOH A . 
H 6 HOH 85  485 44  HOH HOH A . 
H 6 HOH 86  486 71  HOH HOH A . 
H 6 HOH 87  487 19  HOH HOH A . 
H 6 HOH 88  488 27  HOH HOH A . 
H 6 HOH 89  489 77  HOH HOH A . 
H 6 HOH 90  490 84  HOH HOH A . 
H 6 HOH 91  491 85  HOH HOH A . 
H 6 HOH 92  492 41  HOH HOH A . 
H 6 HOH 93  493 87  HOH HOH A . 
H 6 HOH 94  494 101 HOH HOH A . 
H 6 HOH 95  495 99  HOH HOH A . 
H 6 HOH 96  496 49  HOH HOH A . 
H 6 HOH 97  497 102 HOH HOH A . 
H 6 HOH 98  498 94  HOH HOH A . 
H 6 HOH 99  499 107 HOH HOH A . 
H 6 HOH 100 500 88  HOH HOH A . 
# 
_pdbx_struct_assembly.id                   1 
_pdbx_struct_assembly.details              author_and_software_defined_assembly 
_pdbx_struct_assembly.method_details       PISA 
_pdbx_struct_assembly.oligomeric_details   dimeric 
_pdbx_struct_assembly.oligomeric_count     2 
# 
_pdbx_struct_assembly_gen.assembly_id       1 
_pdbx_struct_assembly_gen.oper_expression   1,2 
_pdbx_struct_assembly_gen.asym_id_list      A,B,C,D,E,F,G,H 
# 
loop_
_pdbx_struct_assembly_prop.biol_id 
_pdbx_struct_assembly_prop.type 
_pdbx_struct_assembly_prop.value 
_pdbx_struct_assembly_prop.details 
1 'ABSA (A^2)' 5610  ? 
1 MORE         -41   ? 
1 'SSA (A^2)'  14680 ? 
# 
loop_
_pdbx_struct_oper_list.id 
_pdbx_struct_oper_list.type 
_pdbx_struct_oper_list.name 
_pdbx_struct_oper_list.symmetry_operation 
_pdbx_struct_oper_list.matrix[1][1] 
_pdbx_struct_oper_list.matrix[1][2] 
_pdbx_struct_oper_list.matrix[1][3] 
_pdbx_struct_oper_list.vector[1] 
_pdbx_struct_oper_list.matrix[2][1] 
_pdbx_struct_oper_list.matrix[2][2] 
_pdbx_struct_oper_list.matrix[2][3] 
_pdbx_struct_oper_list.vector[2] 
_pdbx_struct_oper_list.matrix[3][1] 
_pdbx_struct_oper_list.matrix[3][2] 
_pdbx_struct_oper_list.matrix[3][3] 
_pdbx_struct_oper_list.vector[3] 
1 'identity operation'         1_555 x,y,z       1.0000000000 0.0000000000  0.0000000000 0.0000000000  0.0000000000  1.0000000000  0.0000000000  0.0000000000  0.0000000000 0.0000000000  1.0000000000  0.0000000000   
2 'crystal symmetry operation' 3_555 -x,y,-z+1/2 0.3861702255 -0.6211207846 0.6819688614 11.1903050082 -0.6211207846 -0.7216856762 -0.3055793772 -1.4240562144 0.6819688614 -0.3055793772 -0.6644845493 -24.0424152161 
# 
loop_
_pdbx_audit_revision_history.ordinal 
_pdbx_audit_revision_history.data_content_type 
_pdbx_audit_revision_history.major_revision 
_pdbx_audit_revision_history.minor_revision 
_pdbx_audit_revision_history.revision_date 
1 'Structure model' 1 0 2018-06-27 
2 'Structure model' 1 1 2018-10-17 
3 'Structure model' 1 2 2020-09-16 
4 'Structure model' 1 3 2023-11-22 
# 
_pdbx_audit_revision_details.ordinal             1 
_pdbx_audit_revision_details.revision_ordinal    1 
_pdbx_audit_revision_details.data_content_type   'Structure model' 
_pdbx_audit_revision_details.provider            repository 
_pdbx_audit_revision_details.type                'Initial release' 
_pdbx_audit_revision_details.description         ? 
_pdbx_audit_revision_details.details             ? 
# 
loop_
_pdbx_audit_revision_group.ordinal 
_pdbx_audit_revision_group.revision_ordinal 
_pdbx_audit_revision_group.data_content_type 
_pdbx_audit_revision_group.group 
1 2 'Structure model' 'Data collection'        
2 2 'Structure model' 'Database references'    
3 3 'Structure model' 'Structure summary'      
4 4 'Structure model' 'Data collection'        
5 4 'Structure model' 'Database references'    
6 4 'Structure model' 'Refinement description' 
# 
loop_
_pdbx_audit_revision_category.ordinal 
_pdbx_audit_revision_category.revision_ordinal 
_pdbx_audit_revision_category.data_content_type 
_pdbx_audit_revision_category.category 
1 2 'Structure model' citation                      
2 3 'Structure model' struct                        
3 4 'Structure model' chem_comp_atom                
4 4 'Structure model' chem_comp_bond                
5 4 'Structure model' database_2                    
6 4 'Structure model' pdbx_initial_refinement_model 
# 
loop_
_pdbx_audit_revision_item.ordinal 
_pdbx_audit_revision_item.revision_ordinal 
_pdbx_audit_revision_item.data_content_type 
_pdbx_audit_revision_item.item 
1 2 'Structure model' '_citation.journal_volume'            
2 2 'Structure model' '_citation.page_first'                
3 2 'Structure model' '_citation.page_last'                 
4 3 'Structure model' '_struct.title'                       
5 4 'Structure model' '_database_2.pdbx_DOI'                
6 4 'Structure model' '_database_2.pdbx_database_accession' 
# 
loop_
_software.citation_id 
_software.classification 
_software.compiler_name 
_software.compiler_version 
_software.contact_author 
_software.contact_author_email 
_software.date 
_software.description 
_software.dependencies 
_software.hardware 
_software.language 
_software.location 
_software.mods 
_software.name 
_software.os 
_software.os_version 
_software.type 
_software.version 
_software.pdbx_ordinal 
? refinement        ? ? ? ? ? ? ? ? ? ? ? REFMAC      ? ? ? 5.8.0158 1 
? 'data extraction' ? ? ? ? ? ? ? ? ? ? ? PDB_EXTRACT ? ? ? 3.24     2 
? 'data scaling'    ? ? ? ? ? ? ? ? ? ? ? HKL-2000    ? ? ? .        3 
? phasing           ? ? ? ? ? ? ? ? ? ? ? MOLREP      ? ? ? .        4 
# 
_pdbx_validate_close_contact.id               1 
_pdbx_validate_close_contact.PDB_model_num    1 
_pdbx_validate_close_contact.auth_atom_id_1   O 
_pdbx_validate_close_contact.auth_asym_id_1   A 
_pdbx_validate_close_contact.auth_comp_id_1   HOH 
_pdbx_validate_close_contact.auth_seq_id_1    454 
_pdbx_validate_close_contact.PDB_ins_code_1   ? 
_pdbx_validate_close_contact.label_alt_id_1   ? 
_pdbx_validate_close_contact.auth_atom_id_2   O 
_pdbx_validate_close_contact.auth_asym_id_2   A 
_pdbx_validate_close_contact.auth_comp_id_2   HOH 
_pdbx_validate_close_contact.auth_seq_id_2    467 
_pdbx_validate_close_contact.PDB_ins_code_2   ? 
_pdbx_validate_close_contact.label_alt_id_2   ? 
_pdbx_validate_close_contact.dist             2.05 
# 
loop_
_pdbx_validate_rmsd_angle.id 
_pdbx_validate_rmsd_angle.PDB_model_num 
_pdbx_validate_rmsd_angle.auth_atom_id_1 
_pdbx_validate_rmsd_angle.auth_asym_id_1 
_pdbx_validate_rmsd_angle.auth_comp_id_1 
_pdbx_validate_rmsd_angle.auth_seq_id_1 
_pdbx_validate_rmsd_angle.PDB_ins_code_1 
_pdbx_validate_rmsd_angle.label_alt_id_1 
_pdbx_validate_rmsd_angle.auth_atom_id_2 
_pdbx_validate_rmsd_angle.auth_asym_id_2 
_pdbx_validate_rmsd_angle.auth_comp_id_2 
_pdbx_validate_rmsd_angle.auth_seq_id_2 
_pdbx_validate_rmsd_angle.PDB_ins_code_2 
_pdbx_validate_rmsd_angle.label_alt_id_2 
_pdbx_validate_rmsd_angle.auth_atom_id_3 
_pdbx_validate_rmsd_angle.auth_asym_id_3 
_pdbx_validate_rmsd_angle.auth_comp_id_3 
_pdbx_validate_rmsd_angle.auth_seq_id_3 
_pdbx_validate_rmsd_angle.PDB_ins_code_3 
_pdbx_validate_rmsd_angle.label_alt_id_3 
_pdbx_validate_rmsd_angle.angle_value 
_pdbx_validate_rmsd_angle.angle_target_value 
_pdbx_validate_rmsd_angle.angle_deviation 
_pdbx_validate_rmsd_angle.angle_standard_deviation 
_pdbx_validate_rmsd_angle.linker_flag 
1 1 NE A ARG 34  ? ? CZ A ARG 34  ? ? NH1 A ARG 34  ? ? 116.96 120.30 -3.34 0.50 N 
2 1 CB A ASP 176 ? ? CG A ASP 176 ? ? OD1 A ASP 176 ? ? 124.60 118.30 6.30  0.90 N 
# 
_pdbx_validate_torsion.id              1 
_pdbx_validate_torsion.PDB_model_num   1 
_pdbx_validate_torsion.auth_comp_id    ASN 
_pdbx_validate_torsion.auth_asym_id    A 
_pdbx_validate_torsion.auth_seq_id     138 
_pdbx_validate_torsion.PDB_ins_code    ? 
_pdbx_validate_torsion.label_alt_id    ? 
_pdbx_validate_torsion.phi             49.52 
_pdbx_validate_torsion.psi             -126.27 
# 
loop_
_pdbx_unobs_or_zero_occ_residues.id 
_pdbx_unobs_or_zero_occ_residues.PDB_model_num 
_pdbx_unobs_or_zero_occ_residues.polymer_flag 
_pdbx_unobs_or_zero_occ_residues.occupancy_flag 
_pdbx_unobs_or_zero_occ_residues.auth_asym_id 
_pdbx_unobs_or_zero_occ_residues.auth_comp_id 
_pdbx_unobs_or_zero_occ_residues.auth_seq_id 
_pdbx_unobs_or_zero_occ_residues.PDB_ins_code 
_pdbx_unobs_or_zero_occ_residues.label_asym_id 
_pdbx_unobs_or_zero_occ_residues.label_comp_id 
_pdbx_unobs_or_zero_occ_residues.label_seq_id 
1  1 Y 1 A MET 1   ? A MET 1   
2  1 Y 1 A PRO 187 ? A PRO 187 
3  1 Y 1 A LYS 188 ? A LYS 188 
4  1 Y 1 A TRP 189 ? A TRP 189 
5  1 Y 1 A VAL 190 ? A VAL 190 
6  1 Y 1 A ASP 191 ? A ASP 191 
7  1 Y 1 A ARG 192 ? A ARG 192 
8  1 Y 1 A THR 193 ? A THR 193 
9  1 Y 1 A PRO 194 ? A PRO 194 
10 1 Y 1 A GLN 195 ? A GLN 195 
11 1 Y 1 A LEU 196 ? A LEU 196 
12 1 Y 1 A GLU 197 ? A GLU 197 
13 1 Y 1 A HIS 198 ? A HIS 198 
14 1 Y 1 A HIS 199 ? A HIS 199 
15 1 Y 1 A HIS 200 ? A HIS 200 
16 1 Y 1 A HIS 201 ? A HIS 201 
17 1 Y 1 A HIS 202 ? A HIS 202 
18 1 Y 1 A HIS 203 ? A HIS 203 
# 
loop_
_chem_comp_atom.comp_id 
_chem_comp_atom.atom_id 
_chem_comp_atom.type_symbol 
_chem_comp_atom.pdbx_aromatic_flag 
_chem_comp_atom.pdbx_stereo_config 
_chem_comp_atom.pdbx_ordinal 
ALA N    N N N 1   
ALA CA   C N S 2   
ALA C    C N N 3   
ALA O    O N N 4   
ALA CB   C N N 5   
ALA OXT  O N N 6   
ALA H    H N N 7   
ALA H2   H N N 8   
ALA HA   H N N 9   
ALA HB1  H N N 10  
ALA HB2  H N N 11  
ALA HB3  H N N 12  
ALA HXT  H N N 13  
ARG N    N N N 14  
ARG CA   C N S 15  
ARG C    C N N 16  
ARG O    O N N 17  
ARG CB   C N N 18  
ARG CG   C N N 19  
ARG CD   C N N 20  
ARG NE   N N N 21  
ARG CZ   C N N 22  
ARG NH1  N N N 23  
ARG NH2  N N N 24  
ARG OXT  O N N 25  
ARG H    H N N 26  
ARG H2   H N N 27  
ARG HA   H N N 28  
ARG HB2  H N N 29  
ARG HB3  H N N 30  
ARG HG2  H N N 31  
ARG HG3  H N N 32  
ARG HD2  H N N 33  
ARG HD3  H N N 34  
ARG HE   H N N 35  
ARG HH11 H N N 36  
ARG HH12 H N N 37  
ARG HH21 H N N 38  
ARG HH22 H N N 39  
ARG HXT  H N N 40  
ASN N    N N N 41  
ASN CA   C N S 42  
ASN C    C N N 43  
ASN O    O N N 44  
ASN CB   C N N 45  
ASN CG   C N N 46  
ASN OD1  O N N 47  
ASN ND2  N N N 48  
ASN OXT  O N N 49  
ASN H    H N N 50  
ASN H2   H N N 51  
ASN HA   H N N 52  
ASN HB2  H N N 53  
ASN HB3  H N N 54  
ASN HD21 H N N 55  
ASN HD22 H N N 56  
ASN HXT  H N N 57  
ASP N    N N N 58  
ASP CA   C N S 59  
ASP C    C N N 60  
ASP O    O N N 61  
ASP CB   C N N 62  
ASP CG   C N N 63  
ASP OD1  O N N 64  
ASP OD2  O N N 65  
ASP OXT  O N N 66  
ASP H    H N N 67  
ASP H2   H N N 68  
ASP HA   H N N 69  
ASP HB2  H N N 70  
ASP HB3  H N N 71  
ASP HD2  H N N 72  
ASP HXT  H N N 73  
CYS N    N N N 74  
CYS CA   C N R 75  
CYS C    C N N 76  
CYS O    O N N 77  
CYS CB   C N N 78  
CYS SG   S N N 79  
CYS OXT  O N N 80  
CYS H    H N N 81  
CYS H2   H N N 82  
CYS HA   H N N 83  
CYS HB2  H N N 84  
CYS HB3  H N N 85  
CYS HG   H N N 86  
CYS HXT  H N N 87  
EDO C1   C N N 88  
EDO O1   O N N 89  
EDO C2   C N N 90  
EDO O2   O N N 91  
EDO H11  H N N 92  
EDO H12  H N N 93  
EDO HO1  H N N 94  
EDO H21  H N N 95  
EDO H22  H N N 96  
EDO HO2  H N N 97  
GLN N    N N N 98  
GLN CA   C N S 99  
GLN C    C N N 100 
GLN O    O N N 101 
GLN CB   C N N 102 
GLN CG   C N N 103 
GLN CD   C N N 104 
GLN OE1  O N N 105 
GLN NE2  N N N 106 
GLN OXT  O N N 107 
GLN H    H N N 108 
GLN H2   H N N 109 
GLN HA   H N N 110 
GLN HB2  H N N 111 
GLN HB3  H N N 112 
GLN HG2  H N N 113 
GLN HG3  H N N 114 
GLN HE21 H N N 115 
GLN HE22 H N N 116 
GLN HXT  H N N 117 
GLU N    N N N 118 
GLU CA   C N S 119 
GLU C    C N N 120 
GLU O    O N N 121 
GLU CB   C N N 122 
GLU CG   C N N 123 
GLU CD   C N N 124 
GLU OE1  O N N 125 
GLU OE2  O N N 126 
GLU OXT  O N N 127 
GLU H    H N N 128 
GLU H2   H N N 129 
GLU HA   H N N 130 
GLU HB2  H N N 131 
GLU HB3  H N N 132 
GLU HG2  H N N 133 
GLU HG3  H N N 134 
GLU HE2  H N N 135 
GLU HXT  H N N 136 
GLY N    N N N 137 
GLY CA   C N N 138 
GLY C    C N N 139 
GLY O    O N N 140 
GLY OXT  O N N 141 
GLY H    H N N 142 
GLY H2   H N N 143 
GLY HA2  H N N 144 
GLY HA3  H N N 145 
GLY HXT  H N N 146 
GOL C1   C N N 147 
GOL O1   O N N 148 
GOL C2   C N N 149 
GOL O2   O N N 150 
GOL C3   C N N 151 
GOL O3   O N N 152 
GOL H11  H N N 153 
GOL H12  H N N 154 
GOL HO1  H N N 155 
GOL H2   H N N 156 
GOL HO2  H N N 157 
GOL H31  H N N 158 
GOL H32  H N N 159 
GOL HO3  H N N 160 
HIS N    N N N 161 
HIS CA   C N S 162 
HIS C    C N N 163 
HIS O    O N N 164 
HIS CB   C N N 165 
HIS CG   C Y N 166 
HIS ND1  N Y N 167 
HIS CD2  C Y N 168 
HIS CE1  C Y N 169 
HIS NE2  N Y N 170 
HIS OXT  O N N 171 
HIS H    H N N 172 
HIS H2   H N N 173 
HIS HA   H N N 174 
HIS HB2  H N N 175 
HIS HB3  H N N 176 
HIS HD1  H N N 177 
HIS HD2  H N N 178 
HIS HE1  H N N 179 
HIS HE2  H N N 180 
HIS HXT  H N N 181 
HOH O    O N N 182 
HOH H1   H N N 183 
HOH H2   H N N 184 
ILE N    N N N 185 
ILE CA   C N S 186 
ILE C    C N N 187 
ILE O    O N N 188 
ILE CB   C N S 189 
ILE CG1  C N N 190 
ILE CG2  C N N 191 
ILE CD1  C N N 192 
ILE OXT  O N N 193 
ILE H    H N N 194 
ILE H2   H N N 195 
ILE HA   H N N 196 
ILE HB   H N N 197 
ILE HG12 H N N 198 
ILE HG13 H N N 199 
ILE HG21 H N N 200 
ILE HG22 H N N 201 
ILE HG23 H N N 202 
ILE HD11 H N N 203 
ILE HD12 H N N 204 
ILE HD13 H N N 205 
ILE HXT  H N N 206 
IMD N1   N Y N 207 
IMD C2   C Y N 208 
IMD N3   N Y N 209 
IMD C4   C Y N 210 
IMD C5   C Y N 211 
IMD HN1  H N N 212 
IMD H2   H N N 213 
IMD HN3  H N N 214 
IMD H4   H N N 215 
IMD H5   H N N 216 
LEU N    N N N 217 
LEU CA   C N S 218 
LEU C    C N N 219 
LEU O    O N N 220 
LEU CB   C N N 221 
LEU CG   C N N 222 
LEU CD1  C N N 223 
LEU CD2  C N N 224 
LEU OXT  O N N 225 
LEU H    H N N 226 
LEU H2   H N N 227 
LEU HA   H N N 228 
LEU HB2  H N N 229 
LEU HB3  H N N 230 
LEU HG   H N N 231 
LEU HD11 H N N 232 
LEU HD12 H N N 233 
LEU HD13 H N N 234 
LEU HD21 H N N 235 
LEU HD22 H N N 236 
LEU HD23 H N N 237 
LEU HXT  H N N 238 
LYS N    N N N 239 
LYS CA   C N S 240 
LYS C    C N N 241 
LYS O    O N N 242 
LYS CB   C N N 243 
LYS CG   C N N 244 
LYS CD   C N N 245 
LYS CE   C N N 246 
LYS NZ   N N N 247 
LYS OXT  O N N 248 
LYS H    H N N 249 
LYS H2   H N N 250 
LYS HA   H N N 251 
LYS HB2  H N N 252 
LYS HB3  H N N 253 
LYS HG2  H N N 254 
LYS HG3  H N N 255 
LYS HD2  H N N 256 
LYS HD3  H N N 257 
LYS HE2  H N N 258 
LYS HE3  H N N 259 
LYS HZ1  H N N 260 
LYS HZ2  H N N 261 
LYS HZ3  H N N 262 
LYS HXT  H N N 263 
MET N    N N N 264 
MET CA   C N S 265 
MET C    C N N 266 
MET O    O N N 267 
MET CB   C N N 268 
MET CG   C N N 269 
MET SD   S N N 270 
MET CE   C N N 271 
MET OXT  O N N 272 
MET H    H N N 273 
MET H2   H N N 274 
MET HA   H N N 275 
MET HB2  H N N 276 
MET HB3  H N N 277 
MET HG2  H N N 278 
MET HG3  H N N 279 
MET HE1  H N N 280 
MET HE2  H N N 281 
MET HE3  H N N 282 
MET HXT  H N N 283 
PHE N    N N N 284 
PHE CA   C N S 285 
PHE C    C N N 286 
PHE O    O N N 287 
PHE CB   C N N 288 
PHE CG   C Y N 289 
PHE CD1  C Y N 290 
PHE CD2  C Y N 291 
PHE CE1  C Y N 292 
PHE CE2  C Y N 293 
PHE CZ   C Y N 294 
PHE OXT  O N N 295 
PHE H    H N N 296 
PHE H2   H N N 297 
PHE HA   H N N 298 
PHE HB2  H N N 299 
PHE HB3  H N N 300 
PHE HD1  H N N 301 
PHE HD2  H N N 302 
PHE HE1  H N N 303 
PHE HE2  H N N 304 
PHE HZ   H N N 305 
PHE HXT  H N N 306 
PO4 P    P N N 307 
PO4 O1   O N N 308 
PO4 O2   O N N 309 
PO4 O3   O N N 310 
PO4 O4   O N N 311 
PRO N    N N N 312 
PRO CA   C N S 313 
PRO C    C N N 314 
PRO O    O N N 315 
PRO CB   C N N 316 
PRO CG   C N N 317 
PRO CD   C N N 318 
PRO OXT  O N N 319 
PRO H    H N N 320 
PRO HA   H N N 321 
PRO HB2  H N N 322 
PRO HB3  H N N 323 
PRO HG2  H N N 324 
PRO HG3  H N N 325 
PRO HD2  H N N 326 
PRO HD3  H N N 327 
PRO HXT  H N N 328 
SER N    N N N 329 
SER CA   C N S 330 
SER C    C N N 331 
SER O    O N N 332 
SER CB   C N N 333 
SER OG   O N N 334 
SER OXT  O N N 335 
SER H    H N N 336 
SER H2   H N N 337 
SER HA   H N N 338 
SER HB2  H N N 339 
SER HB3  H N N 340 
SER HG   H N N 341 
SER HXT  H N N 342 
THR N    N N N 343 
THR CA   C N S 344 
THR C    C N N 345 
THR O    O N N 346 
THR CB   C N R 347 
THR OG1  O N N 348 
THR CG2  C N N 349 
THR OXT  O N N 350 
THR H    H N N 351 
THR H2   H N N 352 
THR HA   H N N 353 
THR HB   H N N 354 
THR HG1  H N N 355 
THR HG21 H N N 356 
THR HG22 H N N 357 
THR HG23 H N N 358 
THR HXT  H N N 359 
TRP N    N N N 360 
TRP CA   C N S 361 
TRP C    C N N 362 
TRP O    O N N 363 
TRP CB   C N N 364 
TRP CG   C Y N 365 
TRP CD1  C Y N 366 
TRP CD2  C Y N 367 
TRP NE1  N Y N 368 
TRP CE2  C Y N 369 
TRP CE3  C Y N 370 
TRP CZ2  C Y N 371 
TRP CZ3  C Y N 372 
TRP CH2  C Y N 373 
TRP OXT  O N N 374 
TRP H    H N N 375 
TRP H2   H N N 376 
TRP HA   H N N 377 
TRP HB2  H N N 378 
TRP HB3  H N N 379 
TRP HD1  H N N 380 
TRP HE1  H N N 381 
TRP HE3  H N N 382 
TRP HZ2  H N N 383 
TRP HZ3  H N N 384 
TRP HH2  H N N 385 
TRP HXT  H N N 386 
TYR N    N N N 387 
TYR CA   C N S 388 
TYR C    C N N 389 
TYR O    O N N 390 
TYR CB   C N N 391 
TYR CG   C Y N 392 
TYR CD1  C Y N 393 
TYR CD2  C Y N 394 
TYR CE1  C Y N 395 
TYR CE2  C Y N 396 
TYR CZ   C Y N 397 
TYR OH   O N N 398 
TYR OXT  O N N 399 
TYR H    H N N 400 
TYR H2   H N N 401 
TYR HA   H N N 402 
TYR HB2  H N N 403 
TYR HB3  H N N 404 
TYR HD1  H N N 405 
TYR HD2  H N N 406 
TYR HE1  H N N 407 
TYR HE2  H N N 408 
TYR HH   H N N 409 
TYR HXT  H N N 410 
VAL N    N N N 411 
VAL CA   C N S 412 
VAL C    C N N 413 
VAL O    O N N 414 
VAL CB   C N N 415 
VAL CG1  C N N 416 
VAL CG2  C N N 417 
VAL OXT  O N N 418 
VAL H    H N N 419 
VAL H2   H N N 420 
VAL HA   H N N 421 
VAL HB   H N N 422 
VAL HG11 H N N 423 
VAL HG12 H N N 424 
VAL HG13 H N N 425 
VAL HG21 H N N 426 
VAL HG22 H N N 427 
VAL HG23 H N N 428 
VAL HXT  H N N 429 
# 
loop_
_chem_comp_bond.comp_id 
_chem_comp_bond.atom_id_1 
_chem_comp_bond.atom_id_2 
_chem_comp_bond.value_order 
_chem_comp_bond.pdbx_aromatic_flag 
_chem_comp_bond.pdbx_stereo_config 
_chem_comp_bond.pdbx_ordinal 
ALA N   CA   sing N N 1   
ALA N   H    sing N N 2   
ALA N   H2   sing N N 3   
ALA CA  C    sing N N 4   
ALA CA  CB   sing N N 5   
ALA CA  HA   sing N N 6   
ALA C   O    doub N N 7   
ALA C   OXT  sing N N 8   
ALA CB  HB1  sing N N 9   
ALA CB  HB2  sing N N 10  
ALA CB  HB3  sing N N 11  
ALA OXT HXT  sing N N 12  
ARG N   CA   sing N N 13  
ARG N   H    sing N N 14  
ARG N   H2   sing N N 15  
ARG CA  C    sing N N 16  
ARG CA  CB   sing N N 17  
ARG CA  HA   sing N N 18  
ARG C   O    doub N N 19  
ARG C   OXT  sing N N 20  
ARG CB  CG   sing N N 21  
ARG CB  HB2  sing N N 22  
ARG CB  HB3  sing N N 23  
ARG CG  CD   sing N N 24  
ARG CG  HG2  sing N N 25  
ARG CG  HG3  sing N N 26  
ARG CD  NE   sing N N 27  
ARG CD  HD2  sing N N 28  
ARG CD  HD3  sing N N 29  
ARG NE  CZ   sing N N 30  
ARG NE  HE   sing N N 31  
ARG CZ  NH1  sing N N 32  
ARG CZ  NH2  doub N N 33  
ARG NH1 HH11 sing N N 34  
ARG NH1 HH12 sing N N 35  
ARG NH2 HH21 sing N N 36  
ARG NH2 HH22 sing N N 37  
ARG OXT HXT  sing N N 38  
ASN N   CA   sing N N 39  
ASN N   H    sing N N 40  
ASN N   H2   sing N N 41  
ASN CA  C    sing N N 42  
ASN CA  CB   sing N N 43  
ASN CA  HA   sing N N 44  
ASN C   O    doub N N 45  
ASN C   OXT  sing N N 46  
ASN CB  CG   sing N N 47  
ASN CB  HB2  sing N N 48  
ASN CB  HB3  sing N N 49  
ASN CG  OD1  doub N N 50  
ASN CG  ND2  sing N N 51  
ASN ND2 HD21 sing N N 52  
ASN ND2 HD22 sing N N 53  
ASN OXT HXT  sing N N 54  
ASP N   CA   sing N N 55  
ASP N   H    sing N N 56  
ASP N   H2   sing N N 57  
ASP CA  C    sing N N 58  
ASP CA  CB   sing N N 59  
ASP CA  HA   sing N N 60  
ASP C   O    doub N N 61  
ASP C   OXT  sing N N 62  
ASP CB  CG   sing N N 63  
ASP CB  HB2  sing N N 64  
ASP CB  HB3  sing N N 65  
ASP CG  OD1  doub N N 66  
ASP CG  OD2  sing N N 67  
ASP OD2 HD2  sing N N 68  
ASP OXT HXT  sing N N 69  
CYS N   CA   sing N N 70  
CYS N   H    sing N N 71  
CYS N   H2   sing N N 72  
CYS CA  C    sing N N 73  
CYS CA  CB   sing N N 74  
CYS CA  HA   sing N N 75  
CYS C   O    doub N N 76  
CYS C   OXT  sing N N 77  
CYS CB  SG   sing N N 78  
CYS CB  HB2  sing N N 79  
CYS CB  HB3  sing N N 80  
CYS SG  HG   sing N N 81  
CYS OXT HXT  sing N N 82  
EDO C1  O1   sing N N 83  
EDO C1  C2   sing N N 84  
EDO C1  H11  sing N N 85  
EDO C1  H12  sing N N 86  
EDO O1  HO1  sing N N 87  
EDO C2  O2   sing N N 88  
EDO C2  H21  sing N N 89  
EDO C2  H22  sing N N 90  
EDO O2  HO2  sing N N 91  
GLN N   CA   sing N N 92  
GLN N   H    sing N N 93  
GLN N   H2   sing N N 94  
GLN CA  C    sing N N 95  
GLN CA  CB   sing N N 96  
GLN CA  HA   sing N N 97  
GLN C   O    doub N N 98  
GLN C   OXT  sing N N 99  
GLN CB  CG   sing N N 100 
GLN CB  HB2  sing N N 101 
GLN CB  HB3  sing N N 102 
GLN CG  CD   sing N N 103 
GLN CG  HG2  sing N N 104 
GLN CG  HG3  sing N N 105 
GLN CD  OE1  doub N N 106 
GLN CD  NE2  sing N N 107 
GLN NE2 HE21 sing N N 108 
GLN NE2 HE22 sing N N 109 
GLN OXT HXT  sing N N 110 
GLU N   CA   sing N N 111 
GLU N   H    sing N N 112 
GLU N   H2   sing N N 113 
GLU CA  C    sing N N 114 
GLU CA  CB   sing N N 115 
GLU CA  HA   sing N N 116 
GLU C   O    doub N N 117 
GLU C   OXT  sing N N 118 
GLU CB  CG   sing N N 119 
GLU CB  HB2  sing N N 120 
GLU CB  HB3  sing N N 121 
GLU CG  CD   sing N N 122 
GLU CG  HG2  sing N N 123 
GLU CG  HG3  sing N N 124 
GLU CD  OE1  doub N N 125 
GLU CD  OE2  sing N N 126 
GLU OE2 HE2  sing N N 127 
GLU OXT HXT  sing N N 128 
GLY N   CA   sing N N 129 
GLY N   H    sing N N 130 
GLY N   H2   sing N N 131 
GLY CA  C    sing N N 132 
GLY CA  HA2  sing N N 133 
GLY CA  HA3  sing N N 134 
GLY C   O    doub N N 135 
GLY C   OXT  sing N N 136 
GLY OXT HXT  sing N N 137 
GOL C1  O1   sing N N 138 
GOL C1  C2   sing N N 139 
GOL C1  H11  sing N N 140 
GOL C1  H12  sing N N 141 
GOL O1  HO1  sing N N 142 
GOL C2  O2   sing N N 143 
GOL C2  C3   sing N N 144 
GOL C2  H2   sing N N 145 
GOL O2  HO2  sing N N 146 
GOL C3  O3   sing N N 147 
GOL C3  H31  sing N N 148 
GOL C3  H32  sing N N 149 
GOL O3  HO3  sing N N 150 
HIS N   CA   sing N N 151 
HIS N   H    sing N N 152 
HIS N   H2   sing N N 153 
HIS CA  C    sing N N 154 
HIS CA  CB   sing N N 155 
HIS CA  HA   sing N N 156 
HIS C   O    doub N N 157 
HIS C   OXT  sing N N 158 
HIS CB  CG   sing N N 159 
HIS CB  HB2  sing N N 160 
HIS CB  HB3  sing N N 161 
HIS CG  ND1  sing Y N 162 
HIS CG  CD2  doub Y N 163 
HIS ND1 CE1  doub Y N 164 
HIS ND1 HD1  sing N N 165 
HIS CD2 NE2  sing Y N 166 
HIS CD2 HD2  sing N N 167 
HIS CE1 NE2  sing Y N 168 
HIS CE1 HE1  sing N N 169 
HIS NE2 HE2  sing N N 170 
HIS OXT HXT  sing N N 171 
HOH O   H1   sing N N 172 
HOH O   H2   sing N N 173 
ILE N   CA   sing N N 174 
ILE N   H    sing N N 175 
ILE N   H2   sing N N 176 
ILE CA  C    sing N N 177 
ILE CA  CB   sing N N 178 
ILE CA  HA   sing N N 179 
ILE C   O    doub N N 180 
ILE C   OXT  sing N N 181 
ILE CB  CG1  sing N N 182 
ILE CB  CG2  sing N N 183 
ILE CB  HB   sing N N 184 
ILE CG1 CD1  sing N N 185 
ILE CG1 HG12 sing N N 186 
ILE CG1 HG13 sing N N 187 
ILE CG2 HG21 sing N N 188 
ILE CG2 HG22 sing N N 189 
ILE CG2 HG23 sing N N 190 
ILE CD1 HD11 sing N N 191 
ILE CD1 HD12 sing N N 192 
ILE CD1 HD13 sing N N 193 
ILE OXT HXT  sing N N 194 
IMD N1  C2   sing Y N 195 
IMD N1  C5   sing Y N 196 
IMD N1  HN1  sing N N 197 
IMD C2  N3   doub Y N 198 
IMD C2  H2   sing N N 199 
IMD N3  C4   sing Y N 200 
IMD N3  HN3  sing N N 201 
IMD C4  C5   doub Y N 202 
IMD C4  H4   sing N N 203 
IMD C5  H5   sing N N 204 
LEU N   CA   sing N N 205 
LEU N   H    sing N N 206 
LEU N   H2   sing N N 207 
LEU CA  C    sing N N 208 
LEU CA  CB   sing N N 209 
LEU CA  HA   sing N N 210 
LEU C   O    doub N N 211 
LEU C   OXT  sing N N 212 
LEU CB  CG   sing N N 213 
LEU CB  HB2  sing N N 214 
LEU CB  HB3  sing N N 215 
LEU CG  CD1  sing N N 216 
LEU CG  CD2  sing N N 217 
LEU CG  HG   sing N N 218 
LEU CD1 HD11 sing N N 219 
LEU CD1 HD12 sing N N 220 
LEU CD1 HD13 sing N N 221 
LEU CD2 HD21 sing N N 222 
LEU CD2 HD22 sing N N 223 
LEU CD2 HD23 sing N N 224 
LEU OXT HXT  sing N N 225 
LYS N   CA   sing N N 226 
LYS N   H    sing N N 227 
LYS N   H2   sing N N 228 
LYS CA  C    sing N N 229 
LYS CA  CB   sing N N 230 
LYS CA  HA   sing N N 231 
LYS C   O    doub N N 232 
LYS C   OXT  sing N N 233 
LYS CB  CG   sing N N 234 
LYS CB  HB2  sing N N 235 
LYS CB  HB3  sing N N 236 
LYS CG  CD   sing N N 237 
LYS CG  HG2  sing N N 238 
LYS CG  HG3  sing N N 239 
LYS CD  CE   sing N N 240 
LYS CD  HD2  sing N N 241 
LYS CD  HD3  sing N N 242 
LYS CE  NZ   sing N N 243 
LYS CE  HE2  sing N N 244 
LYS CE  HE3  sing N N 245 
LYS NZ  HZ1  sing N N 246 
LYS NZ  HZ2  sing N N 247 
LYS NZ  HZ3  sing N N 248 
LYS OXT HXT  sing N N 249 
MET N   CA   sing N N 250 
MET N   H    sing N N 251 
MET N   H2   sing N N 252 
MET CA  C    sing N N 253 
MET CA  CB   sing N N 254 
MET CA  HA   sing N N 255 
MET C   O    doub N N 256 
MET C   OXT  sing N N 257 
MET CB  CG   sing N N 258 
MET CB  HB2  sing N N 259 
MET CB  HB3  sing N N 260 
MET CG  SD   sing N N 261 
MET CG  HG2  sing N N 262 
MET CG  HG3  sing N N 263 
MET SD  CE   sing N N 264 
MET CE  HE1  sing N N 265 
MET CE  HE2  sing N N 266 
MET CE  HE3  sing N N 267 
MET OXT HXT  sing N N 268 
PHE N   CA   sing N N 269 
PHE N   H    sing N N 270 
PHE N   H2   sing N N 271 
PHE CA  C    sing N N 272 
PHE CA  CB   sing N N 273 
PHE CA  HA   sing N N 274 
PHE C   O    doub N N 275 
PHE C   OXT  sing N N 276 
PHE CB  CG   sing N N 277 
PHE CB  HB2  sing N N 278 
PHE CB  HB3  sing N N 279 
PHE CG  CD1  doub Y N 280 
PHE CG  CD2  sing Y N 281 
PHE CD1 CE1  sing Y N 282 
PHE CD1 HD1  sing N N 283 
PHE CD2 CE2  doub Y N 284 
PHE CD2 HD2  sing N N 285 
PHE CE1 CZ   doub Y N 286 
PHE CE1 HE1  sing N N 287 
PHE CE2 CZ   sing Y N 288 
PHE CE2 HE2  sing N N 289 
PHE CZ  HZ   sing N N 290 
PHE OXT HXT  sing N N 291 
PO4 P   O1   doub N N 292 
PO4 P   O2   sing N N 293 
PO4 P   O3   sing N N 294 
PO4 P   O4   sing N N 295 
PRO N   CA   sing N N 296 
PRO N   CD   sing N N 297 
PRO N   H    sing N N 298 
PRO CA  C    sing N N 299 
PRO CA  CB   sing N N 300 
PRO CA  HA   sing N N 301 
PRO C   O    doub N N 302 
PRO C   OXT  sing N N 303 
PRO CB  CG   sing N N 304 
PRO CB  HB2  sing N N 305 
PRO CB  HB3  sing N N 306 
PRO CG  CD   sing N N 307 
PRO CG  HG2  sing N N 308 
PRO CG  HG3  sing N N 309 
PRO CD  HD2  sing N N 310 
PRO CD  HD3  sing N N 311 
PRO OXT HXT  sing N N 312 
SER N   CA   sing N N 313 
SER N   H    sing N N 314 
SER N   H2   sing N N 315 
SER CA  C    sing N N 316 
SER CA  CB   sing N N 317 
SER CA  HA   sing N N 318 
SER C   O    doub N N 319 
SER C   OXT  sing N N 320 
SER CB  OG   sing N N 321 
SER CB  HB2  sing N N 322 
SER CB  HB3  sing N N 323 
SER OG  HG   sing N N 324 
SER OXT HXT  sing N N 325 
THR N   CA   sing N N 326 
THR N   H    sing N N 327 
THR N   H2   sing N N 328 
THR CA  C    sing N N 329 
THR CA  CB   sing N N 330 
THR CA  HA   sing N N 331 
THR C   O    doub N N 332 
THR C   OXT  sing N N 333 
THR CB  OG1  sing N N 334 
THR CB  CG2  sing N N 335 
THR CB  HB   sing N N 336 
THR OG1 HG1  sing N N 337 
THR CG2 HG21 sing N N 338 
THR CG2 HG22 sing N N 339 
THR CG2 HG23 sing N N 340 
THR OXT HXT  sing N N 341 
TRP N   CA   sing N N 342 
TRP N   H    sing N N 343 
TRP N   H2   sing N N 344 
TRP CA  C    sing N N 345 
TRP CA  CB   sing N N 346 
TRP CA  HA   sing N N 347 
TRP C   O    doub N N 348 
TRP C   OXT  sing N N 349 
TRP CB  CG   sing N N 350 
TRP CB  HB2  sing N N 351 
TRP CB  HB3  sing N N 352 
TRP CG  CD1  doub Y N 353 
TRP CG  CD2  sing Y N 354 
TRP CD1 NE1  sing Y N 355 
TRP CD1 HD1  sing N N 356 
TRP CD2 CE2  doub Y N 357 
TRP CD2 CE3  sing Y N 358 
TRP NE1 CE2  sing Y N 359 
TRP NE1 HE1  sing N N 360 
TRP CE2 CZ2  sing Y N 361 
TRP CE3 CZ3  doub Y N 362 
TRP CE3 HE3  sing N N 363 
TRP CZ2 CH2  doub Y N 364 
TRP CZ2 HZ2  sing N N 365 
TRP CZ3 CH2  sing Y N 366 
TRP CZ3 HZ3  sing N N 367 
TRP CH2 HH2  sing N N 368 
TRP OXT HXT  sing N N 369 
TYR N   CA   sing N N 370 
TYR N   H    sing N N 371 
TYR N   H2   sing N N 372 
TYR CA  C    sing N N 373 
TYR CA  CB   sing N N 374 
TYR CA  HA   sing N N 375 
TYR C   O    doub N N 376 
TYR C   OXT  sing N N 377 
TYR CB  CG   sing N N 378 
TYR CB  HB2  sing N N 379 
TYR CB  HB3  sing N N 380 
TYR CG  CD1  doub Y N 381 
TYR CG  CD2  sing Y N 382 
TYR CD1 CE1  sing Y N 383 
TYR CD1 HD1  sing N N 384 
TYR CD2 CE2  doub Y N 385 
TYR CD2 HD2  sing N N 386 
TYR CE1 CZ   doub Y N 387 
TYR CE1 HE1  sing N N 388 
TYR CE2 CZ   sing Y N 389 
TYR CE2 HE2  sing N N 390 
TYR CZ  OH   sing N N 391 
TYR OH  HH   sing N N 392 
TYR OXT HXT  sing N N 393 
VAL N   CA   sing N N 394 
VAL N   H    sing N N 395 
VAL N   H2   sing N N 396 
VAL CA  C    sing N N 397 
VAL CA  CB   sing N N 398 
VAL CA  HA   sing N N 399 
VAL C   O    doub N N 400 
VAL C   OXT  sing N N 401 
VAL CB  CG1  sing N N 402 
VAL CB  CG2  sing N N 403 
VAL CB  HB   sing N N 404 
VAL CG1 HG11 sing N N 405 
VAL CG1 HG12 sing N N 406 
VAL CG1 HG13 sing N N 407 
VAL CG2 HG21 sing N N 408 
VAL CG2 HG22 sing N N 409 
VAL CG2 HG23 sing N N 410 
VAL OXT HXT  sing N N 411 
# 
loop_
_pdbx_entity_nonpoly.entity_id 
_pdbx_entity_nonpoly.name 
_pdbx_entity_nonpoly.comp_id 
2 GLYCEROL        GOL 
3 'PHOSPHATE ION' PO4 
4 IMIDAZOLE       IMD 
5 1,2-ETHANEDIOL  EDO 
6 water           HOH 
# 
_pdbx_initial_refinement_model.id               1 
_pdbx_initial_refinement_model.entity_id_list   ? 
_pdbx_initial_refinement_model.type             'experimental model' 
_pdbx_initial_refinement_model.source_name      PDB 
_pdbx_initial_refinement_model.accession_code   5ITS 
_pdbx_initial_refinement_model.details          ? 
# 
_pdbx_struct_assembly_auth_evidence.id                     1 
_pdbx_struct_assembly_auth_evidence.assembly_id            1 
_pdbx_struct_assembly_auth_evidence.experimental_support   'gel filtration' 
_pdbx_struct_assembly_auth_evidence.details                ? 
# 
